data_9DYK
#
_entry.id   9DYK
#
_cell.length_a   1.00
_cell.length_b   1.00
_cell.length_c   1.00
_cell.angle_alpha   90.00
_cell.angle_beta   90.00
_cell.angle_gamma   90.00
#
_symmetry.space_group_name_H-M   'P 1'
#
loop_
_entity.id
_entity.type
_entity.pdbx_description
1 polymer Bestrophin-2
2 non-polymer 'CALCIUM ION'
3 non-polymer 'CHLORIDE ION'
#
_entity_poly.entity_id   1
_entity_poly.type   'polypeptide(L)'
_entity_poly.pdbx_seq_one_letter_code
;MTVTYTARVANARFGGFSQLLLLWRGSIYKLLWRELLCFLGFYMALSAAYRFVLTEGQKRYFEKLVIYCDQYASLIPVSF
VLGFYVTLVVNRWWSQYLCMPLPDALMCVVAGTVHGRDDRGRLYRRTLMRYAGLSAVLILRSVSTAVFKRFPTIDHVVEA
GFMTREERKKFENLNSSYNKYWVPCVWFSNLAAQARREGRIRDNSALKLLLEELNVFRGKCGMLFHYDWISVPLVYTQVV
TIALYSYFLACLIGRQFLDPAQGYKDHDLDLCVPIFTLLQFFFYAGWLKVAEQLINPFGEDDDDFETNFLIDRNFQVSML
AVDEMYDDLAVLEKDLYWDAAEARAPYTAATVFQLRQPSFQGSTFDITLAKEDMQFQRLDGLDGPMGEAPGDFLQRLLPA
GAGMVA
;
_entity_poly.pdbx_strand_id   D,E,C,A,B
#
loop_
_chem_comp.id
_chem_comp.type
_chem_comp.name
_chem_comp.formula
CA non-polymer 'CALCIUM ION' 'Ca 2'
CL non-polymer 'CHLORIDE ION' 'Cl -1'
#
# COMPACT_ATOMS: atom_id res chain seq x y z
N THR A 2 22.44 -11.91 -2.29
CA THR A 2 21.36 -11.99 -3.26
C THR A 2 21.51 -13.22 -4.17
N VAL A 3 20.52 -14.09 -4.15
CA VAL A 3 20.47 -15.26 -5.01
C VAL A 3 19.48 -14.96 -6.12
N THR A 4 19.96 -14.84 -7.35
CA THR A 4 19.13 -14.47 -8.48
C THR A 4 18.79 -15.72 -9.29
N TYR A 5 17.49 -15.97 -9.47
CA TYR A 5 17.01 -17.06 -10.31
C TYR A 5 15.95 -16.58 -11.30
N THR A 6 16.01 -15.30 -11.69
CA THR A 6 15.02 -14.73 -12.59
C THR A 6 15.02 -15.43 -13.94
N ALA A 7 16.22 -15.72 -14.47
CA ALA A 7 16.31 -16.41 -15.75
C ALA A 7 15.69 -17.80 -15.70
N ARG A 8 15.85 -18.49 -14.57
CA ARG A 8 15.26 -19.82 -14.41
C ARG A 8 13.74 -19.81 -14.40
N VAL A 9 13.13 -18.66 -14.09
CA VAL A 9 11.68 -18.58 -13.98
C VAL A 9 11.15 -17.55 -14.97
N ALA A 10 11.93 -17.27 -16.01
CA ALA A 10 11.46 -16.41 -17.10
C ALA A 10 10.12 -16.89 -17.65
N ASN A 11 9.99 -18.19 -17.89
CA ASN A 11 8.76 -18.77 -18.40
C ASN A 11 8.18 -19.77 -17.42
N ALA A 12 6.86 -19.87 -17.39
CA ALA A 12 6.18 -20.90 -16.61
C ALA A 12 6.25 -22.21 -17.37
N ARG A 13 7.13 -23.10 -16.96
CA ARG A 13 7.41 -24.34 -17.65
C ARG A 13 6.89 -25.52 -16.84
N PHE A 14 6.90 -26.70 -17.47
CA PHE A 14 6.48 -27.91 -16.78
C PHE A 14 7.38 -28.20 -15.58
N GLY A 15 8.68 -28.03 -15.75
CA GLY A 15 9.58 -28.14 -14.61
C GLY A 15 9.27 -27.12 -13.54
N GLY A 16 9.12 -25.86 -13.94
CA GLY A 16 8.64 -24.81 -13.05
C GLY A 16 9.51 -24.56 -11.83
N PHE A 17 8.89 -24.67 -10.65
CA PHE A 17 9.60 -24.47 -9.40
C PHE A 17 10.25 -25.76 -8.89
N SER A 18 9.97 -26.89 -9.53
CA SER A 18 10.61 -28.14 -9.14
C SER A 18 12.12 -28.07 -9.34
N GLN A 19 12.56 -27.45 -10.44
CA GLN A 19 14.00 -27.26 -10.64
C GLN A 19 14.58 -26.32 -9.59
N LEU A 20 13.83 -25.29 -9.19
CA LEU A 20 14.27 -24.44 -8.09
C LEU A 20 14.42 -25.22 -6.80
N LEU A 21 13.64 -26.29 -6.65
CA LEU A 21 13.79 -27.16 -5.47
C LEU A 21 15.14 -27.85 -5.43
N LEU A 22 15.90 -27.85 -6.52
CA LEU A 22 17.23 -28.46 -6.57
C LEU A 22 18.35 -27.48 -6.27
N LEU A 23 18.03 -26.26 -5.85
CA LEU A 23 19.04 -25.25 -5.56
C LEU A 23 19.47 -25.31 -4.11
N TRP A 24 20.73 -24.97 -3.85
CA TRP A 24 21.31 -25.06 -2.51
C TRP A 24 21.63 -23.69 -1.92
N ARG A 25 22.22 -22.79 -2.70
CA ARG A 25 22.59 -21.48 -2.16
C ARG A 25 21.34 -20.65 -1.90
N GLY A 26 21.24 -20.10 -0.70
CA GLY A 26 20.06 -19.36 -0.31
C GLY A 26 18.80 -20.19 -0.22
N SER A 27 18.94 -21.48 0.07
CA SER A 27 17.81 -22.40 0.00
C SER A 27 17.28 -22.76 1.38
N ILE A 28 16.06 -23.32 1.37
CA ILE A 28 15.44 -23.76 2.62
C ILE A 28 16.25 -24.88 3.26
N TYR A 29 16.83 -25.76 2.44
CA TYR A 29 17.66 -26.83 2.99
C TYR A 29 18.85 -26.27 3.76
N LYS A 30 19.56 -25.32 3.14
CA LYS A 30 20.71 -24.71 3.80
C LYS A 30 20.30 -23.96 5.05
N LEU A 31 19.14 -23.29 5.01
CA LEU A 31 18.70 -22.55 6.18
C LEU A 31 18.15 -23.42 7.29
N LEU A 32 17.70 -24.65 6.99
CA LEU A 32 16.86 -25.39 7.91
C LEU A 32 17.32 -26.81 8.24
N TRP A 33 18.43 -27.29 7.66
CA TRP A 33 18.78 -28.70 7.88
C TRP A 33 19.18 -28.97 9.32
N ARG A 34 19.81 -28.00 9.98
CA ARG A 34 20.17 -28.19 11.39
C ARG A 34 18.93 -28.32 12.27
N GLU A 35 17.95 -27.42 12.07
CA GLU A 35 16.72 -27.49 12.84
C GLU A 35 15.95 -28.77 12.54
N LEU A 36 15.93 -29.19 11.28
CA LEU A 36 15.27 -30.44 10.92
C LEU A 36 15.94 -31.62 11.60
N LEU A 37 17.27 -31.63 11.63
CA LEU A 37 18.01 -32.68 12.31
C LEU A 37 17.70 -32.71 13.79
N CYS A 38 17.62 -31.54 14.43
CA CYS A 38 17.31 -31.50 15.86
C CYS A 38 15.90 -32.00 16.14
N PHE A 39 14.93 -31.57 15.32
CA PHE A 39 13.55 -32.04 15.50
C PHE A 39 13.47 -33.55 15.32
N LEU A 40 14.13 -34.08 14.28
CA LEU A 40 14.12 -35.52 14.06
C LEU A 40 14.81 -36.25 15.20
N GLY A 41 15.88 -35.67 15.75
CA GLY A 41 16.56 -36.29 16.88
C GLY A 41 15.68 -36.38 18.11
N PHE A 42 14.98 -35.28 18.43
CA PHE A 42 14.05 -35.31 19.56
C PHE A 42 12.94 -36.34 19.34
N TYR A 43 12.38 -36.37 18.13
CA TYR A 43 11.30 -37.30 17.84
C TYR A 43 11.79 -38.74 17.96
N MET A 44 12.98 -39.03 17.42
CA MET A 44 13.50 -40.38 17.48
C MET A 44 13.91 -40.78 18.88
N ALA A 45 14.38 -39.84 19.70
CA ALA A 45 14.68 -40.15 21.08
C ALA A 45 13.41 -40.52 21.84
N LEU A 46 12.34 -39.74 21.64
CA LEU A 46 11.06 -40.10 22.26
C LEU A 46 10.56 -41.44 21.78
N SER A 47 10.65 -41.70 20.47
CA SER A 47 10.18 -42.96 19.92
C SER A 47 10.97 -44.14 20.47
N ALA A 48 12.30 -44.00 20.54
CA ALA A 48 13.13 -45.06 21.07
C ALA A 48 12.83 -45.32 22.55
N ALA A 49 12.63 -44.26 23.33
CA ALA A 49 12.27 -44.45 24.73
C ALA A 49 10.95 -45.19 24.85
N TYR A 50 9.94 -44.79 24.06
CA TYR A 50 8.65 -45.46 24.12
C TYR A 50 8.75 -46.91 23.69
N ARG A 51 9.55 -47.21 22.67
CA ARG A 51 9.62 -48.56 22.14
C ARG A 51 10.43 -49.51 23.03
N PHE A 52 11.50 -49.01 23.66
CA PHE A 52 12.47 -49.91 24.28
C PHE A 52 12.67 -49.70 25.77
N VAL A 53 12.34 -48.53 26.32
CA VAL A 53 12.68 -48.19 27.70
C VAL A 53 11.46 -48.27 28.61
N LEU A 54 10.33 -47.73 28.17
CA LEU A 54 9.16 -47.63 29.04
C LEU A 54 8.60 -49.01 29.37
N THR A 55 8.06 -49.14 30.57
CA THR A 55 7.33 -50.33 30.98
C THR A 55 5.94 -50.31 30.36
N GLU A 56 5.12 -51.30 30.70
CA GLU A 56 3.78 -51.37 30.10
C GLU A 56 2.90 -50.23 30.59
N GLY A 57 2.89 -49.97 31.90
CA GLY A 57 2.09 -48.87 32.42
C GLY A 57 2.59 -47.53 31.94
N GLN A 58 3.92 -47.37 31.87
CA GLN A 58 4.49 -46.14 31.34
C GLN A 58 4.12 -45.94 29.88
N LYS A 59 4.09 -47.04 29.10
CA LYS A 59 3.67 -46.94 27.70
C LYS A 59 2.20 -46.56 27.60
N ARG A 60 1.35 -47.09 28.48
CA ARG A 60 -0.05 -46.70 28.46
C ARG A 60 -0.22 -45.22 28.77
N TYR A 61 0.50 -44.73 29.79
CA TYR A 61 0.45 -43.30 30.11
C TYR A 61 0.98 -42.46 28.95
N PHE A 62 2.06 -42.93 28.31
CA PHE A 62 2.62 -42.22 27.17
C PHE A 62 1.65 -42.15 26.01
N GLU A 63 0.92 -43.24 25.75
CA GLU A 63 -0.08 -43.24 24.70
C GLU A 63 -1.22 -42.27 25.02
N LYS A 64 -1.67 -42.24 26.28
CA LYS A 64 -2.67 -41.26 26.67
C LYS A 64 -2.17 -39.84 26.45
N LEU A 65 -0.92 -39.57 26.84
CA LEU A 65 -0.34 -38.25 26.65
C LEU A 65 -0.24 -37.87 25.18
N VAL A 66 0.16 -38.83 24.34
CA VAL A 66 0.28 -38.57 22.91
C VAL A 66 -1.09 -38.23 22.31
N ILE A 67 -2.10 -39.02 22.68
CA ILE A 67 -3.45 -38.76 22.18
C ILE A 67 -3.93 -37.39 22.62
N TYR A 68 -3.69 -37.03 23.88
CA TYR A 68 -4.10 -35.72 24.37
C TYR A 68 -3.37 -34.60 23.62
N CYS A 69 -2.06 -34.74 23.43
CA CYS A 69 -1.28 -33.67 22.84
C CYS A 69 -1.53 -33.53 21.35
N ASP A 70 -1.98 -34.59 20.68
CA ASP A 70 -2.31 -34.48 19.26
C ASP A 70 -3.50 -33.57 19.02
N GLN A 71 -4.31 -33.32 20.05
CA GLN A 71 -5.47 -32.43 19.89
C GLN A 71 -5.06 -30.97 19.78
N TYR A 72 -3.90 -30.62 20.33
CA TYR A 72 -3.43 -29.24 20.37
C TYR A 72 -2.47 -28.91 19.25
N ALA A 73 -2.28 -29.81 18.29
CA ALA A 73 -1.48 -29.51 17.09
C ALA A 73 -2.31 -28.66 16.13
N SER A 74 -2.71 -27.49 16.62
CA SER A 74 -3.56 -26.57 15.86
C SER A 74 -2.68 -25.76 14.92
N LEU A 75 -2.81 -26.03 13.62
CA LEU A 75 -1.96 -25.40 12.61
C LEU A 75 -2.55 -24.12 12.04
N ILE A 76 -3.87 -23.93 12.19
CA ILE A 76 -4.52 -22.76 11.58
C ILE A 76 -4.03 -21.44 12.18
N PRO A 77 -3.97 -21.27 13.51
CA PRO A 77 -3.43 -20.00 14.04
C PRO A 77 -1.98 -19.77 13.65
N VAL A 78 -1.19 -20.85 13.61
CA VAL A 78 0.20 -20.72 13.19
C VAL A 78 0.26 -20.22 11.76
N SER A 79 -0.59 -20.75 10.88
CA SER A 79 -0.63 -20.27 9.50
C SER A 79 -1.03 -18.81 9.45
N PHE A 80 -2.05 -18.40 10.22
CA PHE A 80 -2.46 -17.00 10.27
C PHE A 80 -1.28 -16.10 10.63
N VAL A 81 -0.68 -16.35 11.79
CA VAL A 81 0.32 -15.44 12.33
C VAL A 81 1.57 -15.45 11.46
N LEU A 82 1.93 -16.62 10.92
CA LEU A 82 3.07 -16.70 10.02
C LEU A 82 2.83 -15.89 8.75
N GLY A 83 1.63 -16.02 8.17
CA GLY A 83 1.33 -15.29 6.97
C GLY A 83 1.43 -13.80 7.18
N PHE A 84 0.78 -13.30 8.23
CA PHE A 84 0.80 -11.87 8.48
C PHE A 84 2.20 -11.36 8.78
N TYR A 85 2.92 -12.05 9.68
CA TYR A 85 4.23 -11.59 10.10
C TYR A 85 5.24 -11.65 8.95
N VAL A 86 5.23 -12.74 8.18
CA VAL A 86 6.16 -12.88 7.07
C VAL A 86 5.83 -11.88 5.96
N THR A 87 4.55 -11.62 5.71
CA THR A 87 4.20 -10.61 4.72
C THR A 87 4.73 -9.24 5.14
N LEU A 88 4.58 -8.90 6.41
CA LEU A 88 5.11 -7.62 6.89
C LEU A 88 6.63 -7.57 6.75
N VAL A 89 7.30 -8.67 7.11
CA VAL A 89 8.76 -8.70 7.01
C VAL A 89 9.21 -8.55 5.55
N VAL A 90 8.53 -9.22 4.62
CA VAL A 90 8.91 -9.14 3.22
C VAL A 90 8.68 -7.74 2.66
N ASN A 91 7.56 -7.12 3.01
CA ASN A 91 7.32 -5.75 2.57
C ASN A 91 8.38 -4.80 3.12
N ARG A 92 8.73 -4.96 4.40
CA ARG A 92 9.78 -4.13 5.00
C ARG A 92 11.11 -4.38 4.32
N TRP A 93 11.38 -5.63 3.93
CA TRP A 93 12.63 -5.98 3.26
C TRP A 93 12.73 -5.28 1.90
N TRP A 94 11.65 -5.31 1.13
CA TRP A 94 11.68 -4.63 -0.16
C TRP A 94 11.78 -3.11 0.00
N SER A 95 11.11 -2.57 1.02
CA SER A 95 11.24 -1.14 1.29
C SER A 95 12.67 -0.78 1.67
N GLN A 96 13.32 -1.63 2.46
CA GLN A 96 14.72 -1.40 2.81
C GLN A 96 15.61 -1.41 1.58
N TYR A 97 15.36 -2.35 0.67
CA TYR A 97 16.13 -2.32 -0.58
C TYR A 97 15.89 -1.03 -1.35
N LEU A 98 14.64 -0.59 -1.42
CA LEU A 98 14.33 0.65 -2.14
C LEU A 98 14.92 1.88 -1.45
N CYS A 99 15.29 1.76 -0.18
CA CYS A 99 15.89 2.87 0.54
C CYS A 99 17.41 2.97 0.38
N MET A 100 18.01 2.09 -0.43
CA MET A 100 19.44 2.16 -0.67
C MET A 100 19.78 3.41 -1.48
N PRO A 101 20.72 4.24 -1.02
CA PRO A 101 21.04 5.47 -1.76
C PRO A 101 21.83 5.15 -3.03
N LEU A 102 21.33 5.67 -4.16
CA LEU A 102 21.95 5.48 -5.46
C LEU A 102 22.41 6.82 -6.02
N PRO A 103 23.61 6.90 -6.59
CA PRO A 103 24.13 8.16 -7.10
C PRO A 103 23.77 8.49 -8.55
N ASP A 104 22.85 7.74 -9.17
CA ASP A 104 22.62 7.92 -10.60
C ASP A 104 21.97 9.27 -10.92
N ALA A 105 20.94 9.63 -10.14
CA ALA A 105 20.28 10.91 -10.37
C ALA A 105 21.25 12.07 -10.12
N LEU A 106 22.00 11.99 -9.02
CA LEU A 106 22.97 13.03 -8.71
C LEU A 106 24.05 13.12 -9.79
N MET A 107 24.51 11.99 -10.31
CA MET A 107 25.57 12.01 -11.30
C MET A 107 25.07 12.59 -12.62
N CYS A 108 23.82 12.30 -12.99
CA CYS A 108 23.25 12.93 -14.18
C CYS A 108 23.14 14.43 -14.00
N VAL A 109 22.65 14.87 -12.84
CA VAL A 109 22.51 16.30 -12.58
C VAL A 109 23.87 16.99 -12.58
N VAL A 110 24.87 16.35 -11.95
CA VAL A 110 26.20 16.95 -11.89
C VAL A 110 26.83 17.04 -13.26
N ALA A 111 26.72 15.97 -14.06
CA ALA A 111 27.27 16.01 -15.42
C ALA A 111 26.58 17.06 -16.27
N GLY A 112 25.29 17.32 -16.00
CA GLY A 112 24.60 18.34 -16.77
C GLY A 112 24.69 19.76 -16.26
N THR A 113 25.09 19.97 -15.00
CA THR A 113 25.04 21.30 -14.39
C THR A 113 26.36 21.82 -13.85
N VAL A 114 27.34 20.98 -13.56
CA VAL A 114 28.63 21.43 -13.03
C VAL A 114 29.62 21.39 -14.18
N HIS A 115 30.09 22.56 -14.61
CA HIS A 115 30.75 22.71 -15.89
C HIS A 115 32.22 23.06 -15.74
N GLY A 116 32.96 22.87 -16.83
CA GLY A 116 34.38 23.09 -16.86
C GLY A 116 35.16 21.83 -17.20
N ARG A 117 35.79 21.83 -18.37
CA ARG A 117 36.63 20.70 -18.77
C ARG A 117 37.99 20.72 -18.08
N ASP A 118 38.32 21.79 -17.35
CA ASP A 118 39.61 21.92 -16.72
C ASP A 118 39.66 21.13 -15.41
N ASP A 119 40.83 21.18 -14.78
CA ASP A 119 41.04 20.43 -13.54
C ASP A 119 40.13 20.89 -12.43
N ARG A 120 39.76 22.17 -12.40
CA ARG A 120 38.88 22.65 -11.34
C ARG A 120 37.46 22.11 -11.51
N GLY A 121 36.95 22.07 -12.75
CA GLY A 121 35.65 21.47 -12.98
C GLY A 121 35.65 19.98 -12.69
N ARG A 122 36.72 19.30 -13.09
CA ARG A 122 36.86 17.89 -12.73
C ARG A 122 36.85 17.70 -11.22
N LEU A 123 37.58 18.56 -10.50
CA LEU A 123 37.61 18.47 -9.04
C LEU A 123 36.23 18.66 -8.44
N TYR A 124 35.49 19.67 -8.94
CA TYR A 124 34.16 19.92 -8.42
C TYR A 124 33.25 18.72 -8.60
N ARG A 125 33.18 18.20 -9.84
CA ARG A 125 32.28 17.08 -10.11
C ARG A 125 32.68 15.84 -9.31
N ARG A 126 33.97 15.51 -9.31
CA ARG A 126 34.43 14.32 -8.61
C ARG A 126 34.23 14.45 -7.11
N THR A 127 34.43 15.65 -6.55
CA THR A 127 34.27 15.84 -5.11
C THR A 127 32.82 15.75 -4.71
N LEU A 128 31.90 16.28 -5.52
CA LEU A 128 30.48 16.14 -5.21
C LEU A 128 30.05 14.67 -5.23
N MET A 129 30.47 13.94 -6.27
CA MET A 129 30.10 12.52 -6.33
C MET A 129 30.75 11.73 -5.22
N ARG A 130 31.99 12.09 -4.84
CA ARG A 130 32.66 11.39 -3.76
C ARG A 130 32.00 11.70 -2.42
N TYR A 131 31.45 12.91 -2.26
CA TYR A 131 30.70 13.21 -1.05
C TYR A 131 29.46 12.34 -0.95
N ALA A 132 28.73 12.19 -2.06
CA ALA A 132 27.57 11.30 -2.05
C ALA A 132 27.98 9.86 -1.73
N GLY A 133 29.04 9.38 -2.38
CA GLY A 133 29.51 8.04 -2.11
C GLY A 133 29.99 7.85 -0.68
N LEU A 134 30.58 8.89 -0.10
CA LEU A 134 31.05 8.83 1.28
C LEU A 134 29.90 8.76 2.26
N SER A 135 28.84 9.54 2.02
CA SER A 135 27.64 9.40 2.85
C SER A 135 27.07 7.99 2.76
N ALA A 136 27.01 7.44 1.55
CA ALA A 136 26.53 6.08 1.37
C ALA A 136 27.41 5.09 2.13
N VAL A 137 28.73 5.25 2.05
CA VAL A 137 29.66 4.34 2.72
C VAL A 137 29.48 4.43 4.24
N LEU A 138 29.33 5.65 4.77
CA LEU A 138 29.18 5.81 6.20
C LEU A 138 27.91 5.14 6.71
N ILE A 139 26.78 5.39 6.04
CA ILE A 139 25.54 4.78 6.49
C ILE A 139 25.59 3.26 6.32
N LEU A 140 26.24 2.77 5.25
CA LEU A 140 26.28 1.34 5.02
C LEU A 140 27.19 0.64 6.02
N ARG A 141 28.31 1.26 6.40
CA ARG A 141 29.13 0.67 7.45
C ARG A 141 28.46 0.78 8.81
N SER A 142 27.52 1.72 8.96
CA SER A 142 26.74 1.76 10.19
C SER A 142 25.70 0.63 10.24
N VAL A 143 25.09 0.28 9.12
CA VAL A 143 23.93 -0.60 9.14
C VAL A 143 24.19 -2.02 8.64
N SER A 144 25.33 -2.29 7.99
CA SER A 144 25.57 -3.55 7.31
C SER A 144 26.83 -4.20 7.85
N THR A 145 26.72 -5.48 8.23
CA THR A 145 27.86 -6.19 8.82
C THR A 145 28.99 -6.37 7.80
N ALA A 146 28.64 -6.68 6.55
CA ALA A 146 29.67 -6.85 5.53
C ALA A 146 30.43 -5.56 5.28
N VAL A 147 29.70 -4.44 5.18
CA VAL A 147 30.35 -3.16 4.93
C VAL A 147 31.18 -2.74 6.14
N PHE A 148 30.71 -3.04 7.36
CA PHE A 148 31.52 -2.75 8.53
C PHE A 148 32.79 -3.59 8.55
N LYS A 149 32.69 -4.86 8.17
CA LYS A 149 33.89 -5.71 8.10
C LYS A 149 34.87 -5.19 7.07
N ARG A 150 34.36 -4.61 5.97
CA ARG A 150 35.24 -4.02 4.97
C ARG A 150 35.84 -2.70 5.43
N PHE A 151 35.10 -1.91 6.20
CA PHE A 151 35.55 -0.62 6.70
C PHE A 151 35.37 -0.58 8.20
N PRO A 152 36.17 -1.35 8.95
CA PRO A 152 36.02 -1.35 10.41
C PRO A 152 36.34 -0.03 11.06
N THR A 153 37.10 0.85 10.39
CA THR A 153 37.49 2.14 10.97
C THR A 153 37.39 3.23 9.92
N ILE A 154 37.24 4.46 10.43
CA ILE A 154 37.33 5.64 9.57
C ILE A 154 38.70 5.71 8.92
N ASP A 155 39.72 5.13 9.56
CA ASP A 155 41.02 4.99 8.90
C ASP A 155 40.91 4.15 7.64
N HIS A 156 40.16 3.04 7.71
CA HIS A 156 39.92 2.24 6.52
C HIS A 156 39.15 3.02 5.47
N VAL A 157 38.15 3.80 5.90
CA VAL A 157 37.38 4.60 4.96
C VAL A 157 38.29 5.61 4.24
N VAL A 158 39.18 6.26 4.98
CA VAL A 158 40.09 7.24 4.39
C VAL A 158 41.07 6.55 3.44
N GLU A 159 41.64 5.42 3.86
CA GLU A 159 42.64 4.75 3.04
C GLU A 159 42.01 4.13 1.80
N ALA A 160 40.69 3.88 1.83
CA ALA A 160 39.98 3.40 0.65
C ALA A 160 39.76 4.50 -0.38
N GLY A 161 39.96 5.77 -0.02
CA GLY A 161 39.82 6.86 -0.95
C GLY A 161 38.52 7.63 -0.87
N PHE A 162 37.55 7.15 -0.08
CA PHE A 162 36.27 7.86 0.00
C PHE A 162 36.40 9.16 0.78
N MET A 163 37.34 9.21 1.73
CA MET A 163 37.61 10.41 2.51
C MET A 163 39.08 10.76 2.38
N THR A 164 39.37 12.06 2.36
CA THR A 164 40.74 12.53 2.39
C THR A 164 41.18 12.80 3.82
N ARG A 165 42.47 13.10 3.99
CA ARG A 165 42.99 13.32 5.34
C ARG A 165 42.49 14.62 5.95
N GLU A 166 42.41 15.69 5.15
CA GLU A 166 41.87 16.95 5.65
C GLU A 166 40.39 16.81 5.99
N GLU A 167 39.63 16.13 5.11
CA GLU A 167 38.24 15.87 5.40
C GLU A 167 38.08 15.04 6.66
N ARG A 168 38.99 14.08 6.87
CA ARG A 168 38.95 13.29 8.10
C ARG A 168 39.25 14.15 9.32
N LYS A 169 40.19 15.08 9.19
CA LYS A 169 40.47 16.00 10.30
C LYS A 169 39.23 16.79 10.68
N LYS A 170 38.56 17.37 9.69
CA LYS A 170 37.33 18.11 9.98
C LYS A 170 36.25 17.19 10.54
N PHE A 171 36.12 16.00 9.98
CA PHE A 171 35.10 15.03 10.40
C PHE A 171 35.29 14.65 11.86
N GLU A 172 36.54 14.38 12.26
CA GLU A 172 36.82 14.05 13.65
C GLU A 172 36.70 15.27 14.56
N ASN A 173 37.04 16.45 14.06
CA ASN A 173 36.95 17.65 14.90
C ASN A 173 35.51 18.09 15.12
N LEU A 174 34.57 17.62 14.30
CA LEU A 174 33.16 17.88 14.57
C LEU A 174 32.77 17.22 15.90
N ASN A 175 32.09 17.98 16.75
CA ASN A 175 31.75 17.53 18.10
C ASN A 175 30.30 17.06 18.10
N SER A 176 30.10 15.76 17.93
CA SER A 176 28.77 15.17 17.92
C SER A 176 28.84 13.75 18.45
N SER A 177 27.91 13.40 19.33
CA SER A 177 27.80 12.05 19.86
C SER A 177 26.92 11.15 19.02
N TYR A 178 26.46 11.63 17.87
CA TYR A 178 25.57 10.88 16.99
C TYR A 178 26.29 10.52 15.70
N ASN A 179 25.67 9.63 14.92
CA ASN A 179 26.27 9.17 13.68
C ASN A 179 26.39 10.31 12.68
N LYS A 180 27.55 10.41 12.03
CA LYS A 180 27.89 11.55 11.19
C LYS A 180 27.77 11.25 9.70
N TYR A 181 26.81 10.40 9.30
CA TYR A 181 26.67 10.06 7.88
C TYR A 181 26.18 11.25 7.06
N TRP A 182 25.57 12.25 7.70
CA TRP A 182 25.03 13.42 7.03
C TRP A 182 26.10 14.48 6.74
N VAL A 183 27.27 14.36 7.35
CA VAL A 183 28.31 15.36 7.18
C VAL A 183 28.74 15.52 5.72
N PRO A 184 28.99 14.45 4.96
CA PRO A 184 29.29 14.65 3.53
C PRO A 184 28.14 15.26 2.75
N CYS A 185 26.89 15.08 3.18
CA CYS A 185 25.79 15.76 2.51
C CYS A 185 25.82 17.26 2.77
N VAL A 186 26.14 17.66 4.00
CA VAL A 186 26.32 19.10 4.27
C VAL A 186 27.50 19.64 3.48
N TRP A 187 28.58 18.86 3.36
CA TRP A 187 29.70 19.26 2.52
C TRP A 187 29.28 19.42 1.07
N PHE A 188 28.44 18.51 0.57
CA PHE A 188 27.92 18.60 -0.79
C PHE A 188 27.14 19.90 -0.98
N SER A 189 26.28 20.22 -0.01
CA SER A 189 25.50 21.45 -0.12
C SER A 189 26.39 22.69 -0.15
N ASN A 190 27.38 22.74 0.74
CA ASN A 190 28.30 23.88 0.75
C ASN A 190 29.10 23.98 -0.54
N LEU A 191 29.55 22.84 -1.06
CA LEU A 191 30.35 22.84 -2.29
C LEU A 191 29.51 23.25 -3.48
N ALA A 192 28.24 22.82 -3.53
CA ALA A 192 27.35 23.25 -4.60
C ALA A 192 27.11 24.75 -4.53
N ALA A 193 26.93 25.29 -3.32
CA ALA A 193 26.79 26.74 -3.18
C ALA A 193 28.05 27.46 -3.67
N GLN A 194 29.23 26.94 -3.33
CA GLN A 194 30.47 27.54 -3.80
C GLN A 194 30.59 27.48 -5.32
N ALA A 195 30.23 26.35 -5.92
CA ALA A 195 30.31 26.21 -7.37
C ALA A 195 29.34 27.17 -8.07
N ARG A 196 28.14 27.34 -7.52
CA ARG A 196 27.22 28.33 -8.07
C ARG A 196 27.77 29.74 -7.94
N ARG A 197 28.39 30.05 -6.79
CA ARG A 197 28.96 31.37 -6.60
C ARG A 197 30.09 31.64 -7.60
N GLU A 198 30.91 30.62 -7.89
CA GLU A 198 32.00 30.78 -8.83
C GLU A 198 31.56 30.78 -10.28
N GLY A 199 30.30 30.46 -10.56
CA GLY A 199 29.84 30.36 -11.93
C GLY A 199 30.05 29.02 -12.59
N ARG A 200 30.61 28.04 -11.87
CA ARG A 200 30.67 26.68 -12.41
C ARG A 200 29.28 26.12 -12.61
N ILE A 201 28.37 26.37 -11.67
CA ILE A 201 26.95 26.13 -11.87
C ILE A 201 26.35 27.40 -12.46
N ARG A 202 25.76 27.29 -13.64
CA ARG A 202 25.40 28.47 -14.41
C ARG A 202 24.04 29.06 -14.02
N ASP A 203 23.22 28.37 -13.23
CA ASP A 203 21.91 28.92 -12.92
C ASP A 203 21.41 28.44 -11.57
N ASN A 204 20.57 29.30 -10.98
CA ASN A 204 19.96 28.99 -9.69
C ASN A 204 19.03 27.80 -9.79
N SER A 205 18.38 27.61 -10.94
CA SER A 205 17.55 26.43 -11.13
CA SER A 205 17.55 26.43 -11.14
C SER A 205 18.39 25.16 -11.10
N ALA A 206 19.58 25.19 -11.71
CA ALA A 206 20.48 24.05 -11.65
C ALA A 206 20.93 23.78 -10.22
N LEU A 207 21.23 24.85 -9.47
CA LEU A 207 21.60 24.68 -8.07
C LEU A 207 20.46 24.05 -7.28
N LYS A 208 19.22 24.51 -7.53
CA LYS A 208 18.06 23.95 -6.84
C LYS A 208 17.86 22.48 -7.17
N LEU A 209 18.04 22.11 -8.44
CA LEU A 209 17.93 20.70 -8.83
C LEU A 209 18.99 19.86 -8.14
N LEU A 210 20.23 20.37 -8.07
CA LEU A 210 21.29 19.65 -7.37
C LEU A 210 20.94 19.44 -5.91
N LEU A 211 20.44 20.49 -5.25
CA LEU A 211 20.10 20.37 -3.83
C LEU A 211 18.91 19.43 -3.61
N GLU A 212 17.95 19.42 -4.54
CA GLU A 212 16.82 18.49 -4.43
C GLU A 212 17.28 17.05 -4.53
N GLU A 213 18.15 16.75 -5.51
CA GLU A 213 18.65 15.38 -5.63
C GLU A 213 19.51 15.00 -4.43
N LEU A 214 20.29 15.96 -3.91
CA LEU A 214 21.05 15.72 -2.70
C LEU A 214 20.15 15.37 -1.53
N ASN A 215 19.03 16.09 -1.40
CA ASN A 215 18.11 15.81 -0.31
C ASN A 215 17.44 14.46 -0.49
N VAL A 216 17.15 14.04 -1.72
CA VAL A 216 16.61 12.71 -1.94
C VAL A 216 17.62 11.65 -1.49
N PHE A 217 18.89 11.82 -1.88
CA PHE A 217 19.94 10.87 -1.51
C PHE A 217 20.11 10.80 0.01
N ARG A 218 20.15 11.97 0.66
CA ARG A 218 20.31 12.01 2.11
C ARG A 218 19.10 11.41 2.81
N GLY A 219 17.90 11.62 2.26
CA GLY A 219 16.72 11.01 2.83
C GLY A 219 16.75 9.50 2.74
N LYS A 220 17.28 8.96 1.64
CA LYS A 220 17.46 7.51 1.55
C LYS A 220 18.45 7.00 2.57
N CYS A 221 19.55 7.73 2.79
CA CYS A 221 20.51 7.35 3.82
C CYS A 221 19.85 7.34 5.20
N GLY A 222 19.09 8.40 5.51
CA GLY A 222 18.38 8.45 6.78
C GLY A 222 17.35 7.35 6.92
N MET A 223 16.72 6.97 5.80
CA MET A 223 15.77 5.86 5.82
C MET A 223 16.47 4.56 6.17
N LEU A 224 17.67 4.34 5.62
CA LEU A 224 18.44 3.17 6.01
C LEU A 224 18.75 3.19 7.50
N PHE A 225 19.13 4.35 8.03
CA PHE A 225 19.39 4.45 9.47
C PHE A 225 18.15 4.13 10.28
N HIS A 226 17.00 4.64 9.84
CA HIS A 226 15.75 4.41 10.57
C HIS A 226 15.37 2.94 10.56
N TYR A 227 15.55 2.27 9.42
CA TYR A 227 15.26 0.84 9.35
C TYR A 227 16.20 0.04 10.25
N ASP A 228 17.48 0.44 10.29
CA ASP A 228 18.42 -0.23 11.18
C ASP A 228 18.05 -0.03 12.65
N TRP A 229 17.58 1.16 13.00
CA TRP A 229 17.29 1.48 14.40
C TRP A 229 15.97 0.86 14.85
N ILE A 230 14.89 1.14 14.14
CA ILE A 230 13.55 0.68 14.53
C ILE A 230 13.38 -0.73 13.98
N SER A 231 13.64 -1.72 14.83
CA SER A 231 13.46 -3.10 14.42
C SER A 231 11.98 -3.48 14.38
N VAL A 232 11.70 -4.61 13.74
CA VAL A 232 10.37 -5.23 13.82
C VAL A 232 10.11 -5.48 15.29
N PRO A 233 8.90 -5.18 15.80
CA PRO A 233 8.65 -5.34 17.25
C PRO A 233 9.07 -6.69 17.81
N LEU A 234 9.90 -6.63 18.85
CA LEU A 234 10.39 -7.83 19.50
C LEU A 234 9.25 -8.67 20.05
N VAL A 235 8.20 -8.02 20.55
CA VAL A 235 7.05 -8.76 21.04
C VAL A 235 6.39 -9.55 19.92
N TYR A 236 6.27 -8.95 18.73
CA TYR A 236 5.69 -9.65 17.59
C TYR A 236 6.56 -10.83 17.17
N THR A 237 7.88 -10.62 17.10
CA THR A 237 8.78 -11.70 16.73
C THR A 237 8.72 -12.85 17.73
N GLN A 238 8.71 -12.51 19.02
CA GLN A 238 8.62 -13.54 20.05
C GLN A 238 7.28 -14.26 20.00
N VAL A 239 6.21 -13.54 19.68
CA VAL A 239 4.89 -14.17 19.59
C VAL A 239 4.89 -15.22 18.48
N VAL A 240 5.40 -14.86 17.30
CA VAL A 240 5.39 -15.82 16.20
CA VAL A 240 5.41 -15.80 16.19
C VAL A 240 6.31 -17.00 16.51
N THR A 241 7.47 -16.73 17.11
CA THR A 241 8.38 -17.82 17.46
C THR A 241 7.75 -18.76 18.48
N ILE A 242 7.09 -18.21 19.49
CA ILE A 242 6.45 -19.02 20.52
C ILE A 242 5.32 -19.85 19.92
N ALA A 243 4.53 -19.26 19.03
CA ALA A 243 3.47 -20.01 18.39
C ALA A 243 4.03 -21.19 17.59
N LEU A 244 5.06 -20.93 16.79
CA LEU A 244 5.65 -22.00 15.99
C LEU A 244 6.24 -23.10 16.88
N TYR A 245 6.92 -22.70 17.96
CA TYR A 245 7.53 -23.68 18.84
C TYR A 245 6.49 -24.47 19.62
N SER A 246 5.38 -23.83 20.00
CA SER A 246 4.30 -24.56 20.65
C SER A 246 3.69 -25.59 19.71
N TYR A 247 3.47 -25.21 18.46
CA TYR A 247 2.97 -26.18 17.49
C TYR A 247 3.96 -27.33 17.30
N PHE A 248 5.26 -27.01 17.25
CA PHE A 248 6.26 -28.06 17.05
C PHE A 248 6.35 -29.00 18.25
N LEU A 249 6.18 -28.46 19.47
CA LEU A 249 6.14 -29.31 20.65
C LEU A 249 4.91 -30.22 20.63
N ALA A 250 3.75 -29.65 20.27
CA ALA A 250 2.54 -30.44 20.14
C ALA A 250 2.73 -31.57 19.14
N CYS A 251 3.38 -31.28 18.01
CA CYS A 251 3.65 -32.32 17.02
C CYS A 251 4.66 -33.35 17.54
N LEU A 252 5.70 -32.87 18.21
CA LEU A 252 6.74 -33.77 18.72
C LEU A 252 6.14 -34.79 19.68
N ILE A 253 5.14 -34.38 20.46
CA ILE A 253 4.50 -35.33 21.37
C ILE A 253 3.41 -36.14 20.67
N GLY A 254 2.46 -35.48 20.01
CA GLY A 254 1.28 -36.16 19.52
C GLY A 254 1.41 -36.85 18.18
N ARG A 255 2.55 -36.71 17.50
CA ARG A 255 2.78 -37.40 16.25
C ARG A 255 3.60 -38.67 16.43
N GLN A 256 3.84 -39.08 17.67
CA GLN A 256 4.51 -40.35 17.91
C GLN A 256 3.63 -41.50 17.44
N PHE A 257 4.27 -42.53 16.88
CA PHE A 257 3.55 -43.71 16.43
C PHE A 257 3.30 -44.63 17.61
N LEU A 258 2.04 -44.78 17.99
CA LEU A 258 1.67 -45.66 19.09
C LEU A 258 1.52 -47.10 18.59
N ASP A 259 1.58 -48.03 19.52
CA ASP A 259 1.51 -49.45 19.19
C ASP A 259 0.17 -49.76 18.52
N PRO A 260 0.16 -50.31 17.32
CA PRO A 260 -1.12 -50.65 16.67
C PRO A 260 -1.89 -51.73 17.42
N ALA A 261 -1.22 -52.54 18.23
CA ALA A 261 -1.91 -53.60 18.96
C ALA A 261 -2.91 -53.04 19.96
N GLN A 262 -2.67 -51.83 20.46
CA GLN A 262 -3.59 -51.22 21.42
C GLN A 262 -4.89 -50.78 20.76
N GLY A 263 -4.92 -50.69 19.43
CA GLY A 263 -6.16 -50.38 18.72
C GLY A 263 -6.72 -49.00 18.97
N TYR A 264 -5.85 -48.00 19.08
CA TYR A 264 -6.31 -46.63 19.23
C TYR A 264 -6.87 -46.10 17.90
N LYS A 265 -7.86 -45.23 18.00
CA LYS A 265 -8.42 -44.59 16.81
C LYS A 265 -7.35 -43.74 16.13
N ASP A 266 -7.24 -43.88 14.81
CA ASP A 266 -6.26 -43.18 13.99
C ASP A 266 -4.82 -43.58 14.31
N HIS A 267 -4.62 -44.65 15.07
CA HIS A 267 -3.29 -45.19 15.36
C HIS A 267 -3.35 -46.69 15.08
N ASP A 268 -3.11 -47.06 13.82
CA ASP A 268 -3.06 -48.46 13.42
C ASP A 268 -1.92 -48.76 12.46
N LEU A 269 -1.14 -47.75 12.08
CA LEU A 269 0.01 -47.92 11.20
C LEU A 269 1.23 -47.34 11.89
N ASP A 270 2.33 -48.09 11.89
CA ASP A 270 3.58 -47.68 12.53
C ASP A 270 4.64 -47.55 11.45
N LEU A 271 4.78 -46.34 10.90
CA LEU A 271 5.76 -46.09 9.86
C LEU A 271 7.16 -45.86 10.40
N CYS A 272 7.30 -45.55 11.70
CA CYS A 272 8.57 -45.39 12.39
C CYS A 272 9.28 -44.11 11.94
N VAL A 273 8.73 -43.44 10.94
CA VAL A 273 9.27 -42.18 10.43
C VAL A 273 8.10 -41.28 10.09
N PRO A 274 7.96 -40.13 10.75
CA PRO A 274 6.84 -39.22 10.47
C PRO A 274 7.10 -38.36 9.24
N ILE A 275 6.83 -38.93 8.06
CA ILE A 275 7.12 -38.24 6.81
C ILE A 275 6.32 -36.95 6.71
N PHE A 276 5.02 -37.02 7.01
CA PHE A 276 4.18 -35.84 6.85
C PHE A 276 4.42 -34.82 7.96
N THR A 277 4.76 -35.28 9.17
CA THR A 277 5.14 -34.35 10.22
C THR A 277 6.43 -33.63 9.86
N LEU A 278 7.39 -34.35 9.28
CA LEU A 278 8.63 -33.72 8.82
C LEU A 278 8.36 -32.73 7.69
N LEU A 279 7.44 -33.06 6.78
CA LEU A 279 7.10 -32.14 5.71
C LEU A 279 6.43 -30.88 6.26
N GLN A 280 5.54 -31.04 7.25
CA GLN A 280 4.90 -29.89 7.87
C GLN A 280 5.92 -29.04 8.62
N PHE A 281 6.86 -29.68 9.31
CA PHE A 281 7.93 -28.94 9.97
C PHE A 281 8.75 -28.16 8.95
N PHE A 282 9.10 -28.81 7.84
CA PHE A 282 9.84 -28.12 6.78
C PHE A 282 9.06 -26.89 6.31
N PHE A 283 7.78 -27.07 6.01
CA PHE A 283 6.93 -25.97 5.54
C PHE A 283 6.94 -24.82 6.53
N TYR A 284 6.54 -25.07 7.77
CA TYR A 284 6.34 -23.97 8.72
C TYR A 284 7.66 -23.35 9.15
N ALA A 285 8.67 -24.18 9.44
CA ALA A 285 9.97 -23.67 9.84
C ALA A 285 10.63 -22.88 8.73
N GLY A 286 10.51 -23.32 7.47
CA GLY A 286 11.02 -22.52 6.36
C GLY A 286 10.24 -21.25 6.16
N TRP A 287 8.93 -21.30 6.40
CA TRP A 287 8.13 -20.08 6.32
C TRP A 287 8.61 -19.04 7.31
N LEU A 288 8.96 -19.48 8.53
CA LEU A 288 9.55 -18.55 9.49
C LEU A 288 10.99 -18.19 9.11
N LYS A 289 11.72 -19.11 8.46
CA LYS A 289 13.09 -18.81 8.07
C LYS A 289 13.14 -17.74 6.99
N VAL A 290 12.07 -17.61 6.21
CA VAL A 290 11.97 -16.49 5.28
C VAL A 290 12.11 -15.18 6.04
N ALA A 291 11.32 -15.02 7.10
CA ALA A 291 11.40 -13.81 7.91
C ALA A 291 12.72 -13.71 8.65
N GLU A 292 13.27 -14.85 9.08
CA GLU A 292 14.55 -14.83 9.79
C GLU A 292 15.67 -14.32 8.90
N GLN A 293 15.64 -14.70 7.62
CA GLN A 293 16.67 -14.23 6.69
C GLN A 293 16.42 -12.79 6.27
N LEU A 294 15.15 -12.41 6.07
CA LEU A 294 14.86 -11.09 5.52
C LEU A 294 14.74 -10.00 6.57
N ILE A 295 14.73 -10.34 7.86
CA ILE A 295 14.48 -9.34 8.89
C ILE A 295 15.61 -8.32 8.94
N ASN A 296 16.85 -8.77 8.76
CA ASN A 296 17.99 -7.88 8.56
C ASN A 296 18.62 -8.25 7.22
N PRO A 297 18.27 -7.55 6.14
CA PRO A 297 18.83 -7.86 4.82
C PRO A 297 20.25 -7.35 4.62
N PHE A 298 20.89 -6.82 5.66
CA PHE A 298 22.24 -6.29 5.56
C PHE A 298 23.27 -7.16 6.26
N GLY A 299 22.90 -8.39 6.63
CA GLY A 299 23.83 -9.34 7.18
C GLY A 299 24.67 -9.99 6.10
N GLU A 300 24.97 -11.28 6.29
CA GLU A 300 25.77 -12.02 5.34
C GLU A 300 25.08 -13.28 4.85
N ASP A 301 23.74 -13.32 4.89
CA ASP A 301 23.01 -14.43 4.32
C ASP A 301 23.15 -14.42 2.80
N ASP A 302 22.87 -15.58 2.19
CA ASP A 302 22.99 -15.70 0.75
C ASP A 302 22.01 -14.79 0.03
N ASP A 303 20.85 -14.53 0.64
CA ASP A 303 19.83 -13.68 0.05
C ASP A 303 19.86 -12.26 0.59
N ASP A 304 20.91 -11.88 1.31
CA ASP A 304 21.06 -10.51 1.76
C ASP A 304 21.64 -9.65 0.64
N PHE A 305 21.47 -8.34 0.79
CA PHE A 305 21.87 -7.42 -0.27
C PHE A 305 23.38 -7.36 -0.41
N GLU A 306 23.85 -7.31 -1.66
CA GLU A 306 25.28 -7.23 -1.95
C GLU A 306 25.74 -5.78 -1.87
N THR A 307 25.90 -5.33 -0.63
CA THR A 307 26.15 -3.91 -0.37
C THR A 307 27.54 -3.49 -0.81
N ASN A 308 28.54 -4.37 -0.65
CA ASN A 308 29.89 -4.02 -1.09
C ASN A 308 29.95 -3.91 -2.61
N PHE A 309 29.29 -4.83 -3.31
CA PHE A 309 29.19 -4.73 -4.76
C PHE A 309 28.48 -3.45 -5.16
N LEU A 310 27.43 -3.08 -4.44
CA LEU A 310 26.72 -1.85 -4.75
C LEU A 310 27.61 -0.63 -4.53
N ILE A 311 28.41 -0.63 -3.46
CA ILE A 311 29.34 0.47 -3.22
C ILE A 311 30.33 0.60 -4.36
N ASP A 312 30.93 -0.52 -4.76
CA ASP A 312 31.92 -0.49 -5.84
C ASP A 312 31.28 0.01 -7.13
N ARG A 313 30.13 -0.55 -7.49
CA ARG A 313 29.46 -0.16 -8.73
C ARG A 313 29.09 1.31 -8.72
N ASN A 314 28.52 1.78 -7.60
CA ASN A 314 28.07 3.16 -7.51
C ASN A 314 29.24 4.12 -7.65
N PHE A 315 30.33 3.87 -6.93
CA PHE A 315 31.47 4.77 -7.00
C PHE A 315 32.08 4.77 -8.39
N GLN A 316 32.28 3.60 -8.98
CA GLN A 316 32.89 3.52 -10.30
C GLN A 316 32.04 4.20 -11.36
N VAL A 317 30.72 3.95 -11.33
CA VAL A 317 29.82 4.50 -12.33
C VAL A 317 29.70 6.00 -12.18
N SER A 318 29.58 6.50 -10.95
CA SER A 318 29.48 7.95 -10.75
C SER A 318 30.76 8.66 -11.18
N MET A 319 31.92 8.08 -10.85
CA MET A 319 33.18 8.68 -11.29
C MET A 319 33.26 8.72 -12.81
N LEU A 320 32.92 7.62 -13.47
CA LEU A 320 32.91 7.61 -14.94
C LEU A 320 31.99 8.68 -15.48
N ALA A 321 30.76 8.74 -14.96
CA ALA A 321 29.74 9.63 -15.51
C ALA A 321 30.14 11.09 -15.38
N VAL A 322 30.71 11.49 -14.24
CA VAL A 322 31.00 12.89 -14.02
C VAL A 322 32.40 13.30 -14.43
N ASP A 323 33.30 12.36 -14.69
CA ASP A 323 34.65 12.72 -15.12
C ASP A 323 34.93 12.32 -16.57
N GLU A 324 34.76 11.05 -16.92
CA GLU A 324 35.17 10.62 -18.25
C GLU A 324 34.16 11.03 -19.31
N MET A 325 32.87 11.07 -18.94
CA MET A 325 31.81 11.29 -19.90
C MET A 325 31.32 12.73 -19.95
N TYR A 326 31.89 13.63 -19.14
CA TYR A 326 31.48 15.02 -19.18
C TYR A 326 31.84 15.66 -20.51
N ASP A 327 30.85 16.24 -21.18
CA ASP A 327 31.04 17.01 -22.40
C ASP A 327 31.81 16.19 -23.44
N ASP A 328 31.47 14.91 -23.52
CA ASP A 328 32.16 13.95 -24.38
C ASP A 328 31.17 13.26 -25.30
N LEU A 329 30.30 14.04 -25.92
CA LEU A 329 29.27 13.50 -26.80
C LEU A 329 29.83 13.24 -28.19
N ALA A 330 29.29 12.22 -28.84
CA ALA A 330 29.55 12.03 -30.27
C ALA A 330 28.90 13.16 -31.05
N VAL A 331 29.48 13.50 -32.21
CA VAL A 331 28.96 14.60 -33.00
C VAL A 331 27.53 14.30 -33.43
N LEU A 332 26.66 15.30 -33.33
CA LEU A 332 25.28 15.15 -33.73
C LEU A 332 25.19 14.75 -35.20
N GLU A 333 24.56 13.61 -35.46
CA GLU A 333 24.41 13.10 -36.81
C GLU A 333 23.00 12.55 -37.01
N LYS A 334 22.56 12.54 -38.26
CA LYS A 334 21.23 12.05 -38.57
C LYS A 334 21.13 10.56 -38.28
N ASP A 335 20.01 10.16 -37.69
CA ASP A 335 19.81 8.76 -37.32
C ASP A 335 19.35 7.95 -38.53
N LEU A 336 19.18 6.64 -38.31
CA LEU A 336 18.83 5.74 -39.39
C LEU A 336 17.45 6.04 -39.97
N TYR A 337 16.54 6.52 -39.12
CA TYR A 337 15.16 6.79 -39.53
C TYR A 337 14.90 8.27 -39.75
N TRP A 338 15.93 9.03 -40.13
CA TRP A 338 15.78 10.47 -40.33
C TRP A 338 14.80 10.77 -41.47
N ASP A 339 14.94 10.08 -42.59
CA ASP A 339 14.07 10.29 -43.75
C ASP A 339 12.78 9.49 -43.68
N ALA A 340 12.68 8.52 -42.77
CA ALA A 340 11.53 7.64 -42.68
C ALA A 340 10.44 8.31 -41.85
N ALA A 341 9.24 8.41 -42.43
CA ALA A 341 8.12 9.01 -41.70
C ALA A 341 7.77 8.19 -40.47
N GLU A 342 7.80 6.88 -40.59
CA GLU A 342 7.60 5.98 -39.46
C GLU A 342 8.96 5.43 -38.99
N ALA A 343 8.93 4.56 -37.99
CA ALA A 343 10.16 3.97 -37.49
C ALA A 343 9.86 2.63 -36.85
N ARG A 344 10.67 1.63 -37.18
CA ARG A 344 10.57 0.32 -36.53
C ARG A 344 11.88 -0.42 -36.74
N ALA A 345 12.51 -0.83 -35.64
CA ALA A 345 13.71 -1.62 -35.72
C ALA A 345 13.39 -3.02 -36.25
N PRO A 346 14.35 -3.67 -36.91
CA PRO A 346 14.10 -5.01 -37.43
C PRO A 346 13.97 -6.04 -36.32
N TYR A 347 13.45 -7.20 -36.69
CA TYR A 347 13.29 -8.34 -35.80
C TYR A 347 14.18 -9.49 -36.25
N THR A 348 14.66 -10.26 -35.28
CA THR A 348 15.46 -11.43 -35.59
C THR A 348 14.56 -12.61 -35.96
N ALA A 349 15.20 -13.70 -36.37
CA ALA A 349 14.45 -14.91 -36.70
C ALA A 349 13.76 -15.49 -35.47
N ALA A 350 14.36 -15.32 -34.29
CA ALA A 350 13.80 -15.86 -33.06
C ALA A 350 12.67 -15.01 -32.50
N THR A 351 12.51 -13.77 -32.96
CA THR A 351 11.50 -12.87 -32.43
C THR A 351 10.53 -12.34 -33.48
N VAL A 352 10.71 -12.66 -34.75
CA VAL A 352 9.81 -12.17 -35.79
C VAL A 352 8.40 -12.71 -35.60
N PHE A 353 8.25 -13.81 -34.86
CA PHE A 353 6.91 -14.34 -34.58
C PHE A 353 6.11 -13.39 -33.71
N GLN A 354 6.78 -12.51 -32.96
CA GLN A 354 6.07 -11.54 -32.15
C GLN A 354 5.31 -10.55 -33.01
N LEU A 355 5.82 -10.24 -34.19
CA LEU A 355 5.03 -9.51 -35.18
C LEU A 355 3.88 -10.40 -35.66
N ARG A 356 2.93 -9.76 -36.34
CA ARG A 356 1.63 -10.27 -36.78
C ARG A 356 0.66 -10.38 -35.61
N GLN A 357 1.11 -10.18 -34.37
CA GLN A 357 0.19 -9.99 -33.26
C GLN A 357 -0.48 -8.63 -33.42
N PRO A 358 -1.81 -8.54 -33.33
CA PRO A 358 -2.47 -7.25 -33.57
C PRO A 358 -1.98 -6.19 -32.61
N SER A 359 -1.80 -4.98 -33.12
CA SER A 359 -1.38 -3.85 -32.30
C SER A 359 -2.57 -3.38 -31.47
N PHE A 360 -2.44 -3.47 -30.15
CA PHE A 360 -3.55 -3.10 -29.28
C PHE A 360 -3.84 -1.61 -29.39
N GLN A 361 -5.10 -1.29 -29.71
CA GLN A 361 -5.55 0.09 -29.81
C GLN A 361 -6.49 0.49 -28.69
N GLY A 362 -6.97 -0.45 -27.90
CA GLY A 362 -8.02 -0.21 -26.92
C GLY A 362 -8.98 -1.38 -27.00
N SER A 363 -9.78 -1.54 -25.95
CA SER A 363 -10.66 -2.70 -25.85
C SER A 363 -12.04 -2.45 -26.47
N THR A 364 -12.33 -1.23 -26.89
CA THR A 364 -13.67 -0.89 -27.37
C THR A 364 -13.78 -0.87 -28.89
N PHE A 365 -12.73 -1.25 -29.61
CA PHE A 365 -12.69 -1.11 -31.06
C PHE A 365 -13.14 -2.37 -31.78
N ASP A 366 -14.01 -3.17 -31.17
CA ASP A 366 -14.64 -4.30 -31.85
C ASP A 366 -16.15 -4.34 -31.58
N ILE A 367 -16.73 -3.24 -31.12
CA ILE A 367 -18.14 -3.25 -30.71
C ILE A 367 -19.06 -3.38 -31.93
N THR A 368 -18.78 -2.62 -32.99
CA THR A 368 -19.53 -2.66 -34.24
C THR A 368 -21.01 -2.37 -34.01
N LEU A 369 -21.27 -1.13 -33.60
CA LEU A 369 -22.63 -0.66 -33.35
C LEU A 369 -23.43 -0.63 -34.64
N ALA A 370 -24.76 -0.58 -34.49
CA ALA A 370 -25.65 -0.43 -35.62
C ALA A 370 -25.67 1.02 -36.09
N LYS A 371 -26.02 1.21 -37.37
CA LYS A 371 -25.99 2.54 -37.96
C LYS A 371 -26.95 3.49 -37.27
N GLU A 372 -28.14 3.00 -36.91
CA GLU A 372 -29.13 3.86 -36.25
C GLU A 372 -28.63 4.35 -34.89
N ASP A 373 -27.80 3.57 -34.21
CA ASP A 373 -27.39 3.93 -32.86
C ASP A 373 -26.34 5.02 -32.85
N MET A 374 -25.55 5.17 -33.91
CA MET A 374 -24.43 6.09 -33.93
C MET A 374 -24.84 7.54 -34.19
N GLN A 375 -26.10 7.79 -34.56
CA GLN A 375 -26.52 9.15 -34.85
C GLN A 375 -26.68 9.95 -33.58
N PHE A 376 -26.09 11.15 -33.55
CA PHE A 376 -26.24 12.04 -32.40
C PHE A 376 -27.69 12.51 -32.28
N GLN A 377 -28.11 12.78 -31.05
CA GLN A 377 -29.47 13.21 -30.75
C GLN A 377 -29.90 14.42 -31.58
N THR B 2 0.98 -10.63 -23.12
CA THR B 2 -0.22 -10.06 -22.52
C THR B 2 -1.47 -10.55 -23.24
N VAL B 3 -2.37 -11.16 -22.48
CA VAL B 3 -3.65 -11.63 -22.99
C VAL B 3 -4.71 -10.67 -22.46
N THR B 4 -5.35 -9.92 -23.36
CA THR B 4 -6.31 -8.90 -22.98
C THR B 4 -7.72 -9.44 -23.19
N TYR B 5 -8.53 -9.44 -22.12
CA TYR B 5 -9.93 -9.82 -22.19
C TYR B 5 -10.82 -8.76 -21.54
N THR B 6 -10.39 -7.50 -21.55
CA THR B 6 -11.15 -6.43 -20.92
C THR B 6 -12.52 -6.25 -21.56
N ALA B 7 -12.58 -6.31 -22.89
CA ALA B 7 -13.85 -6.18 -23.59
C ALA B 7 -14.81 -7.30 -23.21
N ARG B 8 -14.29 -8.50 -22.99
CA ARG B 8 -15.13 -9.63 -22.61
C ARG B 8 -15.73 -9.47 -21.23
N VAL B 9 -15.14 -8.64 -20.38
CA VAL B 9 -15.63 -8.50 -19.01
C VAL B 9 -16.01 -7.05 -18.75
N ALA B 10 -16.29 -6.31 -19.82
CA ALA B 10 -16.81 -4.95 -19.68
C ALA B 10 -18.02 -4.90 -18.76
N ASN B 11 -18.97 -5.83 -18.95
CA ASN B 11 -20.17 -5.90 -18.14
C ASN B 11 -20.23 -7.22 -17.40
N ALA B 12 -20.85 -7.19 -16.22
CA ALA B 12 -21.11 -8.42 -15.47
C ALA B 12 -22.36 -9.07 -16.04
N ARG B 13 -22.17 -10.12 -16.82
CA ARG B 13 -23.25 -10.79 -17.53
C ARG B 13 -23.50 -12.16 -16.92
N PHE B 14 -24.59 -12.79 -17.36
CA PHE B 14 -24.89 -14.14 -16.90
C PHE B 14 -23.80 -15.12 -17.30
N GLY B 15 -23.29 -15.00 -18.53
CA GLY B 15 -22.15 -15.81 -18.93
C GLY B 15 -20.94 -15.54 -18.06
N GLY B 16 -20.62 -14.27 -17.87
CA GLY B 16 -19.60 -13.86 -16.91
C GLY B 16 -18.22 -14.41 -17.17
N PHE B 17 -17.67 -15.12 -16.18
CA PHE B 17 -16.34 -15.72 -16.31
C PHE B 17 -16.40 -17.12 -16.91
N SER B 18 -17.61 -17.67 -17.09
CA SER B 18 -17.73 -18.98 -17.72
C SER B 18 -17.23 -18.95 -19.16
N GLN B 19 -17.51 -17.86 -19.89
CA GLN B 19 -16.96 -17.73 -21.23
C GLN B 19 -15.44 -17.61 -21.20
N LEU B 20 -14.89 -16.93 -20.20
CA LEU B 20 -13.44 -16.88 -20.04
C LEU B 20 -12.87 -18.27 -19.81
N LEU B 21 -13.66 -19.16 -19.19
CA LEU B 21 -13.21 -20.53 -19.00
C LEU B 21 -13.00 -21.27 -20.32
N LEU B 22 -13.48 -20.74 -21.44
CA LEU B 22 -13.30 -21.35 -22.75
C LEU B 22 -12.08 -20.81 -23.50
N LEU B 23 -11.28 -19.96 -22.86
CA LEU B 23 -10.10 -19.38 -23.50
C LEU B 23 -8.89 -20.30 -23.33
N TRP B 24 -8.02 -20.29 -24.33
CA TRP B 24 -6.85 -21.16 -24.36
C TRP B 24 -5.53 -20.41 -24.21
N ARG B 25 -5.37 -19.27 -24.89
CA ARG B 25 -4.12 -18.55 -24.80
C ARG B 25 -3.99 -17.89 -23.43
N GLY B 26 -2.84 -18.11 -22.78
CA GLY B 26 -2.65 -17.60 -21.44
C GLY B 26 -3.53 -18.26 -20.39
N SER B 27 -3.99 -19.48 -20.65
CA SER B 27 -5.00 -20.10 -19.82
C SER B 27 -4.39 -21.11 -18.85
N ILE B 28 -5.19 -21.47 -17.84
CA ILE B 28 -4.78 -22.46 -16.85
C ILE B 28 -4.59 -23.82 -17.52
N TYR B 29 -5.43 -24.14 -18.50
CA TYR B 29 -5.27 -25.41 -19.21
C TYR B 29 -3.92 -25.48 -19.89
N LYS B 30 -3.55 -24.42 -20.62
CA LYS B 30 -2.27 -24.40 -21.32
C LYS B 30 -1.11 -24.44 -20.33
N LEU B 31 -1.25 -23.76 -19.19
CA LEU B 31 -0.17 -23.75 -18.21
C LEU B 31 -0.07 -25.05 -17.41
N LEU B 32 -1.13 -25.86 -17.36
CA LEU B 32 -1.21 -26.91 -16.36
C LEU B 32 -1.57 -28.30 -16.88
N TRP B 33 -1.79 -28.48 -18.19
CA TRP B 33 -2.25 -29.78 -18.65
C TRP B 33 -1.19 -30.86 -18.49
N ARG B 34 0.09 -30.50 -18.65
CA ARG B 34 1.16 -31.48 -18.46
C ARG B 34 1.22 -31.97 -17.02
N GLU B 35 1.15 -31.03 -16.07
CA GLU B 35 1.17 -31.40 -14.66
C GLU B 35 -0.07 -32.21 -14.29
N LEU B 36 -1.22 -31.84 -14.84
CA LEU B 36 -2.44 -32.61 -14.60
C LEU B 36 -2.30 -34.03 -15.11
N LEU B 37 -1.72 -34.18 -16.31
CA LEU B 37 -1.49 -35.51 -16.87
C LEU B 37 -0.55 -36.32 -15.99
N CYS B 38 0.51 -35.69 -15.48
CA CYS B 38 1.46 -36.42 -14.63
C CYS B 38 0.80 -36.86 -13.32
N PHE B 39 0.03 -35.96 -12.70
CA PHE B 39 -0.66 -36.31 -11.47
C PHE B 39 -1.66 -37.44 -11.70
N LEU B 40 -2.42 -37.36 -12.78
CA LEU B 40 -3.38 -38.41 -13.09
C LEU B 40 -2.68 -39.73 -13.40
N GLY B 41 -1.53 -39.66 -14.08
CA GLY B 41 -0.79 -40.88 -14.36
C GLY B 41 -0.28 -41.56 -13.10
N PHE B 42 0.25 -40.76 -12.17
CA PHE B 42 0.71 -41.34 -10.90
C PHE B 42 -0.46 -41.95 -10.14
N TYR B 43 -1.59 -41.23 -10.08
CA TYR B 43 -2.75 -41.74 -9.37
C TYR B 43 -3.26 -43.04 -9.99
N MET B 44 -3.33 -43.09 -11.32
CA MET B 44 -3.82 -44.29 -12.00
C MET B 44 -2.83 -45.44 -11.87
N ALA B 45 -1.52 -45.16 -11.84
CA ALA B 45 -0.56 -46.22 -11.62
C ALA B 45 -0.72 -46.84 -10.24
N LEU B 46 -0.87 -45.98 -9.22
CA LEU B 46 -1.11 -46.50 -7.87
C LEU B 46 -2.42 -47.29 -7.81
N SER B 47 -3.48 -46.77 -8.44
CA SER B 47 -4.77 -47.45 -8.42
C SER B 47 -4.70 -48.80 -9.12
N ALA B 48 -4.02 -48.86 -10.27
CA ALA B 48 -3.89 -50.11 -11.01
C ALA B 48 -3.07 -51.13 -10.21
N ALA B 49 -1.99 -50.68 -9.57
CA ALA B 49 -1.21 -51.59 -8.73
C ALA B 49 -2.06 -52.14 -7.59
N TYR B 50 -2.83 -51.27 -6.93
CA TYR B 50 -3.69 -51.73 -5.83
C TYR B 50 -4.75 -52.71 -6.33
N ARG B 51 -5.33 -52.45 -7.50
CA ARG B 51 -6.43 -53.26 -7.98
C ARG B 51 -5.97 -54.61 -8.53
N PHE B 52 -4.80 -54.67 -9.16
CA PHE B 52 -4.44 -55.84 -9.95
C PHE B 52 -3.13 -56.51 -9.54
N VAL B 53 -2.24 -55.84 -8.83
CA VAL B 53 -0.91 -56.36 -8.55
C VAL B 53 -0.78 -56.84 -7.10
N LEU B 54 -1.27 -56.05 -6.16
CA LEU B 54 -1.06 -56.34 -4.74
C LEU B 54 -1.81 -57.60 -4.33
N THR B 55 -1.21 -58.35 -3.39
CA THR B 55 -1.88 -59.48 -2.77
C THR B 55 -2.87 -58.97 -1.72
N GLU B 56 -3.52 -59.89 -1.01
CA GLU B 56 -4.54 -59.48 -0.05
C GLU B 56 -3.92 -58.74 1.13
N GLY B 57 -2.84 -59.27 1.69
CA GLY B 57 -2.18 -58.58 2.81
C GLY B 57 -1.59 -57.26 2.38
N GLN B 58 -1.00 -57.22 1.18
CA GLN B 58 -0.47 -55.97 0.65
C GLN B 58 -1.59 -54.95 0.45
N LYS B 59 -2.76 -55.40 0.01
CA LYS B 59 -3.89 -54.49 -0.15
C LYS B 59 -4.38 -53.98 1.20
N ARG B 60 -4.36 -54.84 2.23
CA ARG B 60 -4.75 -54.38 3.56
C ARG B 60 -3.78 -53.31 4.07
N TYR B 61 -2.48 -53.54 3.90
CA TYR B 61 -1.50 -52.54 4.30
C TYR B 61 -1.65 -51.26 3.49
N PHE B 62 -1.95 -51.39 2.19
CA PHE B 62 -2.15 -50.23 1.34
C PHE B 62 -3.36 -49.42 1.80
N GLU B 63 -4.44 -50.11 2.19
CA GLU B 63 -5.61 -49.40 2.69
C GLU B 63 -5.32 -48.68 3.99
N LYS B 64 -4.56 -49.32 4.89
CA LYS B 64 -4.15 -48.64 6.11
C LYS B 64 -3.32 -47.40 5.80
N LEU B 65 -2.39 -47.51 4.84
CA LEU B 65 -1.56 -46.38 4.46
C LEU B 65 -2.40 -45.26 3.85
N VAL B 66 -3.38 -45.60 3.02
CA VAL B 66 -4.24 -44.60 2.41
C VAL B 66 -5.04 -43.86 3.48
N ILE B 67 -5.60 -44.61 4.43
CA ILE B 67 -6.35 -43.99 5.52
C ILE B 67 -5.47 -43.06 6.33
N TYR B 68 -4.24 -43.51 6.63
CA TYR B 68 -3.31 -42.67 7.38
C TYR B 68 -2.97 -41.39 6.62
N CYS B 69 -2.70 -41.52 5.32
CA CYS B 69 -2.23 -40.37 4.55
C CYS B 69 -3.35 -39.39 4.24
N ASP B 70 -4.60 -39.86 4.22
CA ASP B 70 -5.72 -38.95 3.99
C ASP B 70 -5.90 -37.95 5.13
N GLN B 71 -5.37 -38.26 6.32
CA GLN B 71 -5.50 -37.32 7.45
C GLN B 71 -4.62 -36.10 7.27
N TYR B 72 -3.58 -36.19 6.44
CA TYR B 72 -2.62 -35.12 6.29
C TYR B 72 -2.87 -34.24 5.06
N ALA B 73 -3.95 -34.49 4.34
CA ALA B 73 -4.31 -33.66 3.19
C ALA B 73 -4.94 -32.35 3.66
N SER B 74 -4.12 -31.55 4.34
CA SER B 74 -4.57 -30.29 4.93
C SER B 74 -4.52 -29.21 3.85
N LEU B 75 -5.69 -28.66 3.52
CA LEU B 75 -5.80 -27.63 2.49
C LEU B 75 -5.65 -26.22 3.06
N ILE B 76 -5.90 -26.06 4.35
CA ILE B 76 -5.83 -24.73 4.96
C ILE B 76 -4.43 -24.13 4.92
N PRO B 77 -3.36 -24.87 5.28
CA PRO B 77 -2.02 -24.25 5.23
C PRO B 77 -1.60 -23.83 3.83
N VAL B 78 -1.83 -24.70 2.85
CA VAL B 78 -1.47 -24.38 1.48
C VAL B 78 -2.31 -23.21 0.99
N SER B 79 -3.56 -23.13 1.43
CA SER B 79 -4.38 -21.96 1.07
C SER B 79 -3.78 -20.67 1.61
N PHE B 80 -3.40 -20.66 2.89
CA PHE B 80 -2.76 -19.47 3.45
C PHE B 80 -1.51 -19.09 2.68
N VAL B 81 -0.60 -20.04 2.52
CA VAL B 81 0.71 -19.71 1.98
C VAL B 81 0.60 -19.32 0.51
N LEU B 82 -0.28 -19.99 -0.24
CA LEU B 82 -0.52 -19.62 -1.63
C LEU B 82 -1.13 -18.23 -1.73
N GLY B 83 -2.10 -17.92 -0.88
CA GLY B 83 -2.71 -16.61 -0.94
C GLY B 83 -1.70 -15.51 -0.72
N PHE B 84 -0.91 -15.64 0.34
CA PHE B 84 0.07 -14.59 0.65
C PHE B 84 1.14 -14.49 -0.43
N TYR B 85 1.70 -15.63 -0.85
CA TYR B 85 2.79 -15.61 -1.80
C TYR B 85 2.33 -15.10 -3.16
N VAL B 86 1.16 -15.56 -3.63
CA VAL B 86 0.64 -15.12 -4.91
C VAL B 86 0.26 -13.65 -4.87
N THR B 87 -0.29 -13.17 -3.76
CA THR B 87 -0.58 -11.75 -3.65
C THR B 87 0.69 -10.92 -3.75
N LEU B 88 1.75 -11.35 -3.07
CA LEU B 88 3.03 -10.66 -3.18
C LEU B 88 3.54 -10.66 -4.62
N VAL B 89 3.45 -11.80 -5.29
CA VAL B 89 3.93 -11.91 -6.66
C VAL B 89 3.14 -11.00 -7.60
N VAL B 90 1.81 -10.97 -7.44
CA VAL B 90 0.98 -10.16 -8.32
C VAL B 90 1.25 -8.67 -8.11
N ASN B 91 1.38 -8.25 -6.84
CA ASN B 91 1.70 -6.85 -6.58
C ASN B 91 3.05 -6.48 -7.17
N ARG B 92 4.05 -7.36 -7.01
CA ARG B 92 5.36 -7.10 -7.58
C ARG B 92 5.31 -7.06 -9.11
N TRP B 93 4.46 -7.90 -9.70
CA TRP B 93 4.30 -7.93 -11.16
C TRP B 93 3.72 -6.61 -11.68
N TRP B 94 2.69 -6.10 -11.00
CA TRP B 94 2.13 -4.82 -11.42
C TRP B 94 3.12 -3.69 -11.20
N SER B 95 3.89 -3.74 -10.11
CA SER B 95 4.91 -2.72 -9.89
C SER B 95 5.97 -2.77 -10.99
N GLN B 96 6.36 -3.98 -11.41
CA GLN B 96 7.32 -4.12 -12.50
C GLN B 96 6.77 -3.52 -13.78
N TYR B 97 5.49 -3.74 -14.07
CA TYR B 97 4.91 -3.10 -15.25
C TYR B 97 4.94 -1.59 -15.12
N LEU B 98 4.62 -1.07 -13.94
CA LEU B 98 4.66 0.38 -13.74
C LEU B 98 6.08 0.94 -13.81
N CYS B 99 7.09 0.11 -13.66
CA CYS B 99 8.48 0.56 -13.75
C CYS B 99 9.01 0.59 -15.18
N MET B 100 8.19 0.24 -16.17
CA MET B 100 8.63 0.29 -17.56
C MET B 100 8.87 1.73 -17.99
N PRO B 101 10.02 2.07 -18.56
CA PRO B 101 10.30 3.46 -18.94
C PRO B 101 9.50 3.86 -20.17
N LEU B 102 8.78 4.97 -20.05
CA LEU B 102 7.96 5.51 -21.12
C LEU B 102 8.47 6.88 -21.53
N PRO B 103 8.62 7.14 -22.83
CA PRO B 103 9.16 8.42 -23.30
C PRO B 103 8.13 9.53 -23.50
N ASP B 104 6.90 9.37 -23.01
CA ASP B 104 5.84 10.33 -23.34
C ASP B 104 6.09 11.67 -22.66
N ALA B 105 6.41 11.65 -21.37
CA ALA B 105 6.69 12.90 -20.66
C ALA B 105 7.91 13.60 -21.26
N LEU B 106 8.97 12.84 -21.53
CA LEU B 106 10.16 13.43 -22.13
C LEU B 106 9.87 14.00 -23.51
N MET B 107 9.07 13.31 -24.31
CA MET B 107 8.80 13.80 -25.66
C MET B 107 7.94 15.06 -25.63
N CYS B 108 6.98 15.14 -24.70
CA CYS B 108 6.22 16.37 -24.55
C CYS B 108 7.12 17.53 -24.13
N VAL B 109 8.01 17.28 -23.16
CA VAL B 109 8.91 18.34 -22.70
C VAL B 109 9.85 18.76 -23.82
N VAL B 110 10.38 17.81 -24.58
CA VAL B 110 11.30 18.12 -25.67
C VAL B 110 10.59 18.92 -26.76
N ALA B 111 9.38 18.51 -27.14
CA ALA B 111 8.65 19.25 -28.16
C ALA B 111 8.32 20.66 -27.68
N GLY B 112 8.10 20.84 -26.37
CA GLY B 112 7.82 22.16 -25.88
C GLY B 112 9.01 23.04 -25.54
N THR B 113 10.21 22.46 -25.40
CA THR B 113 11.35 23.22 -24.90
C THR B 113 12.58 23.24 -25.81
N VAL B 114 12.77 22.26 -26.69
CA VAL B 114 13.91 22.22 -27.59
C VAL B 114 13.44 22.76 -28.93
N HIS B 115 13.96 23.91 -29.32
CA HIS B 115 13.36 24.70 -30.39
C HIS B 115 14.26 24.76 -31.62
N GLY B 116 13.66 25.14 -32.74
CA GLY B 116 14.33 25.21 -34.01
C GLY B 116 13.72 24.30 -35.05
N ARG B 117 13.15 24.89 -36.10
CA ARG B 117 12.60 24.11 -37.20
C ARG B 117 13.67 23.61 -38.17
N ASP B 118 14.91 24.03 -38.00
CA ASP B 118 15.97 23.66 -38.90
C ASP B 118 16.54 22.29 -38.55
N ASP B 119 17.51 21.85 -39.36
CA ASP B 119 18.10 20.53 -39.20
C ASP B 119 18.77 20.37 -37.84
N ARG B 120 19.34 21.45 -37.29
CA ARG B 120 20.01 21.33 -36.01
C ARG B 120 19.01 21.11 -34.87
N GLY B 121 17.89 21.83 -34.90
CA GLY B 121 16.85 21.59 -33.91
C GLY B 121 16.25 20.20 -34.04
N ARG B 122 16.03 19.75 -35.28
CA ARG B 122 15.57 18.38 -35.50
C ARG B 122 16.56 17.38 -34.92
N LEU B 123 17.86 17.61 -35.17
CA LEU B 123 18.89 16.71 -34.65
C LEU B 123 18.87 16.67 -33.13
N TYR B 124 18.75 17.84 -32.49
CA TYR B 124 18.71 17.89 -31.04
C TYR B 124 17.55 17.09 -30.49
N ARG B 125 16.34 17.36 -30.98
CA ARG B 125 15.16 16.69 -30.45
C ARG B 125 15.23 15.18 -30.69
N ARG B 126 15.56 14.78 -31.92
CA ARG B 126 15.60 13.36 -32.27
C ARG B 126 16.69 12.65 -31.48
N THR B 127 17.84 13.30 -31.27
CA THR B 127 18.93 12.66 -30.54
C THR B 127 18.59 12.49 -29.07
N LEU B 128 17.93 13.49 -28.46
CA LEU B 128 17.52 13.33 -27.07
C LEU B 128 16.53 12.18 -26.92
N MET B 129 15.54 12.12 -27.81
CA MET B 129 14.56 11.04 -27.69
C MET B 129 15.18 9.69 -28.01
N ARG B 130 16.14 9.66 -28.93
CA ARG B 130 16.82 8.41 -29.25
C ARG B 130 17.70 7.96 -28.11
N TYR B 131 18.28 8.90 -27.36
CA TYR B 131 19.04 8.53 -26.16
C TYR B 131 18.13 7.89 -25.12
N ALA B 132 16.95 8.47 -24.91
CA ALA B 132 15.99 7.85 -23.98
C ALA B 132 15.60 6.46 -24.45
N GLY B 133 15.29 6.32 -25.75
CA GLY B 133 14.93 5.03 -26.29
C GLY B 133 16.07 4.02 -26.19
N LEU B 134 17.31 4.49 -26.34
CA LEU B 134 18.46 3.60 -26.27
C LEU B 134 18.68 3.11 -24.85
N SER B 135 18.49 3.98 -23.85
CA SER B 135 18.54 3.51 -22.47
C SER B 135 17.47 2.46 -22.20
N ALA B 136 16.25 2.71 -22.70
CA ALA B 136 15.18 1.74 -22.55
C ALA B 136 15.55 0.41 -23.20
N VAL B 137 16.11 0.47 -24.42
CA VAL B 137 16.48 -0.74 -25.14
C VAL B 137 17.57 -1.51 -24.40
N LEU B 138 18.57 -0.81 -23.87
CA LEU B 138 19.65 -1.48 -23.16
C LEU B 138 19.14 -2.18 -21.91
N ILE B 139 18.32 -1.50 -21.10
CA ILE B 139 17.82 -2.14 -19.89
C ILE B 139 16.87 -3.29 -20.24
N LEU B 140 16.10 -3.13 -21.32
CA LEU B 140 15.15 -4.18 -21.68
C LEU B 140 15.86 -5.42 -22.23
N ARG B 141 16.93 -5.23 -23.00
CA ARG B 141 17.70 -6.39 -23.44
C ARG B 141 18.49 -7.00 -22.29
N SER B 142 18.73 -6.23 -21.22
CA SER B 142 19.32 -6.82 -20.03
C SER B 142 18.32 -7.65 -19.24
N VAL B 143 17.05 -7.26 -19.20
CA VAL B 143 16.10 -7.89 -18.28
C VAL B 143 15.06 -8.78 -18.95
N SER B 144 14.92 -8.76 -20.28
CA SER B 144 13.84 -9.44 -20.96
C SER B 144 14.41 -10.40 -22.00
N THR B 145 13.94 -11.65 -21.96
CA THR B 145 14.46 -12.67 -22.87
C THR B 145 14.08 -12.36 -24.31
N ALA B 146 12.86 -11.89 -24.55
CA ALA B 146 12.44 -11.56 -25.92
C ALA B 146 13.27 -10.42 -26.49
N VAL B 147 13.49 -9.38 -25.68
CA VAL B 147 14.27 -8.24 -26.16
C VAL B 147 15.72 -8.65 -26.37
N PHE B 148 16.25 -9.52 -25.51
CA PHE B 148 17.61 -10.01 -25.74
C PHE B 148 17.69 -10.83 -27.02
N LYS B 149 16.69 -11.66 -27.29
CA LYS B 149 16.68 -12.42 -28.54
C LYS B 149 16.60 -11.51 -29.75
N ARG B 150 15.90 -10.38 -29.62
CA ARG B 150 15.84 -9.41 -30.72
C ARG B 150 17.15 -8.64 -30.86
N PHE B 151 17.83 -8.35 -29.76
CA PHE B 151 19.09 -7.60 -29.77
C PHE B 151 20.14 -8.40 -29.00
N PRO B 152 20.59 -9.53 -29.55
CA PRO B 152 21.59 -10.32 -28.84
C PRO B 152 22.93 -9.62 -28.68
N THR B 153 23.23 -8.62 -29.51
CA THR B 153 24.51 -7.94 -29.45
C THR B 153 24.31 -6.43 -29.59
N ILE B 154 25.30 -5.69 -29.08
CA ILE B 154 25.35 -4.26 -29.31
C ILE B 154 25.46 -3.96 -30.79
N ASP B 155 26.02 -4.89 -31.57
CA ASP B 155 25.99 -4.77 -33.02
C ASP B 155 24.54 -4.74 -33.53
N HIS B 156 23.69 -5.61 -32.99
CA HIS B 156 22.28 -5.58 -33.34
C HIS B 156 21.63 -4.27 -32.92
N VAL B 157 21.97 -3.78 -31.74
CA VAL B 157 21.41 -2.51 -31.28
C VAL B 157 21.80 -1.37 -32.22
N VAL B 158 23.07 -1.34 -32.64
CA VAL B 158 23.53 -0.29 -33.54
C VAL B 158 22.86 -0.42 -34.90
N GLU B 159 22.78 -1.63 -35.44
CA GLU B 159 22.22 -1.82 -36.77
C GLU B 159 20.71 -1.59 -36.77
N ALA B 160 20.07 -1.65 -35.60
CA ALA B 160 18.65 -1.32 -35.49
C ALA B 160 18.40 0.18 -35.51
N GLY B 161 19.44 1.00 -35.39
CA GLY B 161 19.31 2.44 -35.43
C GLY B 161 19.23 3.14 -34.09
N PHE B 162 19.16 2.40 -32.99
CA PHE B 162 19.07 3.03 -31.67
C PHE B 162 20.40 3.66 -31.28
N MET B 163 21.51 3.10 -31.77
CA MET B 163 22.85 3.60 -31.48
C MET B 163 23.58 3.83 -32.79
N THR B 164 24.39 4.88 -32.84
CA THR B 164 25.22 5.13 -34.01
C THR B 164 26.60 4.50 -33.82
N ARG B 165 27.40 4.54 -34.89
CA ARG B 165 28.72 3.91 -34.84
C ARG B 165 29.67 4.66 -33.91
N GLU B 166 29.67 6.00 -33.98
CA GLU B 166 30.52 6.78 -33.09
C GLU B 166 30.09 6.64 -31.64
N GLU B 167 28.77 6.66 -31.40
CA GLU B 167 28.26 6.42 -30.06
C GLU B 167 28.65 5.04 -29.58
N ARG B 168 28.66 4.05 -30.47
CA ARG B 168 29.11 2.71 -30.10
C ARG B 168 30.59 2.69 -29.74
N LYS B 169 31.40 3.43 -30.49
CA LYS B 169 32.82 3.52 -30.16
C LYS B 169 33.02 4.10 -28.77
N LYS B 170 32.33 5.19 -28.45
CA LYS B 170 32.44 5.77 -27.11
C LYS B 170 31.91 4.80 -26.05
N PHE B 171 30.78 4.14 -26.35
CA PHE B 171 30.15 3.22 -25.41
C PHE B 171 31.07 2.07 -25.05
N GLU B 172 31.74 1.48 -26.06
CA GLU B 172 32.68 0.40 -25.79
C GLU B 172 33.99 0.90 -25.20
N ASN B 173 34.41 2.12 -25.52
CA ASN B 173 35.62 2.65 -24.93
C ASN B 173 35.43 3.05 -23.47
N LEU B 174 34.19 3.19 -23.01
CA LEU B 174 33.95 3.38 -21.59
C LEU B 174 34.39 2.15 -20.82
N ASN B 175 35.19 2.36 -19.78
CA ASN B 175 35.79 1.27 -19.02
C ASN B 175 34.97 1.00 -17.77
N SER B 176 34.05 0.04 -17.86
CA SER B 176 33.18 -0.32 -16.75
C SER B 176 32.84 -1.79 -16.84
N SER B 177 32.85 -2.46 -15.69
CA SER B 177 32.46 -3.87 -15.61
C SER B 177 30.99 -4.04 -15.26
N TYR B 178 30.23 -2.96 -15.23
CA TYR B 178 28.81 -2.98 -14.87
C TYR B 178 27.96 -2.61 -16.08
N ASN B 179 26.66 -2.89 -15.97
CA ASN B 179 25.74 -2.64 -17.07
C ASN B 179 25.68 -1.14 -17.36
N LYS B 180 25.74 -0.80 -18.65
CA LYS B 180 25.89 0.58 -19.10
C LYS B 180 24.58 1.18 -19.62
N TYR B 181 23.44 0.80 -19.04
CA TYR B 181 22.16 1.34 -19.51
C TYR B 181 22.02 2.82 -19.20
N TRP B 182 22.80 3.33 -18.24
CA TRP B 182 22.74 4.73 -17.82
C TRP B 182 23.52 5.66 -18.73
N VAL B 183 24.38 5.09 -19.60
CA VAL B 183 25.23 5.91 -20.45
C VAL B 183 24.43 6.82 -21.37
N PRO B 184 23.39 6.36 -22.07
CA PRO B 184 22.57 7.29 -22.86
C PRO B 184 21.87 8.35 -22.03
N CYS B 185 21.57 8.06 -20.76
CA CYS B 185 20.99 9.09 -19.90
C CYS B 185 22.00 10.18 -19.58
N VAL B 186 23.26 9.81 -19.34
CA VAL B 186 24.29 10.82 -19.14
C VAL B 186 24.53 11.61 -20.42
N TRP B 187 24.47 10.92 -21.57
CA TRP B 187 24.53 11.61 -22.86
C TRP B 187 23.38 12.60 -23.00
N PHE B 188 22.18 12.21 -22.60
CA PHE B 188 21.02 13.09 -22.63
C PHE B 188 21.28 14.34 -21.80
N SER B 189 21.81 14.15 -20.59
CA SER B 189 22.09 15.29 -19.72
C SER B 189 23.09 16.24 -20.36
N ASN B 190 24.18 15.69 -20.91
CA ASN B 190 25.20 16.53 -21.54
C ASN B 190 24.62 17.27 -22.76
N LEU B 191 23.80 16.58 -23.55
CA LEU B 191 23.23 17.21 -24.75
C LEU B 191 22.23 18.28 -24.39
N ALA B 192 21.45 18.08 -23.33
CA ALA B 192 20.54 19.11 -22.86
C ALA B 192 21.31 20.33 -22.38
N ALA B 193 22.41 20.11 -21.65
CA ALA B 193 23.25 21.23 -21.24
C ALA B 193 23.79 21.98 -22.45
N GLN B 194 24.25 21.25 -23.48
CA GLN B 194 24.75 21.90 -24.68
C GLN B 194 23.65 22.70 -25.38
N ALA B 195 22.45 22.13 -25.48
CA ALA B 195 21.35 22.82 -26.14
C ALA B 195 20.97 24.10 -25.39
N ARG B 196 20.95 24.04 -24.06
CA ARG B 196 20.71 25.26 -23.28
C ARG B 196 21.81 26.28 -23.50
N ARG B 197 23.06 25.83 -23.55
CA ARG B 197 24.18 26.75 -23.79
C ARG B 197 24.06 27.43 -25.15
N GLU B 198 23.59 26.69 -26.16
CA GLU B 198 23.45 27.25 -27.51
C GLU B 198 22.22 28.11 -27.68
N GLY B 199 21.31 28.11 -26.71
CA GLY B 199 20.08 28.86 -26.83
C GLY B 199 18.94 28.11 -27.49
N ARG B 200 19.16 26.85 -27.88
CA ARG B 200 18.05 26.03 -28.37
C ARG B 200 17.02 25.80 -27.28
N ILE B 201 17.48 25.57 -26.05
CA ILE B 201 16.62 25.61 -24.88
C ILE B 201 16.64 27.04 -24.35
N ARG B 202 15.46 27.66 -24.27
CA ARG B 202 15.39 29.10 -24.05
C ARG B 202 15.43 29.51 -22.60
N ASP B 203 15.34 28.57 -21.65
CA ASP B 203 15.32 28.96 -20.25
C ASP B 203 15.83 27.85 -19.35
N ASN B 204 16.42 28.29 -18.23
CA ASN B 204 16.94 27.38 -17.22
C ASN B 204 15.83 26.54 -16.62
N SER B 205 14.62 27.10 -16.50
CA SER B 205 13.50 26.31 -16.00
CA SER B 205 13.49 26.32 -16.02
C SER B 205 13.17 25.17 -16.96
N ALA B 206 13.22 25.43 -18.27
CA ALA B 206 13.00 24.37 -19.25
C ALA B 206 14.09 23.31 -19.15
N LEU B 207 15.33 23.73 -18.97
CA LEU B 207 16.42 22.77 -18.79
C LEU B 207 16.19 21.92 -17.54
N LYS B 208 15.76 22.55 -16.44
CA LYS B 208 15.50 21.82 -15.21
C LYS B 208 14.38 20.82 -15.39
N LEU B 209 13.31 21.21 -16.09
CA LEU B 209 12.21 20.28 -16.36
C LEU B 209 12.68 19.10 -17.19
N LEU B 210 13.50 19.36 -18.22
CA LEU B 210 14.06 18.29 -19.02
C LEU B 210 14.87 17.32 -18.16
N LEU B 211 15.72 17.86 -17.28
CA LEU B 211 16.55 17.00 -16.45
C LEU B 211 15.71 16.22 -15.43
N GLU B 212 14.63 16.82 -14.93
CA GLU B 212 13.75 16.10 -14.00
C GLU B 212 13.07 14.94 -14.69
N GLU B 213 12.55 15.16 -15.90
CA GLU B 213 11.91 14.06 -16.62
C GLU B 213 12.93 12.99 -17.00
N LEU B 214 14.15 13.41 -17.36
CA LEU B 214 15.21 12.44 -17.62
C LEU B 214 15.51 11.60 -16.39
N ASN B 215 15.55 12.23 -15.22
CA ASN B 215 15.81 11.48 -14.00
C ASN B 215 14.68 10.51 -13.69
N VAL B 216 13.43 10.89 -13.97
CA VAL B 216 12.31 9.96 -13.78
C VAL B 216 12.47 8.76 -14.69
N PHE B 217 12.80 8.99 -15.97
CA PHE B 217 12.96 7.91 -16.93
C PHE B 217 14.11 6.98 -16.51
N ARG B 218 15.25 7.57 -16.12
CA ARG B 218 16.39 6.77 -15.70
C ARG B 218 16.09 6.00 -14.42
N GLY B 219 15.32 6.60 -13.51
CA GLY B 219 14.91 5.88 -12.31
C GLY B 219 14.05 4.68 -12.63
N LYS B 220 13.16 4.81 -13.62
CA LYS B 220 12.37 3.65 -14.03
C LYS B 220 13.25 2.56 -14.63
N CYS B 221 14.24 2.95 -15.44
CA CYS B 221 15.17 1.95 -15.99
C CYS B 221 15.93 1.23 -14.87
N GLY B 222 16.42 1.99 -13.90
CA GLY B 222 17.13 1.39 -12.78
C GLY B 222 16.23 0.51 -11.93
N MET B 223 14.96 0.89 -11.81
CA MET B 223 14.02 0.07 -11.07
C MET B 223 13.77 -1.26 -11.77
N LEU B 224 13.71 -1.24 -13.11
CA LEU B 224 13.65 -2.49 -13.85
C LEU B 224 14.88 -3.35 -13.57
N PHE B 225 16.06 -2.74 -13.55
CA PHE B 225 17.27 -3.49 -13.23
C PHE B 225 17.18 -4.09 -11.83
N HIS B 226 16.68 -3.32 -10.86
CA HIS B 226 16.57 -3.80 -9.49
C HIS B 226 15.60 -4.97 -9.39
N TYR B 227 14.47 -4.88 -10.08
CA TYR B 227 13.53 -5.99 -10.06
C TYR B 227 14.13 -7.24 -10.71
N ASP B 228 14.90 -7.05 -11.78
CA ASP B 228 15.56 -8.20 -12.41
C ASP B 228 16.58 -8.84 -11.47
N TRP B 229 17.32 -8.00 -10.73
CA TRP B 229 18.39 -8.52 -9.88
C TRP B 229 17.85 -9.16 -8.61
N ILE B 230 17.00 -8.44 -7.88
CA ILE B 230 16.50 -8.90 -6.57
C ILE B 230 15.25 -9.73 -6.84
N SER B 231 15.44 -11.04 -6.93
CA SER B 231 14.32 -11.95 -7.14
C SER B 231 13.49 -12.07 -5.87
N VAL B 232 12.28 -12.61 -6.02
CA VAL B 232 11.46 -13.03 -4.88
C VAL B 232 12.29 -14.05 -4.11
N PRO B 233 12.34 -13.98 -2.78
CA PRO B 233 13.21 -14.89 -2.02
C PRO B 233 13.06 -16.36 -2.38
N LEU B 234 14.20 -16.97 -2.73
CA LEU B 234 14.22 -18.37 -3.13
C LEU B 234 13.71 -19.27 -2.02
N VAL B 235 13.99 -18.91 -0.76
CA VAL B 235 13.48 -19.69 0.36
C VAL B 235 11.95 -19.65 0.38
N TYR B 236 11.36 -18.48 0.13
CA TYR B 236 9.90 -18.36 0.09
C TYR B 236 9.31 -19.19 -1.05
N THR B 237 9.91 -19.10 -2.24
CA THR B 237 9.42 -19.85 -3.38
C THR B 237 9.50 -21.35 -3.12
N GLN B 238 10.63 -21.80 -2.56
CA GLN B 238 10.79 -23.21 -2.25
C GLN B 238 9.81 -23.65 -1.18
N VAL B 239 9.52 -22.78 -0.20
CA VAL B 239 8.57 -23.12 0.85
C VAL B 239 7.19 -23.36 0.26
N VAL B 240 6.73 -22.44 -0.61
CA VAL B 240 5.40 -22.62 -1.17
CA VAL B 240 5.41 -22.60 -1.20
C VAL B 240 5.35 -23.85 -2.08
N THR B 241 6.41 -24.07 -2.86
CA THR B 241 6.45 -25.25 -3.72
C THR B 241 6.42 -26.54 -2.90
N ILE B 242 7.19 -26.59 -1.82
CA ILE B 242 7.24 -27.78 -0.98
C ILE B 242 5.89 -28.01 -0.31
N ALA B 243 5.24 -26.95 0.16
CA ALA B 243 3.92 -27.11 0.75
C ALA B 243 2.92 -27.68 -0.25
N LEU B 244 2.90 -27.12 -1.46
CA LEU B 244 1.98 -27.61 -2.47
C LEU B 244 2.26 -29.06 -2.84
N TYR B 245 3.55 -29.41 -2.97
CA TYR B 245 3.91 -30.78 -3.32
C TYR B 245 3.61 -31.76 -2.19
N SER B 246 3.76 -31.33 -0.95
CA SER B 246 3.40 -32.19 0.19
C SER B 246 1.90 -32.45 0.19
N TYR B 247 1.11 -31.41 -0.05
CA TYR B 247 -0.34 -31.62 -0.15
C TYR B 247 -0.69 -32.55 -1.30
N PHE B 248 0.00 -32.41 -2.43
CA PHE B 248 -0.31 -33.25 -3.59
C PHE B 248 0.10 -34.69 -3.35
N LEU B 249 1.21 -34.92 -2.63
CA LEU B 249 1.59 -36.29 -2.28
C LEU B 249 0.58 -36.90 -1.32
N ALA B 250 0.15 -36.12 -0.31
CA ALA B 250 -0.88 -36.59 0.60
C ALA B 250 -2.15 -36.96 -0.14
N CYS B 251 -2.54 -36.15 -1.12
CA CYS B 251 -3.73 -36.48 -1.91
C CYS B 251 -3.49 -37.69 -2.79
N LEU B 252 -2.32 -37.79 -3.41
CA LEU B 252 -2.02 -38.91 -4.29
C LEU B 252 -2.12 -40.23 -3.55
N ILE B 253 -1.73 -40.25 -2.29
CA ILE B 253 -1.85 -41.48 -1.51
C ILE B 253 -3.25 -41.65 -0.91
N GLY B 254 -3.75 -40.63 -0.21
CA GLY B 254 -4.96 -40.80 0.58
C GLY B 254 -6.27 -40.63 -0.17
N ARG B 255 -6.23 -40.23 -1.44
CA ARG B 255 -7.44 -40.11 -2.24
C ARG B 255 -7.67 -41.34 -3.11
N GLN B 256 -6.91 -42.40 -2.91
CA GLN B 256 -7.15 -43.64 -3.63
C GLN B 256 -8.49 -44.23 -3.21
N PHE B 257 -9.19 -44.82 -4.17
CA PHE B 257 -10.47 -45.47 -3.88
C PHE B 257 -10.22 -46.87 -3.36
N LEU B 258 -10.53 -47.10 -2.09
CA LEU B 258 -10.37 -48.40 -1.47
C LEU B 258 -11.56 -49.29 -1.78
N ASP B 259 -11.37 -50.59 -1.60
CA ASP B 259 -12.41 -51.57 -1.88
C ASP B 259 -13.62 -51.31 -0.98
N PRO B 260 -14.81 -51.07 -1.54
CA PRO B 260 -15.98 -50.88 -0.67
C PRO B 260 -16.34 -52.11 0.15
N ALA B 261 -15.93 -53.30 -0.27
CA ALA B 261 -16.25 -54.51 0.46
C ALA B 261 -15.63 -54.51 1.85
N GLN B 262 -14.49 -53.84 2.03
CA GLN B 262 -13.83 -53.78 3.33
C GLN B 262 -14.61 -52.93 4.32
N GLY B 263 -15.54 -52.10 3.85
CA GLY B 263 -16.39 -51.34 4.74
C GLY B 263 -15.67 -50.28 5.56
N TYR B 264 -14.68 -49.61 4.98
CA TYR B 264 -14.01 -48.53 5.67
C TYR B 264 -14.91 -47.31 5.76
N LYS B 265 -14.74 -46.54 6.83
CA LYS B 265 -15.48 -45.30 6.98
C LYS B 265 -15.09 -44.33 5.86
N ASP B 266 -16.11 -43.71 5.24
CA ASP B 266 -15.95 -42.77 4.14
C ASP B 266 -15.37 -43.42 2.90
N HIS B 267 -15.32 -44.75 2.84
CA HIS B 267 -14.88 -45.48 1.65
C HIS B 267 -15.93 -46.54 1.34
N ASP B 268 -16.96 -46.15 0.59
CA ASP B 268 -18.00 -47.06 0.16
C ASP B 268 -18.38 -46.89 -1.30
N LEU B 269 -17.79 -45.91 -1.99
CA LEU B 269 -18.05 -45.66 -3.40
C LEU B 269 -16.71 -45.69 -4.14
N ASP B 270 -16.67 -46.41 -5.25
CA ASP B 270 -15.46 -46.56 -6.05
C ASP B 270 -15.74 -45.97 -7.43
N LEU B 271 -15.42 -44.68 -7.60
CA LEU B 271 -15.66 -44.00 -8.87
C LEU B 271 -14.53 -44.23 -9.87
N CYS B 272 -13.37 -44.67 -9.42
CA CYS B 272 -12.22 -45.02 -10.26
C CYS B 272 -11.58 -43.77 -10.86
N VAL B 273 -12.22 -42.62 -10.66
CA VAL B 273 -11.71 -41.34 -11.15
C VAL B 273 -11.93 -40.31 -10.06
N PRO B 274 -10.88 -39.74 -9.48
CA PRO B 274 -11.04 -38.74 -8.42
C PRO B 274 -11.35 -37.35 -9.00
N ILE B 275 -12.62 -37.13 -9.31
CA ILE B 275 -13.03 -35.89 -9.96
C ILE B 275 -12.73 -34.69 -9.06
N PHE B 276 -13.09 -34.79 -7.79
CA PHE B 276 -12.88 -33.65 -6.89
C PHE B 276 -11.43 -33.47 -6.52
N THR B 277 -10.66 -34.56 -6.43
CA THR B 277 -9.22 -34.43 -6.21
C THR B 277 -8.56 -33.77 -7.41
N LEU B 278 -8.98 -34.13 -8.62
CA LEU B 278 -8.45 -33.47 -9.81
C LEU B 278 -8.84 -32.00 -9.84
N LEU B 279 -10.06 -31.68 -9.42
CA LEU B 279 -10.47 -30.28 -9.37
C LEU B 279 -9.66 -29.49 -8.35
N GLN B 280 -9.38 -30.09 -7.18
CA GLN B 280 -8.53 -29.43 -6.20
C GLN B 280 -7.11 -29.26 -6.73
N PHE B 281 -6.58 -30.26 -7.43
CA PHE B 281 -5.27 -30.14 -8.03
C PHE B 281 -5.25 -29.00 -9.05
N PHE B 282 -6.29 -28.93 -9.89
CA PHE B 282 -6.39 -27.83 -10.84
C PHE B 282 -6.37 -26.49 -10.11
N PHE B 283 -7.22 -26.35 -9.09
CA PHE B 283 -7.30 -25.12 -8.30
C PHE B 283 -5.93 -24.72 -7.76
N TYR B 284 -5.31 -25.59 -6.96
CA TYR B 284 -4.09 -25.21 -6.25
C TYR B 284 -2.91 -25.06 -7.20
N ALA B 285 -2.76 -25.99 -8.14
CA ALA B 285 -1.65 -25.92 -9.08
C ALA B 285 -1.78 -24.70 -9.98
N GLY B 286 -2.98 -24.35 -10.42
CA GLY B 286 -3.15 -23.12 -11.18
C GLY B 286 -2.91 -21.88 -10.35
N TRP B 287 -3.29 -21.93 -9.07
CA TRP B 287 -3.03 -20.80 -8.17
C TRP B 287 -1.52 -20.57 -8.06
N LEU B 288 -0.75 -21.64 -7.97
CA LEU B 288 0.71 -21.48 -7.99
C LEU B 288 1.22 -21.09 -9.37
N LYS B 289 0.56 -21.56 -10.43
CA LYS B 289 1.00 -21.23 -11.79
C LYS B 289 0.81 -19.75 -12.08
N VAL B 290 -0.13 -19.10 -11.39
CA VAL B 290 -0.24 -17.65 -11.48
C VAL B 290 1.09 -17.00 -11.11
N ALA B 291 1.63 -17.39 -9.96
CA ALA B 291 2.92 -16.85 -9.52
C ALA B 291 4.05 -17.33 -10.43
N GLU B 292 3.96 -18.55 -10.93
CA GLU B 292 5.00 -19.08 -11.83
C GLU B 292 5.09 -18.24 -13.09
N GLN B 293 3.94 -17.84 -13.64
CA GLN B 293 3.93 -17.01 -14.85
C GLN B 293 4.32 -15.58 -14.54
N LEU B 294 3.85 -15.02 -13.42
CA LEU B 294 4.05 -13.61 -13.14
C LEU B 294 5.36 -13.29 -12.45
N ILE B 295 6.12 -14.29 -11.99
CA ILE B 295 7.31 -14.02 -11.19
C ILE B 295 8.36 -13.30 -12.03
N ASN B 296 8.50 -13.71 -13.30
CA ASN B 296 9.31 -12.97 -14.27
C ASN B 296 8.37 -12.59 -15.41
N PRO B 297 7.86 -11.35 -15.41
CA PRO B 297 6.94 -10.92 -16.48
C PRO B 297 7.64 -10.54 -17.78
N PHE B 298 8.95 -10.75 -17.89
CA PHE B 298 9.71 -10.40 -19.08
C PHE B 298 10.18 -11.61 -19.86
N GLY B 299 9.61 -12.78 -19.58
CA GLY B 299 9.87 -13.96 -20.38
C GLY B 299 9.07 -13.96 -21.65
N GLU B 300 8.63 -15.15 -22.07
CA GLU B 300 7.85 -15.30 -23.28
C GLU B 300 6.52 -16.00 -23.04
N ASP B 301 5.98 -15.92 -21.82
CA ASP B 301 4.65 -16.44 -21.56
C ASP B 301 3.60 -15.61 -22.30
N ASP B 302 2.40 -16.19 -22.42
CA ASP B 302 1.32 -15.48 -23.11
C ASP B 302 0.90 -14.24 -22.33
N ASP B 303 1.02 -14.26 -21.01
CA ASP B 303 0.65 -13.14 -20.17
C ASP B 303 1.84 -12.28 -19.77
N ASP B 304 2.99 -12.47 -20.41
CA ASP B 304 4.14 -11.62 -20.14
C ASP B 304 4.03 -10.33 -20.96
N PHE B 305 4.81 -9.32 -20.56
CA PHE B 305 4.70 -8.01 -21.17
C PHE B 305 5.25 -8.03 -22.60
N GLU B 306 4.54 -7.34 -23.50
CA GLU B 306 4.95 -7.24 -24.91
C GLU B 306 6.00 -6.14 -25.04
N THR B 307 7.21 -6.47 -24.60
CA THR B 307 8.27 -5.48 -24.50
C THR B 307 8.75 -5.01 -25.86
N ASN B 308 8.81 -5.91 -26.85
CA ASN B 308 9.22 -5.50 -28.18
C ASN B 308 8.20 -4.57 -28.82
N PHE B 309 6.91 -4.87 -28.64
CA PHE B 309 5.87 -3.96 -29.10
C PHE B 309 5.98 -2.61 -28.41
N LEU B 310 6.27 -2.61 -27.10
CA LEU B 310 6.42 -1.36 -26.38
C LEU B 310 7.61 -0.57 -26.91
N ILE B 311 8.72 -1.24 -27.21
CA ILE B 311 9.88 -0.56 -27.78
C ILE B 311 9.52 0.10 -29.10
N ASP B 312 8.87 -0.66 -29.99
CA ASP B 312 8.48 -0.12 -31.29
C ASP B 312 7.57 1.08 -31.14
N ARG B 313 6.52 0.94 -30.32
CA ARG B 313 5.56 2.02 -30.13
C ARG B 313 6.23 3.25 -29.56
N ASN B 314 7.07 3.06 -28.53
CA ASN B 314 7.71 4.19 -27.87
C ASN B 314 8.61 4.95 -28.85
N PHE B 315 9.44 4.22 -29.59
CA PHE B 315 10.35 4.90 -30.51
C PHE B 315 9.59 5.63 -31.60
N GLN B 316 8.59 4.97 -32.19
CA GLN B 316 7.82 5.58 -33.27
C GLN B 316 7.08 6.83 -32.79
N VAL B 317 6.44 6.72 -31.62
CA VAL B 317 5.64 7.83 -31.10
C VAL B 317 6.52 9.00 -30.69
N SER B 318 7.66 8.72 -30.05
CA SER B 318 8.56 9.80 -29.65
C SER B 318 9.14 10.50 -30.87
N MET B 319 9.53 9.73 -31.90
CA MET B 319 10.04 10.34 -33.13
C MET B 319 8.98 11.23 -33.76
N LEU B 320 7.75 10.73 -33.88
CA LEU B 320 6.67 11.55 -34.43
C LEU B 320 6.49 12.83 -33.63
N ALA B 321 6.39 12.71 -32.31
CA ALA B 321 6.07 13.84 -31.47
C ALA B 321 7.13 14.93 -31.55
N VAL B 322 8.42 14.55 -31.55
CA VAL B 322 9.47 15.56 -31.50
C VAL B 322 9.98 15.98 -32.88
N ASP B 323 9.61 15.28 -33.95
CA ASP B 323 10.06 15.69 -35.28
C ASP B 323 8.90 16.15 -36.16
N GLU B 324 7.87 15.32 -36.35
CA GLU B 324 6.81 15.67 -37.29
C GLU B 324 5.87 16.71 -36.70
N MET B 325 5.61 16.64 -35.40
CA MET B 325 4.62 17.49 -34.77
C MET B 325 5.21 18.74 -34.12
N TYR B 326 6.52 18.95 -34.21
CA TYR B 326 7.11 20.14 -33.63
C TYR B 326 6.63 21.39 -34.37
N ASP B 327 6.06 22.33 -33.62
CA ASP B 327 5.63 23.63 -34.13
C ASP B 327 4.74 23.46 -35.36
N ASP B 328 3.84 22.48 -35.29
CA ASP B 328 2.97 22.11 -36.40
C ASP B 328 1.52 22.16 -35.97
N LEU B 329 1.15 23.24 -35.29
CA LEU B 329 -0.21 23.39 -34.78
C LEU B 329 -1.14 23.91 -35.87
N ALA B 330 -2.40 23.48 -35.79
CA ALA B 330 -3.43 24.11 -36.61
C ALA B 330 -3.65 25.54 -36.14
N VAL B 331 -4.11 26.39 -37.06
CA VAL B 331 -4.30 27.80 -36.72
C VAL B 331 -5.36 27.93 -35.64
N LEU B 332 -5.07 28.78 -34.64
CA LEU B 332 -6.01 29.01 -33.56
C LEU B 332 -7.34 29.52 -34.11
N GLU B 333 -8.40 28.77 -33.84
CA GLU B 333 -9.74 29.12 -34.32
C GLU B 333 -10.75 28.91 -33.21
N LYS B 334 -11.87 29.64 -33.31
CA LYS B 334 -12.90 29.55 -32.29
C LYS B 334 -13.56 28.19 -32.32
N ASP B 335 -13.81 27.63 -31.14
CA ASP B 335 -14.39 26.31 -31.03
C ASP B 335 -15.91 26.37 -31.22
N LEU B 336 -16.54 25.19 -31.20
CA LEU B 336 -17.96 25.09 -31.45
C LEU B 336 -18.78 25.78 -30.35
N TYR B 337 -18.26 25.81 -29.13
CA TYR B 337 -18.97 26.37 -27.98
C TYR B 337 -18.43 27.75 -27.59
N TRP B 338 -17.88 28.49 -28.55
CA TRP B 338 -17.30 29.80 -28.27
C TRP B 338 -18.36 30.76 -27.76
N ASP B 339 -19.51 30.81 -28.42
CA ASP B 339 -20.60 31.71 -28.06
C ASP B 339 -21.51 31.15 -26.98
N ALA B 340 -21.39 29.87 -26.66
CA ALA B 340 -22.28 29.20 -25.73
C ALA B 340 -21.76 29.38 -24.31
N ALA B 341 -22.60 29.91 -23.42
CA ALA B 341 -22.21 30.09 -22.04
C ALA B 341 -21.91 28.76 -21.37
N GLU B 342 -22.73 27.75 -21.66
CA GLU B 342 -22.51 26.39 -21.19
C GLU B 342 -21.91 25.55 -22.32
N ALA B 343 -21.70 24.27 -22.06
CA ALA B 343 -21.15 23.39 -23.08
C ALA B 343 -21.53 21.95 -22.76
N ARG B 344 -21.96 21.21 -23.80
CA ARG B 344 -22.22 19.79 -23.67
C ARG B 344 -22.23 19.17 -25.05
N ALA B 345 -21.37 18.18 -25.26
CA ALA B 345 -21.35 17.46 -26.53
C ALA B 345 -22.63 16.63 -26.68
N PRO B 346 -23.06 16.38 -27.91
CA PRO B 346 -24.28 15.59 -28.12
C PRO B 346 -24.11 14.14 -27.72
N TYR B 347 -25.23 13.44 -27.63
CA TYR B 347 -25.27 12.02 -27.29
C TYR B 347 -25.86 11.23 -28.46
N THR B 348 -25.36 10.01 -28.64
CA THR B 348 -25.90 9.13 -29.67
C THR B 348 -27.19 8.46 -29.18
N ALA B 349 -27.84 7.75 -30.10
CA ALA B 349 -29.04 7.01 -29.73
C ALA B 349 -28.73 5.91 -28.72
N ALA B 350 -27.54 5.32 -28.79
CA ALA B 350 -27.17 4.24 -27.89
C ALA B 350 -26.76 4.73 -26.51
N THR B 351 -26.49 6.03 -26.34
CA THR B 351 -26.03 6.57 -25.08
C THR B 351 -26.91 7.68 -24.51
N VAL B 352 -27.95 8.11 -25.24
CA VAL B 352 -28.81 9.18 -24.74
C VAL B 352 -29.54 8.76 -23.48
N PHE B 353 -29.67 7.45 -23.22
CA PHE B 353 -30.30 6.99 -21.99
C PHE B 353 -29.47 7.36 -20.77
N GLN B 354 -28.16 7.59 -20.96
CA GLN B 354 -27.32 7.99 -19.83
C GLN B 354 -27.72 9.37 -19.32
N LEU B 355 -28.21 10.24 -20.19
CA LEU B 355 -28.85 11.47 -19.74
C LEU B 355 -30.14 11.12 -19.00
N ARG B 356 -30.68 12.12 -18.30
CA ARG B 356 -31.80 12.08 -17.38
C ARG B 356 -31.41 11.43 -16.05
N GLN B 357 -30.21 10.85 -15.95
CA GLN B 357 -29.67 10.46 -14.66
C GLN B 357 -29.33 11.74 -13.90
N PRO B 358 -29.76 11.89 -12.64
CA PRO B 358 -29.51 13.15 -11.92
C PRO B 358 -28.02 13.44 -11.82
N SER B 359 -27.68 14.71 -12.00
CA SER B 359 -26.29 15.15 -11.89
C SER B 359 -25.90 15.17 -10.41
N PHE B 360 -24.93 14.35 -10.04
CA PHE B 360 -24.53 14.26 -8.64
C PHE B 360 -23.92 15.57 -8.16
N GLN B 361 -24.48 16.12 -7.09
CA GLN B 361 -23.99 17.35 -6.50
C GLN B 361 -23.34 17.14 -5.14
N GLY B 362 -23.49 15.96 -4.55
CA GLY B 362 -23.08 15.70 -3.18
C GLY B 362 -24.17 14.87 -2.53
N SER B 363 -23.82 14.24 -1.41
CA SER B 363 -24.75 13.32 -0.77
C SER B 363 -25.62 14.00 0.28
N THR B 364 -25.36 15.26 0.59
CA THR B 364 -26.06 15.94 1.67
C THR B 364 -27.21 16.82 1.18
N PHE B 365 -27.51 16.82 -0.12
CA PHE B 365 -28.47 17.74 -0.70
C PHE B 365 -29.88 17.16 -0.77
N ASP B 366 -30.22 16.25 0.12
CA ASP B 366 -31.61 15.76 0.26
C ASP B 366 -32.04 15.71 1.72
N ILE B 367 -31.33 16.41 2.61
CA ILE B 367 -31.62 16.30 4.04
C ILE B 367 -32.95 16.97 4.38
N THR B 368 -33.19 18.17 3.85
CA THR B 368 -34.45 18.90 4.03
C THR B 368 -34.74 19.15 5.52
N LEU B 369 -33.86 19.97 6.11
CA LEU B 369 -33.98 20.35 7.50
C LEU B 369 -35.24 21.19 7.74
N ALA B 370 -35.62 21.29 9.00
CA ALA B 370 -36.73 22.13 9.41
C ALA B 370 -36.29 23.59 9.44
N LYS B 371 -37.29 24.49 9.34
CA LYS B 371 -36.99 25.92 9.30
C LYS B 371 -36.35 26.39 10.60
N GLU B 372 -36.82 25.87 11.74
CA GLU B 372 -36.27 26.30 13.03
C GLU B 372 -34.81 25.89 13.18
N ASP B 373 -34.41 24.77 12.57
CA ASP B 373 -33.05 24.26 12.77
C ASP B 373 -32.01 25.06 12.00
N MET B 374 -32.40 25.71 10.90
CA MET B 374 -31.44 26.37 10.03
C MET B 374 -31.05 27.76 10.50
N GLN B 375 -31.67 28.28 11.57
CA GLN B 375 -31.33 29.62 12.04
C GLN B 375 -30.01 29.59 12.81
N PHE B 376 -29.13 30.54 12.49
CA PHE B 376 -27.87 30.66 13.22
C PHE B 376 -28.13 31.06 14.67
N GLN B 377 -27.22 30.63 15.55
CA GLN B 377 -27.33 30.90 16.98
C GLN B 377 -27.47 32.38 17.29
N THR C 2 12.34 2.07 22.22
CA THR C 2 12.78 1.27 21.09
C THR C 2 13.79 0.22 21.53
N VAL C 3 13.50 -1.05 21.27
CA VAL C 3 14.38 -2.16 21.58
C VAL C 3 14.96 -2.64 20.26
N THR C 4 16.26 -2.45 20.06
CA THR C 4 16.92 -2.80 18.81
C THR C 4 17.63 -4.14 18.95
N TYR C 5 17.28 -5.09 18.08
CA TYR C 5 17.95 -6.38 18.02
C TYR C 5 18.38 -6.72 16.60
N THR C 6 18.65 -5.70 15.78
CA THR C 6 19.01 -5.92 14.38
C THR C 6 20.30 -6.71 14.25
N ALA C 7 21.28 -6.40 15.10
CA ALA C 7 22.56 -7.12 15.07
C ALA C 7 22.36 -8.60 15.41
N ARG C 8 21.45 -8.89 16.33
CA ARG C 8 21.20 -10.28 16.71
C ARG C 8 20.57 -11.08 15.60
N VAL C 9 19.93 -10.43 14.62
CA VAL C 9 19.24 -11.13 13.55
C VAL C 9 19.84 -10.75 12.22
N ALA C 10 21.07 -10.25 12.23
CA ALA C 10 21.79 -9.98 10.98
C ALA C 10 21.79 -11.20 10.06
N ASN C 11 22.07 -12.38 10.61
CA ASN C 11 22.10 -13.61 9.83
C ASN C 11 21.04 -14.59 10.36
N ALA C 12 20.51 -15.39 9.44
CA ALA C 12 19.62 -16.48 9.83
C ALA C 12 20.45 -17.66 10.29
N ARG C 13 20.59 -17.81 11.60
CA ARG C 13 21.45 -18.83 12.20
C ARG C 13 20.59 -19.90 12.85
N PHE C 14 21.25 -20.99 13.26
CA PHE C 14 20.55 -22.10 13.90
C PHE C 14 19.86 -21.64 15.18
N GLY C 15 20.53 -20.81 15.97
CA GLY C 15 19.89 -20.24 17.14
C GLY C 15 18.67 -19.41 16.78
N GLY C 16 18.82 -18.53 15.79
CA GLY C 16 17.71 -17.80 15.21
C GLY C 16 16.94 -16.93 16.17
N PHE C 17 15.63 -17.15 16.24
CA PHE C 17 14.76 -16.38 17.14
C PHE C 17 14.69 -16.99 18.53
N SER C 18 15.26 -18.18 18.71
CA SER C 18 15.28 -18.79 20.04
C SER C 18 16.08 -17.94 21.02
N GLN C 19 17.20 -17.37 20.58
CA GLN C 19 17.94 -16.46 21.45
C GLN C 19 17.16 -15.19 21.74
N LEU C 20 16.37 -14.71 20.77
CA LEU C 20 15.48 -13.59 21.03
C LEU C 20 14.44 -13.93 22.09
N LEU C 21 14.08 -15.21 22.18
CA LEU C 21 13.15 -15.65 23.23
C LEU C 21 13.73 -15.48 24.62
N LEU C 22 15.03 -15.24 24.76
CA LEU C 22 15.67 -15.03 26.05
C LEU C 22 15.76 -13.56 26.44
N LEU C 23 15.18 -12.66 25.65
CA LEU C 23 15.23 -11.23 25.92
C LEU C 23 14.09 -10.82 26.84
N TRP C 24 14.34 -9.81 27.68
CA TRP C 24 13.38 -9.35 28.66
C TRP C 24 12.83 -7.96 28.37
N ARG C 25 13.69 -7.01 28.01
CA ARG C 25 13.23 -5.65 27.75
C ARG C 25 12.41 -5.61 26.47
N GLY C 26 11.21 -5.02 26.56
CA GLY C 26 10.31 -4.99 25.43
C GLY C 26 9.79 -6.34 25.01
N SER C 27 9.71 -7.29 25.93
CA SER C 27 9.40 -8.67 25.58
C SER C 27 7.97 -9.03 25.94
N ILE C 28 7.53 -10.16 25.38
CA ILE C 28 6.18 -10.67 25.65
C ILE C 28 6.04 -11.04 27.12
N TYR C 29 7.10 -11.58 27.73
CA TYR C 29 7.04 -11.91 29.15
C TYR C 29 6.77 -10.67 29.99
N LYS C 30 7.53 -9.60 29.74
CA LYS C 30 7.35 -8.37 30.49
C LYS C 30 5.97 -7.77 30.24
N LEU C 31 5.47 -7.86 29.01
CA LEU C 31 4.16 -7.31 28.70
C LEU C 31 3.01 -8.17 29.21
N LEU C 32 3.24 -9.44 29.51
CA LEU C 32 2.13 -10.38 29.67
C LEU C 32 2.16 -11.23 30.94
N TRP C 33 3.17 -11.10 31.80
CA TRP C 33 3.26 -12.03 32.92
C TRP C 33 2.12 -11.81 33.93
N ARG C 34 1.70 -10.56 34.11
CA ARG C 34 0.58 -10.29 35.03
C ARG C 34 -0.71 -10.93 34.54
N GLU C 35 -1.01 -10.77 33.25
CA GLU C 35 -2.20 -11.39 32.67
C GLU C 35 -2.12 -12.91 32.71
N LEU C 36 -0.94 -13.46 32.45
CA LEU C 36 -0.77 -14.91 32.53
C LEU C 36 -1.00 -15.40 33.95
N LEU C 37 -0.50 -14.67 34.94
CA LEU C 37 -0.71 -15.02 36.34
C LEU C 37 -2.19 -14.97 36.69
N CYS C 38 -2.91 -13.95 36.22
CA CYS C 38 -4.34 -13.85 36.51
C CYS C 38 -5.11 -14.99 35.87
N PHE C 39 -4.80 -15.31 34.62
CA PHE C 39 -5.48 -16.42 33.93
C PHE C 39 -5.22 -17.73 34.66
N LEU C 40 -3.97 -17.97 35.04
CA LEU C 40 -3.64 -19.19 35.77
C LEU C 40 -4.33 -19.22 37.12
N GLY C 41 -4.47 -18.07 37.77
CA GLY C 41 -5.15 -18.01 39.05
C GLY C 41 -6.62 -18.38 38.93
N PHE C 42 -7.30 -17.82 37.92
CA PHE C 42 -8.70 -18.19 37.72
C PHE C 42 -8.84 -19.67 37.39
N TYR C 43 -7.96 -20.18 36.52
CA TYR C 43 -8.04 -21.59 36.14
C TYR C 43 -7.82 -22.49 37.35
N MET C 44 -6.83 -22.17 38.18
CA MET C 44 -6.54 -22.98 39.35
C MET C 44 -7.62 -22.85 40.42
N ALA C 45 -8.26 -21.69 40.53
CA ALA C 45 -9.37 -21.55 41.45
C ALA C 45 -10.54 -22.45 41.03
N LEU C 46 -10.86 -22.44 39.74
CA LEU C 46 -11.91 -23.33 39.24
C LEU C 46 -11.53 -24.80 39.45
N SER C 47 -10.28 -25.15 39.17
CA SER C 47 -9.83 -26.53 39.32
C SER C 47 -9.90 -26.97 40.78
N ALA C 48 -9.47 -26.12 41.70
CA ALA C 48 -9.51 -26.46 43.12
C ALA C 48 -10.95 -26.60 43.60
N ALA C 49 -11.84 -25.70 43.16
CA ALA C 49 -13.24 -25.83 43.54
C ALA C 49 -13.83 -27.14 43.04
N TYR C 50 -13.55 -27.50 41.78
CA TYR C 50 -14.06 -28.74 41.23
C TYR C 50 -13.50 -29.96 41.96
N ARG C 51 -12.22 -29.91 42.31
CA ARG C 51 -11.57 -31.08 42.91
C ARG C 51 -11.94 -31.27 44.37
N PHE C 52 -12.17 -30.18 45.11
CA PHE C 52 -12.24 -30.29 46.57
C PHE C 52 -13.52 -29.75 47.18
N VAL C 53 -14.26 -28.89 46.50
CA VAL C 53 -15.41 -28.21 47.09
C VAL C 53 -16.73 -28.79 46.61
N LEU C 54 -16.84 -29.04 45.30
CA LEU C 54 -18.11 -29.46 44.73
C LEU C 54 -18.51 -30.85 45.22
N THR C 55 -19.82 -31.06 45.36
CA THR C 55 -20.37 -32.38 45.65
C THR C 55 -20.38 -33.21 44.37
N GLU C 56 -20.92 -34.43 44.47
CA GLU C 56 -20.91 -35.32 43.30
C GLU C 56 -21.83 -34.78 42.20
N GLY C 57 -23.04 -34.38 42.55
CA GLY C 57 -23.95 -33.83 41.55
C GLY C 57 -23.44 -32.52 40.98
N GLN C 58 -22.87 -31.68 41.83
CA GLN C 58 -22.27 -30.43 41.36
C GLN C 58 -21.11 -30.70 40.41
N LYS C 59 -20.31 -31.74 40.69
CA LYS C 59 -19.23 -32.11 39.79
C LYS C 59 -19.76 -32.63 38.46
N ARG C 60 -20.87 -33.38 38.49
CA ARG C 60 -21.46 -33.83 37.24
C ARG C 60 -21.94 -32.66 36.40
N TYR C 61 -22.62 -31.70 37.04
CA TYR C 61 -23.07 -30.51 36.32
C TYR C 61 -21.87 -29.70 35.80
N PHE C 62 -20.80 -29.61 36.60
CA PHE C 62 -19.61 -28.89 36.18
C PHE C 62 -18.96 -29.56 34.98
N GLU C 63 -18.93 -30.89 34.96
CA GLU C 63 -18.39 -31.61 33.81
C GLU C 63 -19.24 -31.37 32.56
N LYS C 64 -20.56 -31.39 32.71
CA LYS C 64 -21.42 -31.06 31.57
C LYS C 64 -21.15 -29.65 31.06
N LEU C 65 -21.00 -28.69 31.98
CA LEU C 65 -20.73 -27.32 31.59
C LEU C 65 -19.38 -27.19 30.89
N VAL C 66 -18.36 -27.90 31.38
CA VAL C 66 -17.04 -27.86 30.76
C VAL C 66 -17.10 -28.42 29.35
N ILE C 67 -17.80 -29.54 29.17
CA ILE C 67 -17.92 -30.15 27.85
C ILE C 67 -18.65 -29.20 26.91
N TYR C 68 -19.72 -28.55 27.39
CA TYR C 68 -20.45 -27.59 26.58
C TYR C 68 -19.57 -26.42 26.18
N CYS C 69 -18.82 -25.87 27.13
CA CYS C 69 -18.06 -24.65 26.88
C CYS C 69 -16.83 -24.91 26.03
N ASP C 70 -16.32 -26.14 26.04
CA ASP C 70 -15.17 -26.47 25.19
C ASP C 70 -15.52 -26.42 23.71
N GLN C 71 -16.81 -26.48 23.37
CA GLN C 71 -17.21 -26.45 21.96
C GLN C 71 -17.06 -25.05 21.37
N TYR C 72 -17.10 -24.01 22.20
CA TYR C 72 -17.06 -22.65 21.71
C TYR C 72 -15.67 -22.03 21.79
N ALA C 73 -14.64 -22.81 22.11
CA ALA C 73 -13.27 -22.32 22.09
C ALA C 73 -12.76 -22.29 20.65
N SER C 74 -13.43 -21.47 19.84
CA SER C 74 -13.13 -21.37 18.41
C SER C 74 -11.98 -20.38 18.24
N LEU C 75 -10.85 -20.89 17.74
CA LEU C 75 -9.64 -20.08 17.61
C LEU C 75 -9.52 -19.43 16.23
N ILE C 76 -10.22 -19.96 15.24
CA ILE C 76 -10.09 -19.44 13.87
C ILE C 76 -10.59 -18.01 13.74
N PRO C 77 -11.81 -17.66 14.21
CA PRO C 77 -12.24 -16.26 14.06
C PRO C 77 -11.39 -15.25 14.83
N VAL C 78 -10.95 -15.61 16.03
CA VAL C 78 -10.09 -14.69 16.78
C VAL C 78 -8.75 -14.55 16.08
N SER C 79 -8.26 -15.62 15.47
CA SER C 79 -7.06 -15.50 14.65
C SER C 79 -7.28 -14.51 13.50
N PHE C 80 -8.42 -14.62 12.82
CA PHE C 80 -8.74 -13.69 11.74
C PHE C 80 -8.69 -12.24 12.22
N VAL C 81 -9.45 -11.96 13.28
CA VAL C 81 -9.62 -10.58 13.71
C VAL C 81 -8.31 -10.03 14.28
N LEU C 82 -7.55 -10.87 14.99
CA LEU C 82 -6.26 -10.44 15.50
C LEU C 82 -5.30 -10.13 14.37
N GLY C 83 -5.26 -10.99 13.35
CA GLY C 83 -4.37 -10.73 12.24
C GLY C 83 -4.66 -9.42 11.56
N PHE C 84 -5.94 -9.19 11.23
CA PHE C 84 -6.29 -7.95 10.52
C PHE C 84 -6.03 -6.73 11.39
N TYR C 85 -6.49 -6.76 12.65
CA TYR C 85 -6.36 -5.61 13.53
C TYR C 85 -4.90 -5.28 13.83
N VAL C 86 -4.09 -6.31 14.11
CA VAL C 86 -2.69 -6.09 14.42
C VAL C 86 -1.94 -5.61 13.19
N THR C 87 -2.28 -6.13 12.01
CA THR C 87 -1.64 -5.63 10.79
C THR C 87 -1.94 -4.14 10.60
N LEU C 88 -3.20 -3.75 10.80
CA LEU C 88 -3.55 -2.33 10.71
C LEU C 88 -2.76 -1.50 11.72
N VAL C 89 -2.69 -1.98 12.96
CA VAL C 89 -2.01 -1.22 14.01
C VAL C 89 -0.53 -1.08 13.70
N VAL C 90 0.12 -2.14 13.22
CA VAL C 90 1.55 -2.10 12.97
C VAL C 90 1.86 -1.20 11.77
N ASN C 91 1.04 -1.26 10.72
CA ASN C 91 1.23 -0.35 9.59
C ASN C 91 1.06 1.09 10.03
N ARG C 92 0.05 1.38 10.86
CA ARG C 92 -0.15 2.72 11.37
C ARG C 92 1.03 3.16 12.24
N TRP C 93 1.60 2.23 13.00
CA TRP C 93 2.74 2.53 13.84
C TRP C 93 3.95 2.92 13.02
N TRP C 94 4.23 2.18 11.94
CA TRP C 94 5.36 2.55 11.08
C TRP C 94 5.10 3.87 10.37
N SER C 95 3.85 4.11 9.95
CA SER C 95 3.52 5.39 9.35
C SER C 95 3.75 6.54 10.33
N GLN C 96 3.36 6.33 11.59
CA GLN C 96 3.58 7.34 12.62
C GLN C 96 5.06 7.62 12.81
N TYR C 97 5.89 6.58 12.79
CA TYR C 97 7.33 6.82 12.86
C TYR C 97 7.80 7.62 11.66
N LEU C 98 7.31 7.30 10.47
CA LEU C 98 7.71 8.03 9.27
C LEU C 98 7.21 9.47 9.28
N CYS C 99 6.22 9.80 10.11
CA CYS C 99 5.70 11.15 10.21
C CYS C 99 6.47 12.02 11.19
N MET C 100 7.52 11.50 11.81
CA MET C 100 8.32 12.29 12.74
C MET C 100 9.09 13.37 11.98
N PRO C 101 8.99 14.63 12.40
CA PRO C 101 9.67 15.71 11.67
C PRO C 101 11.18 15.67 11.91
N LEU C 102 11.95 15.66 10.82
CA LEU C 102 13.39 15.64 10.88
C LEU C 102 13.97 16.89 10.23
N PRO C 103 14.99 17.49 10.82
CA PRO C 103 15.55 18.74 10.30
C PRO C 103 16.70 18.58 9.30
N ASP C 104 16.94 17.37 8.79
CA ASP C 104 18.13 17.16 7.97
C ASP C 104 18.02 17.86 6.62
N ALA C 105 16.87 17.72 5.95
CA ALA C 105 16.68 18.39 4.67
C ALA C 105 16.73 19.90 4.83
N LEU C 106 16.05 20.43 5.85
CA LEU C 106 16.06 21.86 6.09
C LEU C 106 17.46 22.35 6.42
N MET C 107 18.23 21.58 7.20
CA MET C 107 19.57 22.03 7.58
C MET C 107 20.50 22.02 6.38
N CYS C 108 20.37 21.04 5.48
CA CYS C 108 21.17 21.04 4.27
C CYS C 108 20.82 22.25 3.40
N VAL C 109 19.52 22.54 3.24
CA VAL C 109 19.11 23.68 2.43
C VAL C 109 19.57 24.99 3.05
N VAL C 110 19.47 25.11 4.38
CA VAL C 110 19.88 26.34 5.05
C VAL C 110 21.38 26.55 4.92
N ALA C 111 22.17 25.49 5.13
CA ALA C 111 23.61 25.60 4.98
C ALA C 111 23.99 25.96 3.55
N GLY C 112 23.24 25.48 2.57
CA GLY C 112 23.54 25.81 1.19
C GLY C 112 22.99 27.12 0.66
N THR C 113 22.00 27.71 1.33
CA THR C 113 21.31 28.87 0.78
C THR C 113 21.32 30.12 1.65
N VAL C 114 21.46 30.00 2.97
CA VAL C 114 21.48 31.17 3.85
C VAL C 114 22.93 31.50 4.13
N HIS C 115 23.40 32.63 3.63
CA HIS C 115 24.83 32.91 3.53
C HIS C 115 25.25 34.03 4.46
N GLY C 116 26.56 34.08 4.70
CA GLY C 116 27.15 35.04 5.61
C GLY C 116 27.91 34.37 6.74
N ARG C 117 29.22 34.58 6.77
CA ARG C 117 30.05 34.04 7.84
C ARG C 117 29.99 34.90 9.10
N ASP C 118 29.33 36.06 9.04
CA ASP C 118 29.29 36.97 10.16
C ASP C 118 28.17 36.58 11.14
N ASP C 119 28.05 37.37 12.20
CA ASP C 119 27.09 37.09 13.26
C ASP C 119 25.66 37.12 12.74
N ARG C 120 25.35 38.00 11.77
CA ARG C 120 23.99 38.08 11.26
C ARG C 120 23.62 36.82 10.47
N GLY C 121 24.54 36.32 9.64
CA GLY C 121 24.28 35.07 8.94
C GLY C 121 24.15 33.90 9.89
N ARG C 122 25.03 33.85 10.91
CA ARG C 122 24.90 32.82 11.93
C ARG C 122 23.54 32.90 12.62
N LEU C 123 23.09 34.11 12.95
CA LEU C 123 21.80 34.29 13.59
C LEU C 123 20.68 33.80 12.70
N TYR C 124 20.73 34.14 11.41
CA TYR C 124 19.69 33.71 10.48
C TYR C 124 19.60 32.19 10.43
N ARG C 125 20.74 31.53 10.20
CA ARG C 125 20.74 30.07 10.07
C ARG C 125 20.27 29.40 11.36
N ARG C 126 20.84 29.83 12.49
CA ARG C 126 20.50 29.22 13.77
C ARG C 126 19.05 29.45 14.13
N THR C 127 18.52 30.64 13.81
CA THR C 127 17.13 30.93 14.15
C THR C 127 16.17 30.13 13.28
N LEU C 128 16.48 29.94 12.00
CA LEU C 128 15.64 29.11 11.16
C LEU C 128 15.61 27.67 11.68
N MET C 129 16.79 27.12 11.99
CA MET C 129 16.83 25.75 12.47
C MET C 129 16.18 25.62 13.83
N ARG C 130 16.31 26.63 14.68
CA ARG C 130 15.67 26.61 15.98
C ARG C 130 14.16 26.72 15.86
N TYR C 131 13.66 27.46 14.87
CA TYR C 131 12.22 27.50 14.62
C TYR C 131 11.71 26.12 14.23
N ALA C 132 12.43 25.42 13.35
CA ALA C 132 12.02 24.06 13.00
C ALA C 132 12.04 23.15 14.22
N GLY C 133 13.11 23.23 15.01
CA GLY C 133 13.20 22.41 16.22
C GLY C 133 12.11 22.75 17.22
N LEU C 134 11.72 24.02 17.30
CA LEU C 134 10.68 24.45 18.23
C LEU C 134 9.32 23.92 17.81
N SER C 135 9.03 23.96 16.51
CA SER C 135 7.79 23.33 16.03
C SER C 135 7.77 21.85 16.37
N ALA C 136 8.89 21.17 16.15
CA ALA C 136 8.97 19.75 16.49
C ALA C 136 8.75 19.52 17.98
N VAL C 137 9.36 20.36 18.82
CA VAL C 137 9.21 20.22 20.27
C VAL C 137 7.77 20.44 20.69
N LEU C 138 7.11 21.45 20.12
CA LEU C 138 5.72 21.74 20.49
C LEU C 138 4.81 20.58 20.12
N ILE C 139 4.93 20.06 18.89
CA ILE C 139 4.07 18.95 18.50
C ILE C 139 4.40 17.70 19.32
N LEU C 140 5.68 17.49 19.64
CA LEU C 140 6.05 16.29 20.39
C LEU C 140 5.58 16.36 21.83
N ARG C 141 5.61 17.54 22.44
CA ARG C 141 5.05 17.66 23.79
C ARG C 141 3.53 17.61 23.76
N SER C 142 2.92 17.89 22.61
CA SER C 142 1.49 17.69 22.48
C SER C 142 1.11 16.22 22.35
N VAL C 143 1.95 15.41 21.71
CA VAL C 143 1.55 14.04 21.37
C VAL C 143 2.25 12.94 22.17
N SER C 144 3.35 13.25 22.87
CA SER C 144 4.18 12.22 23.51
C SER C 144 4.25 12.47 25.00
N THR C 145 3.96 11.43 25.79
CA THR C 145 3.96 11.57 27.25
C THR C 145 5.36 11.88 27.79
N ALA C 146 6.39 11.24 27.23
CA ALA C 146 7.76 11.49 27.68
C ALA C 146 8.17 12.93 27.40
N VAL C 147 7.86 13.43 26.20
CA VAL C 147 8.22 14.79 25.86
C VAL C 147 7.43 15.78 26.69
N PHE C 148 6.16 15.48 26.98
CA PHE C 148 5.40 16.36 27.87
C PHE C 148 5.98 16.37 29.27
N LYS C 149 6.41 15.21 29.77
CA LYS C 149 7.04 15.17 31.09
C LYS C 149 8.34 15.95 31.11
N ARG C 150 9.07 15.96 30.01
CA ARG C 150 10.29 16.76 29.92
C ARG C 150 9.98 18.25 29.80
N PHE C 151 8.91 18.62 29.10
CA PHE C 151 8.52 20.02 28.89
C PHE C 151 7.07 20.20 29.32
N PRO C 152 6.78 20.11 30.62
CA PRO C 152 5.39 20.27 31.06
C PRO C 152 4.82 21.65 30.82
N THR C 153 5.66 22.68 30.66
CA THR C 153 5.19 24.04 30.46
C THR C 153 6.00 24.73 29.38
N ILE C 154 5.37 25.75 28.78
CA ILE C 154 6.08 26.63 27.86
C ILE C 154 7.24 27.32 28.57
N ASP C 155 7.14 27.48 29.89
CA ASP C 155 8.29 27.96 30.66
C ASP C 155 9.45 26.99 30.55
N HIS C 156 9.17 25.68 30.64
CA HIS C 156 10.22 24.69 30.44
C HIS C 156 10.77 24.75 29.03
N VAL C 157 9.90 24.94 28.03
CA VAL C 157 10.37 25.04 26.65
C VAL C 157 11.31 26.23 26.48
N VAL C 158 10.96 27.37 27.07
CA VAL C 158 11.79 28.56 26.98
C VAL C 158 13.11 28.34 27.70
N GLU C 159 13.06 27.75 28.90
CA GLU C 159 14.28 27.53 29.67
C GLU C 159 15.20 26.52 29.01
N ALA C 160 14.65 25.64 28.18
CA ALA C 160 15.46 24.69 27.44
C ALA C 160 16.20 25.31 26.27
N GLY C 161 15.87 26.54 25.90
CA GLY C 161 16.54 27.23 24.81
C GLY C 161 15.86 27.16 23.47
N PHE C 162 14.80 26.35 23.33
CA PHE C 162 14.12 26.25 22.05
C PHE C 162 13.34 27.51 21.73
N MET C 163 12.90 28.24 22.77
CA MET C 163 12.17 29.48 22.63
C MET C 163 12.87 30.58 23.41
N THR C 164 12.83 31.80 22.89
CA THR C 164 13.34 32.95 23.62
C THR C 164 12.19 33.64 24.35
N ARG C 165 12.55 34.63 25.17
CA ARG C 165 11.54 35.32 25.97
C ARG C 165 10.64 36.19 25.10
N GLU C 166 11.23 36.91 24.13
CA GLU C 166 10.41 37.73 23.24
C GLU C 166 9.51 36.84 22.37
N GLU C 167 10.05 35.74 21.87
CA GLU C 167 9.24 34.80 21.11
C GLU C 167 8.12 34.23 21.95
N ARG C 168 8.39 33.97 23.24
CA ARG C 168 7.35 33.51 24.14
C ARG C 168 6.28 34.58 24.34
N LYS C 169 6.69 35.85 24.44
CA LYS C 169 5.72 36.93 24.58
C LYS C 169 4.78 36.96 23.39
N LYS C 170 5.34 36.91 22.17
CA LYS C 170 4.51 36.90 20.97
C LYS C 170 3.63 35.65 20.91
N PHE C 171 4.20 34.50 21.28
CA PHE C 171 3.50 33.22 21.23
C PHE C 171 2.28 33.24 22.16
N GLU C 172 2.46 33.77 23.37
CA GLU C 172 1.34 33.88 24.30
C GLU C 172 0.36 34.97 23.89
N ASN C 173 0.83 36.05 23.27
CA ASN C 173 -0.08 37.11 22.85
C ASN C 173 -0.89 36.72 21.63
N LEU C 174 -0.50 35.68 20.91
CA LEU C 174 -1.34 35.16 19.84
C LEU C 174 -2.65 34.62 20.43
N ASN C 175 -3.77 35.02 19.83
CA ASN C 175 -5.09 34.67 20.34
C ASN C 175 -5.64 33.49 19.55
N SER C 176 -5.49 32.29 20.11
CA SER C 176 -5.95 31.07 19.46
C SER C 176 -6.27 30.04 20.53
N SER C 177 -7.39 29.36 20.36
CA SER C 177 -7.79 28.26 21.25
C SER C 177 -7.29 26.92 20.77
N TYR C 178 -6.49 26.88 19.71
CA TYR C 178 -5.97 25.65 19.14
C TYR C 178 -4.48 25.54 19.35
N ASN C 179 -3.96 24.34 19.12
CA ASN C 179 -2.53 24.08 19.34
C ASN C 179 -1.69 24.93 18.39
N LYS C 180 -0.63 25.54 18.92
CA LYS C 180 0.16 26.54 18.20
C LYS C 180 1.49 25.99 17.70
N TYR C 181 1.55 24.70 17.35
CA TYR C 181 2.81 24.12 16.88
C TYR C 181 3.24 24.71 15.54
N TRP C 182 2.30 25.28 14.78
CA TRP C 182 2.58 25.86 13.47
C TRP C 182 3.17 27.25 13.54
N VAL C 183 3.11 27.89 14.71
CA VAL C 183 3.58 29.27 14.84
C VAL C 183 5.07 29.40 14.50
N PRO C 184 5.98 28.54 14.99
CA PRO C 184 7.37 28.64 14.55
C PRO C 184 7.55 28.38 13.06
N CYS C 185 6.66 27.62 12.43
CA CYS C 185 6.76 27.45 10.98
C CYS C 185 6.41 28.74 10.24
N VAL C 186 5.38 29.45 10.72
CA VAL C 186 5.08 30.75 10.13
C VAL C 186 6.22 31.74 10.38
N TRP C 187 6.84 31.65 11.57
CA TRP C 187 8.02 32.46 11.85
C TRP C 187 9.15 32.13 10.89
N PHE C 188 9.35 30.85 10.60
CA PHE C 188 10.37 30.42 9.64
C PHE C 188 10.09 31.03 8.27
N SER C 189 8.84 30.99 7.84
CA SER C 189 8.48 31.56 6.53
C SER C 189 8.78 33.05 6.48
N ASN C 190 8.38 33.79 7.52
CA ASN C 190 8.62 35.22 7.55
C ASN C 190 10.12 35.53 7.58
N LEU C 191 10.89 34.75 8.36
CA LEU C 191 12.32 34.99 8.46
C LEU C 191 13.04 34.68 7.15
N ALA C 192 12.61 33.63 6.45
CA ALA C 192 13.18 33.32 5.15
C ALA C 192 12.87 34.43 4.15
N ALA C 193 11.65 34.96 4.18
CA ALA C 193 11.32 36.10 3.33
C ALA C 193 12.21 37.30 3.65
N GLN C 194 12.43 37.57 4.94
CA GLN C 194 13.30 38.68 5.33
C GLN C 194 14.73 38.46 4.85
N ALA C 195 15.24 37.23 4.99
CA ALA C 195 16.60 36.94 4.56
C ALA C 195 16.75 37.09 3.05
N ARG C 196 15.75 36.66 2.29
CA ARG C 196 15.78 36.87 0.84
C ARG C 196 15.74 38.34 0.50
N ARG C 197 14.92 39.12 1.22
CA ARG C 197 14.85 40.55 0.99
C ARG C 197 16.19 41.23 1.26
N GLU C 198 16.89 40.78 2.30
CA GLU C 198 18.17 41.37 2.66
C GLU C 198 19.32 40.89 1.79
N GLY C 199 19.09 39.91 0.92
CA GLY C 199 20.16 39.36 0.10
C GLY C 199 20.97 38.26 0.75
N ARG C 200 20.64 37.88 1.99
CA ARG C 200 21.30 36.72 2.60
C ARG C 200 20.96 35.45 1.82
N ILE C 201 19.72 35.32 1.38
CA ILE C 201 19.33 34.30 0.42
C ILE C 201 19.49 34.92 -0.97
N ARG C 202 20.35 34.30 -1.79
CA ARG C 202 20.78 34.95 -3.03
C ARG C 202 19.82 34.76 -4.19
N ASP C 203 18.85 33.86 -4.10
CA ASP C 203 17.97 33.65 -5.25
C ASP C 203 16.58 33.20 -4.82
N ASN C 204 15.62 33.55 -5.68
CA ASN C 204 14.23 33.17 -5.46
C ASN C 204 14.06 31.67 -5.50
N SER C 205 14.87 30.97 -6.32
CA SER C 205 14.81 29.51 -6.33
CA SER C 205 14.82 29.52 -6.33
C SER C 205 15.25 28.94 -4.99
N ALA C 206 16.28 29.52 -4.37
CA ALA C 206 16.71 29.09 -3.05
C ALA C 206 15.61 29.34 -2.02
N LEU C 207 14.95 30.50 -2.12
CA LEU C 207 13.84 30.77 -1.20
C LEU C 207 12.70 29.77 -1.40
N LYS C 208 12.39 29.43 -2.64
CA LYS C 208 11.34 28.47 -2.92
C LYS C 208 11.70 27.09 -2.36
N LEU C 209 12.95 26.67 -2.51
CA LEU C 209 13.39 25.39 -1.96
C LEU C 209 13.28 25.39 -0.44
N LEU C 210 13.68 26.49 0.20
CA LEU C 210 13.55 26.61 1.64
C LEU C 210 12.09 26.47 2.07
N LEU C 211 11.18 27.16 1.37
CA LEU C 211 9.77 27.09 1.74
C LEU C 211 9.18 25.72 1.48
N GLU C 212 9.64 25.02 0.43
CA GLU C 212 9.17 23.67 0.17
C GLU C 212 9.59 22.71 1.28
N GLU C 213 10.86 22.79 1.71
CA GLU C 213 11.30 21.92 2.79
C GLU C 213 10.61 22.27 4.10
N LEU C 214 10.36 23.56 4.33
CA LEU C 214 9.60 23.97 5.51
C LEU C 214 8.20 23.39 5.48
N ASN C 215 7.55 23.39 4.32
CA ASN C 215 6.22 22.83 4.23
C ASN C 215 6.22 21.32 4.44
N VAL C 216 7.26 20.64 3.97
CA VAL C 216 7.37 19.19 4.25
C VAL C 216 7.48 18.95 5.76
N PHE C 217 8.33 19.73 6.43
CA PHE C 217 8.52 19.58 7.87
C PHE C 217 7.22 19.86 8.62
N ARG C 218 6.53 20.95 8.26
CA ARG C 218 5.28 21.30 8.91
C ARG C 218 4.21 20.26 8.64
N GLY C 219 4.20 19.70 7.43
CA GLY C 219 3.26 18.62 7.13
C GLY C 219 3.49 17.40 7.99
N LYS C 220 4.75 17.06 8.23
CA LYS C 220 5.04 15.95 9.13
C LYS C 220 4.57 16.24 10.56
N CYS C 221 4.77 17.47 11.03
CA CYS C 221 4.26 17.84 12.36
C CYS C 221 2.74 17.71 12.41
N GLY C 222 2.06 18.21 11.38
CA GLY C 222 0.61 18.11 11.34
C GLY C 222 0.13 16.67 11.25
N MET C 223 0.89 15.82 10.55
CA MET C 223 0.54 14.40 10.48
C MET C 223 0.67 13.74 11.85
N LEU C 224 1.70 14.12 12.62
CA LEU C 224 1.79 13.64 14.00
C LEU C 224 0.56 14.07 14.80
N PHE C 225 0.15 15.33 14.65
CA PHE C 225 -1.06 15.79 15.36
C PHE C 225 -2.28 14.97 14.94
N HIS C 226 -2.42 14.70 13.65
CA HIS C 226 -3.57 13.96 13.16
C HIS C 226 -3.58 12.53 13.69
N TYR C 227 -2.42 11.89 13.74
CA TYR C 227 -2.34 10.55 14.30
C TYR C 227 -2.69 10.55 15.78
N ASP C 228 -2.24 11.57 16.51
CA ASP C 228 -2.60 11.68 17.92
C ASP C 228 -4.10 11.88 18.11
N TRP C 229 -4.72 12.66 17.24
CA TRP C 229 -6.14 12.99 17.40
C TRP C 229 -7.03 11.83 16.96
N ILE C 230 -6.85 11.34 15.75
CA ILE C 230 -7.72 10.30 15.18
C ILE C 230 -7.16 8.96 15.61
N SER C 231 -7.72 8.41 16.70
CA SER C 231 -7.30 7.11 17.18
C SER C 231 -7.83 6.01 16.28
N VAL C 232 -7.25 4.81 16.44
CA VAL C 232 -7.80 3.60 15.85
C VAL C 232 -9.22 3.46 16.37
N PRO C 233 -10.20 3.14 15.52
CA PRO C 233 -11.60 3.11 15.98
C PRO C 233 -11.83 2.32 17.27
N LEU C 234 -12.44 3.00 18.23
CA LEU C 234 -12.71 2.39 19.53
C LEU C 234 -13.60 1.17 19.38
N VAL C 235 -14.54 1.20 18.44
CA VAL C 235 -15.39 0.05 18.21
C VAL C 235 -14.56 -1.15 17.74
N TYR C 236 -13.58 -0.92 16.86
CA TYR C 236 -12.71 -1.99 16.40
C TYR C 236 -11.88 -2.55 17.54
N THR C 237 -11.30 -1.67 18.35
CA THR C 237 -10.48 -2.12 19.48
C THR C 237 -11.31 -2.93 20.47
N GLN C 238 -12.53 -2.46 20.76
CA GLN C 238 -13.40 -3.18 21.67
C GLN C 238 -13.84 -4.52 21.09
N VAL C 239 -14.05 -4.56 19.77
CA VAL C 239 -14.44 -5.81 19.13
C VAL C 239 -13.34 -6.86 19.28
N VAL C 240 -12.09 -6.47 19.00
CA VAL C 240 -11.01 -7.44 19.11
CA VAL C 240 -10.99 -7.42 19.11
C VAL C 240 -10.80 -7.86 20.56
N THR C 241 -10.90 -6.90 21.50
CA THR C 241 -10.74 -7.25 22.91
C THR C 241 -11.83 -8.20 23.37
N ILE C 242 -13.08 -7.95 22.96
CA ILE C 242 -14.19 -8.80 23.37
C ILE C 242 -14.05 -10.18 22.77
N ALA C 243 -13.61 -10.28 21.51
CA ALA C 243 -13.41 -11.59 20.89
C ALA C 243 -12.34 -12.38 21.66
N LEU C 244 -11.22 -11.73 21.97
CA LEU C 244 -10.15 -12.43 22.68
C LEU C 244 -10.62 -12.85 24.07
N TYR C 245 -11.35 -11.98 24.76
CA TYR C 245 -11.81 -12.32 26.10
C TYR C 245 -12.88 -13.41 26.08
N SER C 246 -13.72 -13.44 25.06
CA SER C 246 -14.69 -14.52 24.91
C SER C 246 -13.98 -15.84 24.70
N TYR C 247 -12.96 -15.85 23.84
CA TYR C 247 -12.19 -17.08 23.65
C TYR C 247 -11.52 -17.51 24.95
N PHE C 248 -10.98 -16.55 25.71
CA PHE C 248 -10.30 -16.90 26.94
C PHE C 248 -11.26 -17.41 28.00
N LEU C 249 -12.48 -16.87 28.05
CA LEU C 249 -13.49 -17.40 28.96
C LEU C 249 -13.89 -18.82 28.57
N ALA C 250 -14.10 -19.04 27.27
CA ALA C 250 -14.41 -20.38 26.78
C ALA C 250 -13.31 -21.36 27.15
N CYS C 251 -12.05 -20.95 27.03
CA CYS C 251 -10.94 -21.82 27.42
C CYS C 251 -10.90 -22.02 28.93
N LEU C 252 -11.12 -20.96 29.70
CA LEU C 252 -11.08 -21.04 31.15
C LEU C 252 -12.08 -22.06 31.67
N ILE C 253 -13.25 -22.15 31.02
CA ILE C 253 -14.23 -23.13 31.45
C ILE C 253 -13.97 -24.50 30.83
N GLY C 254 -13.81 -24.57 29.50
CA GLY C 254 -13.79 -25.86 28.82
C GLY C 254 -12.45 -26.57 28.80
N ARG C 255 -11.38 -25.94 29.28
CA ARG C 255 -10.08 -26.59 29.35
C ARG C 255 -9.79 -27.15 30.73
N GLN C 256 -10.79 -27.18 31.62
CA GLN C 256 -10.61 -27.82 32.91
C GLN C 256 -10.41 -29.31 32.73
N PHE C 257 -9.56 -29.90 33.56
CA PHE C 257 -9.32 -31.33 33.52
C PHE C 257 -10.39 -32.05 34.33
N LEU C 258 -11.23 -32.81 33.64
CA LEU C 258 -12.30 -33.56 34.28
C LEU C 258 -11.78 -34.90 34.79
N ASP C 259 -12.51 -35.48 35.72
CA ASP C 259 -12.12 -36.74 36.33
C ASP C 259 -12.05 -37.83 35.27
N PRO C 260 -10.89 -38.48 35.09
CA PRO C 260 -10.82 -39.58 34.10
C PRO C 260 -11.72 -40.76 34.43
N ALA C 261 -12.09 -40.92 35.70
CA ALA C 261 -12.95 -42.04 36.08
C ALA C 261 -14.31 -41.96 35.40
N GLN C 262 -14.80 -40.75 35.13
CA GLN C 262 -16.09 -40.60 34.47
C GLN C 262 -16.06 -41.06 33.02
N GLY C 263 -14.88 -41.20 32.43
CA GLY C 263 -14.76 -41.74 31.08
C GLY C 263 -15.35 -40.87 29.99
N TYR C 264 -15.20 -39.56 30.11
CA TYR C 264 -15.66 -38.66 29.05
C TYR C 264 -14.73 -38.74 27.84
N LYS C 265 -15.32 -38.57 26.66
CA LYS C 265 -14.53 -38.53 25.43
C LYS C 265 -13.55 -37.36 25.48
N ASP C 266 -12.29 -37.63 25.13
CA ASP C 266 -11.20 -36.66 25.13
C ASP C 266 -10.87 -36.14 26.53
N HIS C 267 -11.38 -36.79 27.57
CA HIS C 267 -11.05 -36.46 28.96
C HIS C 267 -10.67 -37.76 29.66
N ASP C 268 -9.39 -38.14 29.53
CA ASP C 268 -8.87 -39.32 30.19
C ASP C 268 -7.52 -39.07 30.84
N LEU C 269 -6.95 -37.88 30.69
CA LEU C 269 -5.67 -37.52 31.27
C LEU C 269 -5.86 -36.27 32.12
N ASP C 270 -5.33 -36.31 33.34
CA ASP C 270 -5.43 -35.20 34.28
C ASP C 270 -4.03 -34.69 34.57
N LEU C 271 -3.57 -33.73 33.77
CA LEU C 271 -2.24 -33.15 33.95
C LEU C 271 -2.19 -32.09 35.05
N CYS C 272 -3.34 -31.54 35.45
CA CYS C 272 -3.48 -30.59 36.55
C CYS C 272 -2.89 -29.24 36.15
N VAL C 273 -2.24 -29.17 35.00
CA VAL C 273 -1.66 -27.93 34.49
C VAL C 273 -1.90 -27.90 32.98
N PRO C 274 -2.69 -26.94 32.49
CA PRO C 274 -2.97 -26.86 31.04
C PRO C 274 -1.84 -26.19 30.28
N ILE C 275 -0.81 -26.98 29.96
CA ILE C 275 0.37 -26.44 29.29
C ILE C 275 0.00 -25.83 27.95
N PHE C 276 -0.79 -26.55 27.16
CA PHE C 276 -1.13 -26.07 25.82
C PHE C 276 -2.13 -24.93 25.87
N THR C 277 -3.04 -24.92 26.84
CA THR C 277 -3.93 -23.78 27.00
C THR C 277 -3.16 -22.54 27.42
N LEU C 278 -2.16 -22.71 28.30
CA LEU C 278 -1.31 -21.58 28.66
C LEU C 278 -0.49 -21.08 27.48
N LEU C 279 -0.02 -22.00 26.64
CA LEU C 279 0.73 -21.60 25.45
C LEU C 279 -0.17 -20.85 24.46
N GLN C 280 -1.41 -21.31 24.29
CA GLN C 280 -2.35 -20.59 23.43
C GLN C 280 -2.68 -19.22 23.99
N PHE C 281 -2.84 -19.13 25.32
CA PHE C 281 -3.07 -17.84 25.94
C PHE C 281 -1.88 -16.91 25.72
N PHE C 282 -0.67 -17.44 25.88
CA PHE C 282 0.52 -16.64 25.61
C PHE C 282 0.50 -16.13 24.18
N PHE C 283 0.25 -17.01 23.22
CA PHE C 283 0.23 -16.65 21.81
C PHE C 283 -0.78 -15.53 21.54
N TYR C 284 -2.04 -15.75 21.93
CA TYR C 284 -3.09 -14.80 21.55
C TYR C 284 -2.97 -13.50 22.34
N ALA C 285 -2.73 -13.59 23.64
CA ALA C 285 -2.60 -12.38 24.46
C ALA C 285 -1.39 -11.56 24.03
N GLY C 286 -0.27 -12.20 23.69
CA GLY C 286 0.86 -11.46 23.16
C GLY C 286 0.59 -10.86 21.80
N TRP C 287 -0.18 -11.58 20.97
CA TRP C 287 -0.56 -11.03 19.67
C TRP C 287 -1.36 -9.75 19.85
N LEU C 288 -2.26 -9.72 20.83
CA LEU C 288 -2.97 -8.48 21.13
C LEU C 288 -2.06 -7.46 21.81
N LYS C 289 -1.10 -7.91 22.61
CA LYS C 289 -0.20 -6.98 23.28
C LYS C 289 0.71 -6.26 22.30
N VAL C 290 0.96 -6.86 21.13
CA VAL C 290 1.67 -6.15 20.08
C VAL C 290 0.92 -4.86 19.72
N ALA C 291 -0.38 -4.99 19.47
CA ALA C 291 -1.20 -3.83 19.15
C ALA C 291 -1.35 -2.91 20.36
N GLU C 292 -1.40 -3.48 21.56
CA GLU C 292 -1.51 -2.66 22.76
C GLU C 292 -0.30 -1.77 22.94
N GLN C 293 0.89 -2.29 22.65
CA GLN C 293 2.11 -1.50 22.78
C GLN C 293 2.26 -0.52 21.61
N LEU C 294 1.88 -0.92 20.40
CA LEU C 294 2.13 -0.10 19.24
C LEU C 294 1.01 0.91 18.94
N ILE C 295 -0.13 0.82 19.61
CA ILE C 295 -1.26 1.66 19.25
C ILE C 295 -0.94 3.13 19.52
N ASN C 296 -0.25 3.43 20.62
CA ASN C 296 0.32 4.74 20.88
C ASN C 296 1.83 4.55 21.01
N PRO C 297 2.59 4.80 19.96
CA PRO C 297 4.05 4.63 20.03
C PRO C 297 4.77 5.76 20.72
N PHE C 298 4.05 6.73 21.29
CA PHE C 298 4.65 7.89 21.93
C PHE C 298 4.52 7.85 23.45
N GLY C 299 4.14 6.70 24.00
CA GLY C 299 4.11 6.52 25.45
C GLY C 299 5.50 6.25 25.99
N GLU C 300 5.56 5.42 27.03
CA GLU C 300 6.83 5.09 27.67
C GLU C 300 7.10 3.59 27.68
N ASP C 301 6.50 2.84 26.75
CA ASP C 301 6.83 1.43 26.61
C ASP C 301 8.27 1.27 26.14
N ASP C 302 8.80 0.06 26.34
CA ASP C 302 10.18 -0.20 25.94
C ASP C 302 10.34 -0.12 24.42
N ASP C 303 9.29 -0.44 23.68
CA ASP C 303 9.33 -0.40 22.22
C ASP C 303 8.73 0.87 21.65
N ASP C 304 8.49 1.89 22.49
CA ASP C 304 8.01 3.16 22.00
C ASP C 304 9.18 4.02 21.50
N PHE C 305 8.84 5.03 20.70
CA PHE C 305 9.86 5.83 20.05
C PHE C 305 10.61 6.69 21.07
N GLU C 306 11.94 6.78 20.89
CA GLU C 306 12.78 7.57 21.78
C GLU C 306 12.76 9.03 21.32
N THR C 307 11.64 9.69 21.64
CA THR C 307 11.37 11.02 21.13
C THR C 307 12.30 12.06 21.74
N ASN C 308 12.65 11.90 23.02
CA ASN C 308 13.57 12.86 23.65
C ASN C 308 14.97 12.74 23.05
N PHE C 309 15.43 11.50 22.81
CA PHE C 309 16.69 11.30 22.12
C PHE C 309 16.65 11.91 20.72
N LEU C 310 15.52 11.74 20.03
CA LEU C 310 15.40 12.33 18.70
C LEU C 310 15.45 13.85 18.76
N ILE C 311 14.81 14.46 19.76
CA ILE C 311 14.87 15.91 19.91
C ILE C 311 16.31 16.36 20.12
N ASP C 312 17.02 15.70 21.04
CA ASP C 312 18.40 16.08 21.33
C ASP C 312 19.27 15.96 20.08
N ARG C 313 19.18 14.81 19.41
CA ARG C 313 20.00 14.56 18.23
C ARG C 313 19.68 15.57 17.12
N ASN C 314 18.40 15.82 16.88
CA ASN C 314 18.01 16.72 15.80
C ASN C 314 18.52 18.13 16.06
N PHE C 315 18.33 18.63 17.28
CA PHE C 315 18.78 19.98 17.59
C PHE C 315 20.30 20.09 17.48
N GLN C 316 21.02 19.13 18.07
CA GLN C 316 22.48 19.19 18.05
C GLN C 316 23.01 19.12 16.62
N VAL C 317 22.48 18.19 15.82
CA VAL C 317 22.96 18.00 14.46
C VAL C 317 22.65 19.21 13.59
N SER C 318 21.42 19.75 13.70
CA SER C 318 21.07 20.91 12.90
C SER C 318 21.92 22.12 13.27
N MET C 319 22.15 22.34 14.57
CA MET C 319 23.01 23.44 14.99
C MET C 319 24.41 23.28 14.44
N LEU C 320 24.98 22.08 14.54
CA LEU C 320 26.31 21.84 13.99
C LEU C 320 26.33 22.12 12.50
N ALA C 321 25.35 21.59 11.77
CA ALA C 321 25.36 21.67 10.31
C ALA C 321 25.26 23.11 9.83
N VAL C 322 24.42 23.93 10.47
CA VAL C 322 24.21 25.28 9.97
C VAL C 322 25.10 26.33 10.63
N ASP C 323 25.83 25.98 11.70
CA ASP C 323 26.72 26.94 12.31
C ASP C 323 28.18 26.55 12.18
N GLU C 324 28.56 25.35 12.65
CA GLU C 324 29.98 24.99 12.67
C GLU C 324 30.50 24.65 11.29
N MET C 325 29.66 24.05 10.45
CA MET C 325 30.10 23.53 9.16
C MET C 325 29.73 24.44 7.99
N TYR C 326 29.16 25.62 8.24
CA TYR C 326 28.88 26.53 7.15
C TYR C 326 30.17 27.05 6.53
N ASP C 327 30.31 26.84 5.22
CA ASP C 327 31.44 27.35 4.44
C ASP C 327 32.76 26.92 5.07
N ASP C 328 32.81 25.67 5.52
CA ASP C 328 33.96 25.13 6.23
C ASP C 328 34.44 23.87 5.54
N LEU C 329 34.58 23.94 4.21
CA LEU C 329 35.00 22.79 3.42
C LEU C 329 36.51 22.66 3.44
N ALA C 330 36.98 21.41 3.37
CA ALA C 330 38.38 21.16 3.10
C ALA C 330 38.73 21.61 1.69
N VAL C 331 39.99 22.01 1.49
CA VAL C 331 40.40 22.51 0.18
C VAL C 331 40.24 21.42 -0.86
N LEU C 332 39.69 21.80 -2.02
CA LEU C 332 39.50 20.85 -3.11
C LEU C 332 40.84 20.24 -3.52
N GLU C 333 40.92 18.92 -3.45
CA GLU C 333 42.14 18.20 -3.78
C GLU C 333 41.80 16.95 -4.58
N LYS C 334 42.78 16.49 -5.37
CA LYS C 334 42.58 15.31 -6.19
C LYS C 334 42.41 14.07 -5.32
N ASP C 335 41.47 13.21 -5.69
CA ASP C 335 41.18 12.02 -4.92
C ASP C 335 42.17 10.90 -5.25
N LEU C 336 42.01 9.78 -4.55
CA LEU C 336 42.94 8.67 -4.71
C LEU C 336 42.86 8.06 -6.10
N TYR C 337 41.69 8.09 -6.73
CA TYR C 337 41.47 7.48 -8.03
C TYR C 337 41.43 8.53 -9.14
N TRP C 338 42.12 9.65 -8.97
CA TRP C 338 42.10 10.72 -9.97
C TRP C 338 42.69 10.24 -11.30
N ASP C 339 43.83 9.56 -11.24
CA ASP C 339 44.50 9.08 -12.44
C ASP C 339 44.00 7.73 -12.93
N ALA C 340 43.19 7.04 -12.13
CA ALA C 340 42.72 5.70 -12.45
C ALA C 340 41.44 5.80 -13.27
N ALA C 341 41.45 5.15 -14.44
CA ALA C 341 40.26 5.16 -15.30
C ALA C 341 39.08 4.49 -14.61
N GLU C 342 39.34 3.39 -13.91
CA GLU C 342 38.33 2.72 -13.10
C GLU C 342 38.54 3.07 -11.63
N ALA C 343 37.73 2.49 -10.76
CA ALA C 343 37.85 2.75 -9.33
C ALA C 343 37.24 1.60 -8.55
N ARG C 344 37.95 1.17 -7.51
CA ARG C 344 37.42 0.17 -6.59
C ARG C 344 38.23 0.23 -5.29
N ALA C 345 37.52 0.42 -4.19
CA ALA C 345 38.17 0.42 -2.89
C ALA C 345 38.67 -0.97 -2.54
N PRO C 346 39.71 -1.09 -1.71
CA PRO C 346 40.22 -2.41 -1.34
C PRO C 346 39.25 -3.16 -0.44
N TYR C 347 39.51 -4.46 -0.31
CA TYR C 347 38.74 -5.34 0.54
C TYR C 347 39.61 -5.88 1.67
N THR C 348 38.99 -6.09 2.83
CA THR C 348 39.69 -6.67 3.96
C THR C 348 39.75 -8.20 3.81
N ALA C 349 40.49 -8.83 4.72
CA ALA C 349 40.57 -10.28 4.72
C ALA C 349 39.22 -10.91 5.03
N ALA C 350 38.41 -10.26 5.84
CA ALA C 350 37.10 -10.80 6.21
C ALA C 350 36.05 -10.63 5.12
N THR C 351 36.30 -9.78 4.13
CA THR C 351 35.33 -9.50 3.08
C THR C 351 35.83 -9.80 1.67
N VAL C 352 37.10 -10.18 1.49
CA VAL C 352 37.62 -10.44 0.16
C VAL C 352 36.92 -11.64 -0.49
N PHE C 353 36.26 -12.49 0.31
CA PHE C 353 35.51 -13.59 -0.25
C PHE C 353 34.31 -13.11 -1.05
N GLN C 354 33.84 -11.89 -0.77
CA GLN C 354 32.72 -11.34 -1.53
C GLN C 354 33.10 -11.09 -2.98
N LEU C 355 34.36 -10.73 -3.23
CA LEU C 355 34.87 -10.72 -4.59
C LEU C 355 34.92 -12.15 -5.12
N ARG C 356 35.11 -12.27 -6.43
CA ARG C 356 35.03 -13.46 -7.26
C ARG C 356 33.58 -13.90 -7.48
N GLN C 357 32.62 -13.29 -6.79
CA GLN C 357 31.22 -13.44 -7.15
C GLN C 357 30.98 -12.74 -8.47
N PRO C 358 30.34 -13.38 -9.45
CA PRO C 358 30.16 -12.73 -10.75
C PRO C 358 29.38 -11.43 -10.63
N SER C 359 29.81 -10.43 -11.39
CA SER C 359 29.13 -9.14 -11.40
C SER C 359 27.84 -9.26 -12.20
N PHE C 360 26.71 -9.04 -11.55
CA PHE C 360 25.42 -9.21 -12.21
C PHE C 360 25.26 -8.16 -13.31
N GLN C 361 25.01 -8.64 -14.53
CA GLN C 361 24.79 -7.78 -15.67
C GLN C 361 23.35 -7.77 -16.15
N GLY C 362 22.52 -8.68 -15.64
CA GLY C 362 21.18 -8.90 -16.16
C GLY C 362 20.96 -10.40 -16.24
N SER C 363 19.69 -10.79 -16.31
CA SER C 363 19.36 -12.21 -16.28
C SER C 363 19.33 -12.86 -17.66
N THR C 364 19.48 -12.07 -18.72
CA THR C 364 19.33 -12.58 -20.08
C THR C 364 20.66 -12.89 -20.77
N PHE C 365 21.79 -12.75 -20.07
CA PHE C 365 23.10 -12.85 -20.70
C PHE C 365 23.70 -14.25 -20.58
N ASP C 366 22.86 -15.29 -20.54
CA ASP C 366 23.32 -16.66 -20.63
C ASP C 366 22.47 -17.48 -21.61
N ILE C 367 21.71 -16.82 -22.48
CA ILE C 367 20.76 -17.53 -23.33
C ILE C 367 21.50 -18.33 -24.40
N THR C 368 22.51 -17.74 -25.04
CA THR C 368 23.36 -18.39 -26.04
C THR C 368 22.51 -18.92 -27.21
N LEU C 369 21.92 -17.97 -27.94
CA LEU C 369 21.10 -18.29 -29.09
C LEU C 369 21.94 -18.91 -30.21
N ALA C 370 21.26 -19.57 -31.13
CA ALA C 370 21.92 -20.11 -32.32
C ALA C 370 22.19 -19.02 -33.33
N LYS C 371 23.17 -19.27 -34.20
CA LYS C 371 23.60 -18.25 -35.15
C LYS C 371 22.48 -17.88 -36.11
N GLU C 372 21.70 -18.87 -36.56
CA GLU C 372 20.62 -18.61 -37.50
C GLU C 372 19.55 -17.70 -36.90
N ASP C 373 19.35 -17.78 -35.57
CA ASP C 373 18.27 -17.04 -34.94
C ASP C 373 18.60 -15.55 -34.81
N MET C 374 19.88 -15.21 -34.71
CA MET C 374 20.28 -13.83 -34.43
C MET C 374 20.19 -12.91 -35.64
N GLN C 375 19.99 -13.44 -36.84
CA GLN C 375 19.95 -12.60 -38.03
C GLN C 375 18.64 -11.83 -38.10
N PHE C 376 18.74 -10.53 -38.34
CA PHE C 376 17.55 -9.70 -38.51
C PHE C 376 16.80 -10.10 -39.77
N GLN C 377 15.48 -9.89 -39.76
CA GLN C 377 14.61 -10.25 -40.88
C GLN C 377 15.08 -9.63 -42.19
N THR D 2 -22.31 4.17 -11.56
CA THR D 2 -22.04 4.43 -10.15
C THR D 2 -23.34 4.53 -9.36
N VAL D 3 -23.49 3.68 -8.36
CA VAL D 3 -24.64 3.68 -7.46
C VAL D 3 -24.17 4.28 -6.14
N THR D 4 -24.65 5.48 -5.82
CA THR D 4 -24.24 6.19 -4.62
C THR D 4 -25.26 5.99 -3.52
N TYR D 5 -24.80 5.48 -2.37
CA TYR D 5 -25.63 5.33 -1.18
C TYR D 5 -24.95 5.93 0.05
N THR D 6 -24.10 6.94 -0.14
CA THR D 6 -23.35 7.53 0.96
C THR D 6 -24.29 8.17 1.99
N ALA D 7 -25.33 8.86 1.50
CA ALA D 7 -26.28 9.50 2.42
C ALA D 7 -27.02 8.45 3.25
N ARG D 8 -27.31 7.29 2.67
CA ARG D 8 -28.00 6.24 3.41
C ARG D 8 -27.16 5.65 4.52
N VAL D 9 -25.84 5.79 4.45
CA VAL D 9 -24.96 5.18 5.44
C VAL D 9 -24.12 6.27 6.12
N ALA D 10 -24.62 7.51 6.06
CA ALA D 10 -23.97 8.59 6.81
C ALA D 10 -23.78 8.22 8.28
N ASN D 11 -24.79 7.64 8.90
CA ASN D 11 -24.73 7.23 10.30
C ASN D 11 -24.93 5.73 10.43
N ALA D 12 -24.27 5.14 11.42
CA ALA D 12 -24.50 3.74 11.76
C ALA D 12 -25.76 3.64 12.60
N ARG D 13 -26.86 3.23 11.98
CA ARG D 13 -28.16 3.18 12.64
C ARG D 13 -28.58 1.73 12.82
N PHE D 14 -29.69 1.55 13.56
CA PHE D 14 -30.22 0.22 13.79
C PHE D 14 -30.60 -0.46 12.49
N GLY D 15 -31.23 0.29 11.58
CA GLY D 15 -31.51 -0.26 10.27
C GLY D 15 -30.25 -0.65 9.52
N GLY D 16 -29.27 0.25 9.51
CA GLY D 16 -27.94 -0.06 9.00
C GLY D 16 -27.89 -0.49 7.55
N PHE D 17 -27.34 -1.67 7.31
CA PHE D 17 -27.22 -2.20 5.96
C PHE D 17 -28.45 -3.02 5.56
N SER D 18 -29.37 -3.26 6.49
CA SER D 18 -30.61 -3.94 6.15
C SER D 18 -31.43 -3.14 5.14
N GLN D 19 -31.45 -1.82 5.27
CA GLN D 19 -32.11 -1.00 4.27
C GLN D 19 -31.42 -1.10 2.92
N LEU D 20 -30.09 -1.18 2.91
CA LEU D 20 -29.35 -1.38 1.66
C LEU D 20 -29.71 -2.71 1.03
N LEU D 21 -30.09 -3.68 1.85
CA LEU D 21 -30.54 -4.97 1.30
C LEU D 21 -31.82 -4.85 0.49
N LEU D 22 -32.53 -3.71 0.57
CA LEU D 22 -33.75 -3.49 -0.20
C LEU D 22 -33.50 -2.75 -1.51
N LEU D 23 -32.24 -2.49 -1.87
CA LEU D 23 -31.92 -1.78 -3.09
C LEU D 23 -31.81 -2.74 -4.26
N TRP D 24 -32.15 -2.24 -5.45
CA TRP D 24 -32.16 -3.07 -6.65
C TRP D 24 -31.11 -2.66 -7.67
N ARG D 25 -30.93 -1.37 -7.91
CA ARG D 25 -29.93 -0.93 -8.90
C ARG D 25 -28.53 -1.17 -8.37
N GLY D 26 -27.70 -1.82 -9.19
CA GLY D 26 -26.36 -2.18 -8.75
C GLY D 26 -26.32 -3.18 -7.63
N SER D 27 -27.34 -4.04 -7.52
CA SER D 27 -27.47 -4.91 -6.37
C SER D 27 -27.09 -6.35 -6.70
N ILE D 28 -26.88 -7.13 -5.64
CA ILE D 28 -26.53 -8.53 -5.79
C ILE D 28 -27.67 -9.30 -6.45
N TYR D 29 -28.91 -8.93 -6.12
CA TYR D 29 -30.06 -9.60 -6.74
C TYR D 29 -30.04 -9.39 -8.24
N LYS D 30 -29.86 -8.15 -8.67
CA LYS D 30 -29.83 -7.84 -10.10
C LYS D 30 -28.66 -8.54 -10.79
N LEU D 31 -27.51 -8.61 -10.12
CA LEU D 31 -26.36 -9.26 -10.72
C LEU D 31 -26.44 -10.78 -10.72
N LEU D 32 -27.27 -11.38 -9.87
CA LEU D 32 -27.15 -12.79 -9.57
C LEU D 32 -28.43 -13.62 -9.69
N TRP D 33 -29.57 -13.01 -10.02
CA TRP D 33 -30.81 -13.78 -9.98
C TRP D 33 -30.85 -14.86 -11.07
N ARG D 34 -30.25 -14.59 -12.23
CA ARG D 34 -30.21 -15.60 -13.29
C ARG D 34 -29.39 -16.82 -12.86
N GLU D 35 -28.21 -16.58 -12.30
CA GLU D 35 -27.38 -17.69 -11.83
C GLU D 35 -28.04 -18.43 -10.69
N LEU D 36 -28.71 -17.72 -9.79
CA LEU D 36 -29.43 -18.36 -8.70
C LEU D 36 -30.54 -19.25 -9.25
N LEU D 37 -31.26 -18.76 -10.25
CA LEU D 37 -32.32 -19.54 -10.88
C LEU D 37 -31.76 -20.79 -11.53
N CYS D 38 -30.62 -20.68 -12.22
CA CYS D 38 -30.02 -21.84 -12.87
C CYS D 38 -29.57 -22.87 -11.83
N PHE D 39 -28.93 -22.42 -10.74
CA PHE D 39 -28.51 -23.33 -9.69
C PHE D 39 -29.70 -24.03 -9.07
N LEU D 40 -30.76 -23.28 -8.78
CA LEU D 40 -31.95 -23.88 -8.19
C LEU D 40 -32.61 -24.85 -9.17
N GLY D 41 -32.59 -24.54 -10.46
CA GLY D 41 -33.17 -25.45 -11.44
C GLY D 41 -32.41 -26.75 -11.53
N PHE D 42 -31.08 -26.68 -11.53
CA PHE D 42 -30.28 -27.90 -11.54
C PHE D 42 -30.52 -28.73 -10.29
N TYR D 43 -30.54 -28.07 -9.13
CA TYR D 43 -30.77 -28.78 -7.88
C TYR D 43 -32.15 -29.44 -7.88
N MET D 44 -33.17 -28.72 -8.34
CA MET D 44 -34.52 -29.25 -8.36
C MET D 44 -34.67 -30.38 -9.36
N ALA D 45 -33.97 -30.31 -10.50
CA ALA D 45 -34.01 -31.41 -11.45
C ALA D 45 -33.39 -32.66 -10.86
N LEU D 46 -32.23 -32.53 -10.19
CA LEU D 46 -31.63 -33.67 -9.53
C LEU D 46 -32.55 -34.24 -8.46
N SER D 47 -33.15 -33.36 -7.65
CA SER D 47 -34.02 -33.80 -6.57
C SER D 47 -35.26 -34.53 -7.12
N ALA D 48 -35.86 -33.98 -8.18
CA ALA D 48 -37.02 -34.61 -8.79
C ALA D 48 -36.67 -35.97 -9.38
N ALA D 49 -35.51 -36.07 -10.03
CA ALA D 49 -35.08 -37.37 -10.56
C ALA D 49 -34.90 -38.38 -9.44
N TYR D 50 -34.25 -37.96 -8.35
CA TYR D 50 -34.04 -38.87 -7.22
C TYR D 50 -35.36 -39.29 -6.60
N ARG D 51 -36.32 -38.37 -6.50
CA ARG D 51 -37.57 -38.67 -5.80
C ARG D 51 -38.52 -39.51 -6.65
N PHE D 52 -38.54 -39.30 -7.97
CA PHE D 52 -39.62 -39.86 -8.78
C PHE D 52 -39.16 -40.76 -9.91
N VAL D 53 -37.91 -40.70 -10.34
CA VAL D 53 -37.46 -41.42 -11.52
C VAL D 53 -36.60 -42.63 -11.16
N LEU D 54 -35.65 -42.46 -10.24
CA LEU D 54 -34.70 -43.53 -9.94
C LEU D 54 -35.40 -44.72 -9.28
N THR D 55 -34.89 -45.91 -9.59
CA THR D 55 -35.33 -47.13 -8.93
C THR D 55 -34.70 -47.20 -7.53
N GLU D 56 -34.94 -48.31 -6.82
CA GLU D 56 -34.44 -48.42 -5.45
C GLU D 56 -32.92 -48.53 -5.43
N GLY D 57 -32.35 -49.38 -6.29
CA GLY D 57 -30.91 -49.50 -6.34
C GLY D 57 -30.24 -48.23 -6.83
N GLN D 58 -30.86 -47.58 -7.83
CA GLN D 58 -30.35 -46.30 -8.31
C GLN D 58 -30.40 -45.24 -7.21
N LYS D 59 -31.45 -45.25 -6.39
CA LYS D 59 -31.52 -44.32 -5.28
C LYS D 59 -30.46 -44.61 -4.23
N ARG D 60 -30.17 -45.89 -3.97
CA ARG D 60 -29.10 -46.22 -3.04
C ARG D 60 -27.74 -45.73 -3.55
N TYR D 61 -27.47 -45.94 -4.84
CA TYR D 61 -26.23 -45.45 -5.42
C TYR D 61 -26.17 -43.93 -5.39
N PHE D 62 -27.31 -43.28 -5.65
CA PHE D 62 -27.37 -41.82 -5.61
C PHE D 62 -27.10 -41.29 -4.20
N GLU D 63 -27.63 -41.97 -3.19
CA GLU D 63 -27.36 -41.58 -1.81
C GLU D 63 -25.88 -41.74 -1.47
N LYS D 64 -25.27 -42.84 -1.90
CA LYS D 64 -23.84 -43.01 -1.69
C LYS D 64 -23.06 -41.89 -2.38
N LEU D 65 -23.44 -41.54 -3.60
CA LEU D 65 -22.76 -40.47 -4.33
C LEU D 65 -22.92 -39.13 -3.63
N VAL D 66 -24.13 -38.85 -3.11
CA VAL D 66 -24.37 -37.59 -2.41
C VAL D 66 -23.51 -37.52 -1.15
N ILE D 67 -23.45 -38.62 -0.39
CA ILE D 67 -22.64 -38.64 0.82
C ILE D 67 -21.17 -38.43 0.49
N TYR D 68 -20.68 -39.08 -0.58
CA TYR D 68 -19.29 -38.91 -0.98
C TYR D 68 -19.01 -37.47 -1.40
N CYS D 69 -19.91 -36.88 -2.18
CA CYS D 69 -19.65 -35.55 -2.73
C CYS D 69 -19.80 -34.46 -1.68
N ASP D 70 -20.59 -34.71 -0.62
CA ASP D 70 -20.70 -33.72 0.44
C ASP D 70 -19.40 -33.53 1.21
N GLN D 71 -18.48 -34.50 1.12
CA GLN D 71 -17.20 -34.37 1.82
C GLN D 71 -16.30 -33.32 1.17
N TYR D 72 -16.52 -33.02 -0.10
CA TYR D 72 -15.65 -32.12 -0.84
C TYR D 72 -16.19 -30.71 -0.96
N ALA D 73 -17.29 -30.40 -0.27
CA ALA D 73 -17.83 -29.04 -0.25
C ALA D 73 -17.05 -28.18 0.76
N SER D 74 -15.76 -28.03 0.48
CA SER D 74 -14.85 -27.28 1.35
C SER D 74 -14.96 -25.80 0.98
N LEU D 75 -15.47 -24.99 1.91
CA LEU D 75 -15.65 -23.57 1.67
C LEU D 75 -14.42 -22.76 2.05
N ILE D 76 -13.51 -23.34 2.81
CA ILE D 76 -12.33 -22.60 3.28
C ILE D 76 -11.42 -22.17 2.12
N PRO D 77 -11.02 -23.07 1.21
CA PRO D 77 -10.11 -22.61 0.13
C PRO D 77 -10.74 -21.59 -0.79
N VAL D 78 -12.01 -21.77 -1.13
CA VAL D 78 -12.68 -20.80 -1.99
C VAL D 78 -12.82 -19.48 -1.28
N SER D 79 -13.02 -19.49 0.04
CA SER D 79 -13.02 -18.24 0.79
C SER D 79 -11.66 -17.55 0.70
N PHE D 80 -10.57 -18.30 0.89
CA PHE D 80 -9.23 -17.73 0.71
C PHE D 80 -9.08 -17.07 -0.66
N VAL D 81 -9.33 -17.84 -1.72
CA VAL D 81 -9.01 -17.37 -3.06
C VAL D 81 -9.92 -16.23 -3.45
N LEU D 82 -11.20 -16.28 -3.05
CA LEU D 82 -12.12 -15.19 -3.33
C LEU D 82 -11.69 -13.93 -2.60
N GLY D 83 -11.30 -14.04 -1.33
CA GLY D 83 -10.89 -12.87 -0.60
C GLY D 83 -9.71 -12.20 -1.24
N PHE D 84 -8.67 -12.97 -1.56
CA PHE D 84 -7.47 -12.38 -2.15
C PHE D 84 -7.75 -11.78 -3.52
N TYR D 85 -8.45 -12.54 -4.38
CA TYR D 85 -8.70 -12.08 -5.74
C TYR D 85 -9.61 -10.85 -5.77
N VAL D 86 -10.67 -10.86 -4.97
CA VAL D 86 -11.59 -9.73 -4.92
C VAL D 86 -10.92 -8.51 -4.32
N THR D 87 -10.05 -8.70 -3.32
CA THR D 87 -9.31 -7.56 -2.79
C THR D 87 -8.42 -6.94 -3.84
N LEU D 88 -7.72 -7.78 -4.62
CA LEU D 88 -6.89 -7.27 -5.72
C LEU D 88 -7.75 -6.51 -6.73
N VAL D 89 -8.91 -7.07 -7.09
CA VAL D 89 -9.76 -6.43 -8.08
C VAL D 89 -10.29 -5.09 -7.58
N VAL D 90 -10.68 -5.03 -6.31
CA VAL D 90 -11.23 -3.79 -5.75
C VAL D 90 -10.15 -2.70 -5.67
N ASN D 91 -8.95 -3.07 -5.24
CA ASN D 91 -7.86 -2.10 -5.20
C ASN D 91 -7.54 -1.60 -6.60
N ARG D 92 -7.48 -2.50 -7.58
CA ARG D 92 -7.23 -2.10 -8.95
C ARG D 92 -8.34 -1.20 -9.48
N TRP D 93 -9.59 -1.46 -9.08
CA TRP D 93 -10.73 -0.65 -9.51
C TRP D 93 -10.62 0.77 -8.97
N TRP D 94 -10.27 0.91 -7.69
CA TRP D 94 -10.11 2.24 -7.14
C TRP D 94 -8.93 2.97 -7.76
N SER D 95 -7.84 2.24 -8.02
CA SER D 95 -6.70 2.87 -8.71
C SER D 95 -7.09 3.34 -10.09
N GLN D 96 -7.90 2.55 -10.80
CA GLN D 96 -8.38 2.96 -12.12
C GLN D 96 -9.22 4.22 -12.04
N TYR D 97 -10.08 4.31 -11.02
CA TYR D 97 -10.84 5.56 -10.85
C TYR D 97 -9.90 6.73 -10.59
N LEU D 98 -8.88 6.53 -9.76
CA LEU D 98 -7.92 7.59 -9.48
C LEU D 98 -7.11 7.97 -10.72
N CYS D 99 -7.04 7.11 -11.72
CA CYS D 99 -6.30 7.39 -12.93
C CYS D 99 -7.10 8.17 -13.97
N MET D 100 -8.34 8.53 -13.67
CA MET D 100 -9.14 9.32 -14.60
C MET D 100 -8.55 10.73 -14.74
N PRO D 101 -8.30 11.21 -15.95
CA PRO D 101 -7.70 12.54 -16.12
C PRO D 101 -8.73 13.63 -15.81
N LEU D 102 -8.35 14.56 -14.95
CA LEU D 102 -9.18 15.69 -14.56
C LEU D 102 -8.52 17.00 -14.95
N PRO D 103 -9.29 17.95 -15.49
CA PRO D 103 -8.71 19.22 -15.94
C PRO D 103 -8.68 20.33 -14.90
N ASP D 104 -8.90 20.04 -13.62
CA ASP D 104 -9.04 21.10 -12.63
C ASP D 104 -7.70 21.80 -12.37
N ALA D 105 -6.64 21.02 -12.18
CA ALA D 105 -5.32 21.61 -11.98
C ALA D 105 -4.89 22.41 -13.20
N LEU D 106 -5.09 21.84 -14.39
CA LEU D 106 -4.72 22.53 -15.61
C LEU D 106 -5.52 23.81 -15.78
N MET D 107 -6.82 23.80 -15.47
CA MET D 107 -7.62 25.01 -15.66
C MET D 107 -7.23 26.09 -14.67
N CYS D 108 -6.90 25.70 -13.44
CA CYS D 108 -6.42 26.69 -12.48
C CYS D 108 -5.11 27.32 -12.96
N VAL D 109 -4.18 26.49 -13.43
CA VAL D 109 -2.90 27.00 -13.92
C VAL D 109 -3.10 27.89 -15.14
N VAL D 110 -3.97 27.48 -16.06
CA VAL D 110 -4.21 28.25 -17.27
C VAL D 110 -4.85 29.59 -16.95
N ALA D 111 -5.85 29.60 -16.07
CA ALA D 111 -6.49 30.85 -15.68
C ALA D 111 -5.51 31.76 -14.96
N GLY D 112 -4.54 31.19 -14.24
CA GLY D 112 -3.57 32.02 -13.58
C GLY D 112 -2.36 32.44 -14.39
N THR D 113 -2.08 31.77 -15.52
CA THR D 113 -0.84 32.01 -16.24
C THR D 113 -0.99 32.40 -17.70
N VAL D 114 -2.11 32.10 -18.35
CA VAL D 114 -2.31 32.46 -19.76
C VAL D 114 -3.21 33.69 -19.78
N HIS D 115 -2.63 34.82 -20.20
CA HIS D 115 -3.23 36.12 -19.94
C HIS D 115 -3.72 36.78 -21.22
N GLY D 116 -4.60 37.76 -21.04
CA GLY D 116 -5.21 38.47 -22.13
C GLY D 116 -6.71 38.36 -22.12
N ARG D 117 -7.40 39.48 -21.93
CA ARG D 117 -8.85 39.51 -21.98
C ARG D 117 -9.40 39.54 -23.40
N ASP D 118 -8.52 39.68 -24.40
CA ASP D 118 -8.96 39.80 -25.78
C ASP D 118 -9.24 38.42 -26.37
N ASP D 119 -9.65 38.43 -27.65
CA ASP D 119 -10.02 37.19 -28.33
C ASP D 119 -8.83 36.24 -28.44
N ARG D 120 -7.61 36.76 -28.59
CA ARG D 120 -6.46 35.88 -28.71
C ARG D 120 -6.17 35.15 -27.39
N GLY D 121 -6.27 35.86 -26.27
CA GLY D 121 -6.09 35.19 -24.98
C GLY D 121 -7.19 34.18 -24.71
N ARG D 122 -8.43 34.55 -25.06
CA ARG D 122 -9.52 33.58 -24.94
C ARG D 122 -9.26 32.35 -25.78
N LEU D 123 -8.78 32.54 -27.02
CA LEU D 123 -8.48 31.42 -27.90
C LEU D 123 -7.40 30.54 -27.30
N TYR D 124 -6.34 31.15 -26.76
CA TYR D 124 -5.26 30.38 -26.16
C TYR D 124 -5.77 29.51 -25.01
N ARG D 125 -6.49 30.12 -24.07
CA ARG D 125 -6.96 29.37 -22.90
C ARG D 125 -7.93 28.28 -23.31
N ARG D 126 -8.91 28.61 -24.14
CA ARG D 126 -9.91 27.64 -24.56
C ARG D 126 -9.27 26.50 -25.35
N THR D 127 -8.30 26.81 -26.20
CA THR D 127 -7.66 25.78 -27.00
C THR D 127 -6.81 24.85 -26.14
N LEU D 128 -6.11 25.38 -25.15
CA LEU D 128 -5.34 24.51 -24.25
C LEU D 128 -6.27 23.57 -23.50
N MET D 129 -7.37 24.10 -22.96
CA MET D 129 -8.27 23.24 -22.20
C MET D 129 -8.99 22.25 -23.11
N ARG D 130 -9.28 22.66 -24.35
CA ARG D 130 -9.90 21.75 -25.30
C ARG D 130 -8.93 20.66 -25.72
N TYR D 131 -7.63 20.95 -25.79
CA TYR D 131 -6.65 19.91 -26.06
C TYR D 131 -6.63 18.88 -24.92
N ALA D 132 -6.65 19.36 -23.68
CA ALA D 132 -6.72 18.41 -22.55
C ALA D 132 -7.99 17.56 -22.62
N GLY D 133 -9.13 18.22 -22.87
CA GLY D 133 -10.38 17.48 -22.98
C GLY D 133 -10.39 16.50 -24.13
N LEU D 134 -9.74 16.85 -25.24
CA LEU D 134 -9.68 15.97 -26.40
C LEU D 134 -8.83 14.75 -26.11
N SER D 135 -7.70 14.92 -25.43
CA SER D 135 -6.92 13.76 -25.00
C SER D 135 -7.74 12.85 -24.10
N ALA D 136 -8.46 13.44 -23.15
CA ALA D 136 -9.31 12.66 -22.27
C ALA D 136 -10.38 11.90 -23.07
N VAL D 137 -11.00 12.57 -24.04
CA VAL D 137 -12.05 11.94 -24.84
C VAL D 137 -11.47 10.80 -25.66
N LEU D 138 -10.29 10.98 -26.25
CA LEU D 138 -9.70 9.93 -27.06
C LEU D 138 -9.37 8.70 -26.23
N ILE D 139 -8.74 8.89 -25.07
CA ILE D 139 -8.41 7.73 -24.24
C ILE D 139 -9.69 7.08 -23.70
N LEU D 140 -10.70 7.88 -23.40
CA LEU D 140 -11.93 7.32 -22.84
C LEU D 140 -12.71 6.54 -23.90
N ARG D 141 -12.73 7.03 -25.15
CA ARG D 141 -13.37 6.24 -26.19
C ARG D 141 -12.54 5.02 -26.55
N SER D 142 -11.24 5.03 -26.23
CA SER D 142 -10.45 3.82 -26.39
C SER D 142 -10.72 2.79 -25.31
N VAL D 143 -11.04 3.21 -24.09
CA VAL D 143 -11.10 2.27 -22.97
C VAL D 143 -12.51 2.01 -22.44
N SER D 144 -13.51 2.81 -22.80
CA SER D 144 -14.83 2.73 -22.20
C SER D 144 -15.89 2.47 -23.27
N THR D 145 -16.73 1.46 -23.02
CA THR D 145 -17.75 1.09 -24.00
C THR D 145 -18.78 2.20 -24.19
N ALA D 146 -19.20 2.84 -23.10
CA ALA D 146 -20.18 3.91 -23.20
C ALA D 146 -19.63 5.10 -23.99
N VAL D 147 -18.38 5.47 -23.71
CA VAL D 147 -17.77 6.59 -24.42
C VAL D 147 -17.57 6.25 -25.89
N PHE D 148 -17.21 4.98 -26.19
CA PHE D 148 -17.09 4.58 -27.58
C PHE D 148 -18.45 4.63 -28.29
N LYS D 149 -19.50 4.20 -27.60
CA LYS D 149 -20.83 4.27 -28.20
C LYS D 149 -21.25 5.72 -28.45
N ARG D 150 -20.82 6.63 -27.58
CA ARG D 150 -21.11 8.05 -27.81
C ARG D 150 -20.25 8.64 -28.93
N PHE D 151 -19.01 8.19 -29.08
CA PHE D 151 -18.09 8.68 -30.10
C PHE D 151 -17.53 7.50 -30.88
N PRO D 152 -18.36 6.83 -31.68
CA PRO D 152 -17.86 5.69 -32.45
C PRO D 152 -16.83 6.05 -33.50
N THR D 153 -16.76 7.31 -33.93
CA THR D 153 -15.82 7.72 -34.96
C THR D 153 -15.19 9.06 -34.59
N ILE D 154 -14.01 9.28 -35.18
CA ILE D 154 -13.35 10.58 -35.07
C ILE D 154 -14.22 11.66 -35.71
N ASP D 155 -15.07 11.27 -36.67
CA ASP D 155 -16.08 12.21 -37.16
C ASP D 155 -17.03 12.64 -36.05
N HIS D 156 -17.47 11.69 -35.21
CA HIS D 156 -18.29 12.05 -34.06
C HIS D 156 -17.53 12.95 -33.10
N VAL D 157 -16.25 12.65 -32.87
CA VAL D 157 -15.45 13.48 -31.97
C VAL D 157 -15.35 14.91 -32.50
N VAL D 158 -15.12 15.06 -33.81
CA VAL D 158 -15.01 16.39 -34.41
C VAL D 158 -16.35 17.12 -34.34
N GLU D 159 -17.44 16.42 -34.68
CA GLU D 159 -18.74 17.08 -34.71
C GLU D 159 -19.23 17.41 -33.31
N ALA D 160 -18.69 16.75 -32.28
CA ALA D 160 -19.02 17.09 -30.91
C ALA D 160 -18.33 18.36 -30.43
N GLY D 161 -17.36 18.88 -31.17
CA GLY D 161 -16.68 20.10 -30.82
C GLY D 161 -15.33 19.94 -30.15
N PHE D 162 -14.97 18.72 -29.75
CA PHE D 162 -13.69 18.52 -29.07
C PHE D 162 -12.52 18.69 -30.03
N MET D 163 -12.74 18.44 -31.32
CA MET D 163 -11.71 18.54 -32.33
C MET D 163 -12.24 19.37 -33.50
N THR D 164 -11.37 20.19 -34.09
CA THR D 164 -11.73 20.95 -35.27
C THR D 164 -11.36 20.18 -36.53
N ARG D 165 -11.77 20.73 -37.68
CA ARG D 165 -11.54 20.04 -38.95
C ARG D 165 -10.07 20.07 -39.35
N GLU D 166 -9.40 21.21 -39.15
CA GLU D 166 -7.97 21.27 -39.45
C GLU D 166 -7.18 20.38 -38.51
N GLU D 167 -7.55 20.37 -37.22
CA GLU D 167 -6.92 19.47 -36.27
C GLU D 167 -7.13 18.02 -36.66
N ARG D 168 -8.32 17.68 -37.17
CA ARG D 168 -8.56 16.33 -37.65
C ARG D 168 -7.71 16.02 -38.88
N LYS D 169 -7.56 16.99 -39.78
CA LYS D 169 -6.69 16.77 -40.93
C LYS D 169 -5.28 16.40 -40.50
N LYS D 170 -4.72 17.18 -39.56
CA LYS D 170 -3.39 16.87 -39.05
C LYS D 170 -3.38 15.53 -38.32
N PHE D 171 -4.43 15.25 -37.54
CA PHE D 171 -4.50 14.05 -36.72
C PHE D 171 -4.47 12.79 -37.58
N GLU D 172 -5.27 12.77 -38.64
CA GLU D 172 -5.23 11.64 -39.58
C GLU D 172 -3.99 11.66 -40.47
N ASN D 173 -3.41 12.84 -40.73
CA ASN D 173 -2.21 12.87 -41.54
C ASN D 173 -0.98 12.38 -40.77
N LEU D 174 -1.06 12.34 -39.44
CA LEU D 174 0.00 11.71 -38.66
C LEU D 174 0.06 10.22 -38.96
N ASN D 175 1.26 9.71 -39.23
CA ASN D 175 1.45 8.32 -39.64
C ASN D 175 1.87 7.51 -38.42
N SER D 176 0.89 6.85 -37.80
CA SER D 176 1.14 6.03 -36.62
C SER D 176 0.13 4.90 -36.58
N SER D 177 0.61 3.69 -36.31
CA SER D 177 -0.24 2.53 -36.15
C SER D 177 -0.69 2.33 -34.70
N TYR D 178 -0.38 3.25 -33.82
CA TYR D 178 -0.72 3.17 -32.41
C TYR D 178 -1.75 4.22 -32.05
N ASN D 179 -2.32 4.09 -30.85
CA ASN D 179 -3.36 5.01 -30.40
C ASN D 179 -2.78 6.41 -30.24
N LYS D 180 -3.53 7.41 -30.70
CA LYS D 180 -3.06 8.79 -30.80
C LYS D 180 -3.64 9.70 -29.72
N TYR D 181 -3.93 9.17 -28.53
CA TYR D 181 -4.49 9.99 -27.47
C TYR D 181 -3.50 11.05 -26.97
N TRP D 182 -2.21 10.84 -27.21
CA TRP D 182 -1.16 11.77 -26.77
C TRP D 182 -0.99 12.97 -27.70
N VAL D 183 -1.58 12.90 -28.89
CA VAL D 183 -1.39 13.97 -29.88
C VAL D 183 -1.90 15.32 -29.37
N PRO D 184 -3.09 15.42 -28.77
CA PRO D 184 -3.50 16.71 -28.19
C PRO D 184 -2.61 17.17 -27.06
N CYS D 185 -1.94 16.26 -26.35
CA CYS D 185 -0.99 16.69 -25.33
C CYS D 185 0.25 17.30 -25.95
N VAL D 186 0.74 16.73 -27.05
CA VAL D 186 1.86 17.36 -27.77
C VAL D 186 1.43 18.71 -28.33
N TRP D 187 0.19 18.80 -28.82
CA TRP D 187 -0.35 20.08 -29.26
C TRP D 187 -0.39 21.09 -28.11
N PHE D 188 -0.81 20.65 -26.93
CA PHE D 188 -0.82 21.51 -25.75
C PHE D 188 0.58 22.03 -25.45
N SER D 189 1.58 21.15 -25.51
CA SER D 189 2.95 21.56 -25.23
C SER D 189 3.42 22.61 -26.24
N ASN D 190 3.17 22.36 -27.53
CA ASN D 190 3.58 23.33 -28.55
C ASN D 190 2.86 24.66 -28.39
N LEU D 191 1.57 24.63 -28.06
CA LEU D 191 0.81 25.86 -27.90
C LEU D 191 1.26 26.64 -26.68
N ALA D 192 1.60 25.95 -25.59
CA ALA D 192 2.14 26.63 -24.42
C ALA D 192 3.49 27.27 -24.74
N ALA D 193 4.32 26.58 -25.50
CA ALA D 193 5.59 27.18 -25.93
C ALA D 193 5.35 28.44 -26.76
N GLN D 194 4.38 28.37 -27.69
CA GLN D 194 4.06 29.54 -28.51
C GLN D 194 3.53 30.70 -27.66
N ALA D 195 2.67 30.39 -26.68
CA ALA D 195 2.11 31.45 -25.83
C ALA D 195 3.20 32.09 -24.99
N ARG D 196 4.15 31.30 -24.48
CA ARG D 196 5.28 31.88 -23.76
C ARG D 196 6.13 32.73 -24.68
N ARG D 197 6.35 32.28 -25.92
CA ARG D 197 7.13 33.06 -26.87
C ARG D 197 6.46 34.40 -27.17
N GLU D 198 5.13 34.41 -27.28
CA GLU D 198 4.40 35.64 -27.58
C GLU D 198 4.23 36.55 -26.37
N GLY D 199 4.60 36.10 -25.18
CA GLY D 199 4.40 36.88 -23.98
C GLY D 199 3.04 36.75 -23.33
N ARG D 200 2.16 35.93 -23.89
CA ARG D 200 0.89 35.65 -23.21
C ARG D 200 1.14 34.94 -21.89
N ILE D 201 2.08 34.01 -21.87
CA ILE D 201 2.61 33.46 -20.62
C ILE D 201 3.78 34.35 -20.21
N ARG D 202 3.69 34.93 -19.01
CA ARG D 202 4.61 35.99 -18.64
C ARG D 202 5.93 35.49 -18.05
N ASP D 203 6.06 34.21 -17.73
CA ASP D 203 7.29 33.76 -17.11
C ASP D 203 7.56 32.28 -17.37
N ASN D 204 8.86 31.96 -17.38
CA ASN D 204 9.31 30.60 -17.63
C ASN D 204 8.84 29.66 -16.53
N SER D 205 8.74 30.15 -15.30
CA SER D 205 8.22 29.32 -14.21
CA SER D 205 8.21 29.33 -14.21
C SER D 205 6.75 28.96 -14.45
N ALA D 206 5.97 29.92 -14.96
CA ALA D 206 4.58 29.63 -15.31
C ALA D 206 4.51 28.60 -16.43
N LEU D 207 5.38 28.73 -17.43
CA LEU D 207 5.43 27.72 -18.50
C LEU D 207 5.78 26.35 -17.95
N LYS D 208 6.75 26.30 -17.03
CA LYS D 208 7.14 25.02 -16.44
C LYS D 208 6.00 24.41 -15.64
N LEU D 209 5.25 25.22 -14.90
CA LEU D 209 4.10 24.72 -14.16
C LEU D 209 3.04 24.17 -15.10
N LEU D 210 2.78 24.87 -16.21
CA LEU D 210 1.84 24.38 -17.20
C LEU D 210 2.28 23.02 -17.76
N LEU D 211 3.56 22.91 -18.10
CA LEU D 211 4.05 21.65 -18.66
C LEU D 211 4.02 20.52 -17.64
N GLU D 212 4.27 20.84 -16.36
CA GLU D 212 4.19 19.81 -15.32
C GLU D 212 2.77 19.30 -15.15
N GLU D 213 1.79 20.21 -15.13
CA GLU D 213 0.40 19.76 -15.00
C GLU D 213 -0.06 19.02 -16.25
N LEU D 214 0.43 19.43 -17.43
CA LEU D 214 0.14 18.70 -18.65
C LEU D 214 0.70 17.28 -18.57
N ASN D 215 1.92 17.13 -18.04
CA ASN D 215 2.50 15.79 -17.92
C ASN D 215 1.74 14.94 -16.92
N VAL D 216 1.23 15.54 -15.84
CA VAL D 216 0.39 14.78 -14.90
C VAL D 216 -0.86 14.28 -15.60
N PHE D 217 -1.52 15.16 -16.36
CA PHE D 217 -2.74 14.79 -17.07
C PHE D 217 -2.47 13.69 -18.09
N ARG D 218 -1.40 13.83 -18.87
CA ARG D 218 -1.06 12.83 -19.88
C ARG D 218 -0.68 11.51 -19.22
N GLY D 219 -0.01 11.56 -18.07
CA GLY D 219 0.30 10.35 -17.34
C GLY D 219 -0.95 9.62 -16.88
N LYS D 220 -1.97 10.37 -16.44
CA LYS D 220 -3.23 9.73 -16.08
C LYS D 220 -3.89 9.08 -17.28
N CYS D 221 -3.86 9.75 -18.44
CA CYS D 221 -4.41 9.15 -19.65
C CYS D 221 -3.67 7.86 -20.01
N GLY D 222 -2.34 7.90 -19.94
CA GLY D 222 -1.55 6.71 -20.23
C GLY D 222 -1.79 5.59 -19.23
N MET D 223 -2.03 5.95 -17.97
CA MET D 223 -2.33 4.93 -16.97
C MET D 223 -3.68 4.27 -17.25
N LEU D 224 -4.65 5.05 -17.73
CA LEU D 224 -5.90 4.45 -18.18
C LEU D 224 -5.66 3.47 -19.31
N PHE D 225 -4.82 3.85 -20.27
CA PHE D 225 -4.50 2.94 -21.37
C PHE D 225 -3.85 1.66 -20.85
N HIS D 226 -2.93 1.80 -19.89
CA HIS D 226 -2.22 0.65 -19.34
C HIS D 226 -3.17 -0.28 -18.61
N TYR D 227 -4.11 0.28 -17.85
CA TYR D 227 -5.10 -0.55 -17.17
C TYR D 227 -5.99 -1.26 -18.17
N ASP D 228 -6.37 -0.59 -19.26
CA ASP D 228 -7.17 -1.24 -20.29
C ASP D 228 -6.41 -2.37 -20.95
N TRP D 229 -5.12 -2.18 -21.19
CA TRP D 229 -4.33 -3.17 -21.91
C TRP D 229 -3.97 -4.37 -21.03
N ILE D 230 -3.41 -4.11 -19.85
CA ILE D 230 -2.91 -5.17 -18.97
C ILE D 230 -4.08 -5.58 -18.09
N SER D 231 -4.77 -6.65 -18.48
CA SER D 231 -5.87 -7.16 -17.69
C SER D 231 -5.36 -7.90 -16.46
N VAL D 232 -6.27 -8.14 -15.53
CA VAL D 232 -6.01 -9.04 -14.41
C VAL D 232 -5.65 -10.39 -15.02
N PRO D 233 -4.61 -11.08 -14.52
CA PRO D 233 -4.20 -12.34 -15.14
C PRO D 233 -5.34 -13.33 -15.39
N LEU D 234 -5.47 -13.73 -16.65
CA LEU D 234 -6.53 -14.65 -17.05
C LEU D 234 -6.41 -15.98 -16.31
N VAL D 235 -5.19 -16.41 -16.03
CA VAL D 235 -5.00 -17.64 -15.25
C VAL D 235 -5.58 -17.48 -13.86
N TYR D 236 -5.36 -16.32 -13.23
CA TYR D 236 -5.92 -16.07 -11.90
C TYR D 236 -7.45 -16.05 -11.93
N THR D 237 -8.01 -15.36 -12.92
CA THR D 237 -9.48 -15.30 -13.04
C THR D 237 -10.07 -16.68 -13.26
N GLN D 238 -9.44 -17.47 -14.14
CA GLN D 238 -9.92 -18.82 -14.39
C GLN D 238 -9.78 -19.69 -13.16
N VAL D 239 -8.71 -19.50 -12.38
CA VAL D 239 -8.51 -20.29 -11.17
C VAL D 239 -9.63 -20.02 -10.18
N VAL D 240 -9.96 -18.74 -9.95
CA VAL D 240 -11.01 -18.45 -8.98
CA VAL D 240 -11.02 -18.41 -8.99
C VAL D 240 -12.36 -18.93 -9.50
N THR D 241 -12.62 -18.78 -10.80
CA THR D 241 -13.89 -19.26 -11.34
C THR D 241 -14.01 -20.77 -11.22
N ILE D 242 -12.93 -21.50 -11.50
CA ILE D 242 -12.95 -22.95 -11.42
C ILE D 242 -13.14 -23.40 -9.98
N ALA D 243 -12.48 -22.72 -9.03
CA ALA D 243 -12.66 -23.07 -7.62
C ALA D 243 -14.11 -22.88 -7.19
N LEU D 244 -14.71 -21.73 -7.55
CA LEU D 244 -16.09 -21.48 -7.18
C LEU D 244 -17.04 -22.49 -7.82
N TYR D 245 -16.81 -22.81 -9.09
CA TYR D 245 -17.68 -23.77 -9.78
C TYR D 245 -17.51 -25.18 -9.23
N SER D 246 -16.30 -25.56 -8.83
CA SER D 246 -16.09 -26.86 -8.21
C SER D 246 -16.83 -26.94 -6.89
N TYR D 247 -16.76 -25.88 -6.09
CA TYR D 247 -17.54 -25.87 -4.84
C TYR D 247 -19.03 -25.96 -5.12
N PHE D 248 -19.50 -25.25 -6.14
CA PHE D 248 -20.93 -25.26 -6.44
C PHE D 248 -21.39 -26.62 -6.96
N LEU D 249 -20.54 -27.31 -7.73
CA LEU D 249 -20.87 -28.67 -8.16
C LEU D 249 -20.91 -29.62 -6.96
N ALA D 250 -19.93 -29.50 -6.07
CA ALA D 250 -19.93 -30.32 -4.86
C ALA D 250 -21.20 -30.08 -4.05
N CYS D 251 -21.63 -28.82 -3.93
CA CYS D 251 -22.87 -28.54 -3.21
C CYS D 251 -24.09 -29.06 -3.95
N LEU D 252 -24.11 -28.89 -5.28
CA LEU D 252 -25.25 -29.35 -6.07
C LEU D 252 -25.47 -30.84 -5.91
N ILE D 253 -24.39 -31.61 -5.77
CA ILE D 253 -24.54 -33.05 -5.57
C ILE D 253 -24.77 -33.39 -4.11
N GLY D 254 -23.93 -32.90 -3.20
CA GLY D 254 -23.93 -33.37 -1.82
C GLY D 254 -24.92 -32.69 -0.90
N ARG D 255 -25.61 -31.64 -1.36
CA ARG D 255 -26.63 -30.99 -0.56
C ARG D 255 -28.03 -31.48 -0.87
N GLN D 256 -28.15 -32.54 -1.67
CA GLN D 256 -29.45 -33.14 -1.93
C GLN D 256 -30.02 -33.73 -0.64
N PHE D 257 -31.32 -33.61 -0.48
CA PHE D 257 -31.99 -34.18 0.68
C PHE D 257 -32.26 -35.66 0.42
N LEU D 258 -31.58 -36.52 1.17
CA LEU D 258 -31.76 -37.96 1.04
C LEU D 258 -32.96 -38.42 1.88
N ASP D 259 -33.46 -39.59 1.55
CA ASP D 259 -34.64 -40.15 2.22
C ASP D 259 -34.33 -40.34 3.70
N PRO D 260 -35.10 -39.72 4.61
CA PRO D 260 -34.84 -39.94 6.05
C PRO D 260 -35.07 -41.37 6.49
N ALA D 261 -35.86 -42.15 5.75
CA ALA D 261 -36.11 -43.53 6.13
C ALA D 261 -34.85 -44.36 6.10
N GLN D 262 -33.89 -44.01 5.25
CA GLN D 262 -32.64 -44.75 5.16
C GLN D 262 -31.75 -44.55 6.39
N GLY D 263 -32.03 -43.52 7.19
CA GLY D 263 -31.30 -43.32 8.43
C GLY D 263 -29.84 -42.99 8.26
N TYR D 264 -29.50 -42.18 7.26
CA TYR D 264 -28.12 -41.74 7.09
C TYR D 264 -27.76 -40.69 8.13
N LYS D 265 -26.50 -40.69 8.55
CA LYS D 265 -26.02 -39.70 9.50
C LYS D 265 -26.12 -38.31 8.86
N ASP D 266 -26.66 -37.37 9.63
CA ASP D 266 -26.89 -35.98 9.20
C ASP D 266 -27.88 -35.86 8.06
N HIS D 267 -28.63 -36.93 7.77
CA HIS D 267 -29.71 -36.91 6.77
C HIS D 267 -30.95 -37.52 7.43
N ASP D 268 -31.71 -36.69 8.14
CA ASP D 268 -32.95 -37.11 8.76
C ASP D 268 -34.07 -36.10 8.58
N LEU D 269 -33.81 -34.97 7.94
CA LEU D 269 -34.81 -33.94 7.67
C LEU D 269 -34.81 -33.66 6.18
N ASP D 270 -35.99 -33.63 5.59
CA ASP D 270 -36.15 -33.39 4.16
C ASP D 270 -36.96 -32.10 3.99
N LEU D 271 -36.24 -30.98 3.87
CA LEU D 271 -36.89 -29.69 3.72
C LEU D 271 -37.32 -29.41 2.28
N CYS D 272 -36.80 -30.15 1.30
CA CYS D 272 -37.18 -30.06 -0.10
C CYS D 272 -36.66 -28.77 -0.73
N VAL D 273 -36.12 -27.88 0.09
CA VAL D 273 -35.55 -26.62 -0.39
C VAL D 273 -34.28 -26.35 0.42
N PRO D 274 -33.12 -26.30 -0.21
CA PRO D 274 -31.87 -26.04 0.53
C PRO D 274 -31.68 -24.55 0.80
N ILE D 275 -32.30 -24.07 1.88
CA ILE D 275 -32.26 -22.64 2.19
C ILE D 275 -30.83 -22.21 2.46
N PHE D 276 -30.09 -22.98 3.26
CA PHE D 276 -28.73 -22.58 3.62
C PHE D 276 -27.77 -22.77 2.45
N THR D 277 -27.98 -23.78 1.62
CA THR D 277 -27.16 -23.93 0.42
C THR D 277 -27.41 -22.77 -0.55
N LEU D 278 -28.66 -22.33 -0.68
CA LEU D 278 -28.96 -21.18 -1.51
C LEU D 278 -28.33 -19.91 -0.94
N LEU D 279 -28.37 -19.75 0.38
CA LEU D 279 -27.72 -18.59 0.99
C LEU D 279 -26.21 -18.62 0.78
N GLN D 280 -25.59 -19.80 0.89
CA GLN D 280 -24.16 -19.92 0.63
C GLN D 280 -23.83 -19.60 -0.83
N PHE D 281 -24.68 -20.09 -1.75
CA PHE D 281 -24.50 -19.77 -3.16
C PHE D 281 -24.60 -18.27 -3.39
N PHE D 282 -25.60 -17.63 -2.77
CA PHE D 282 -25.74 -16.18 -2.87
C PHE D 282 -24.48 -15.50 -2.39
N PHE D 283 -23.99 -15.88 -1.21
CA PHE D 283 -22.80 -15.27 -0.64
C PHE D 283 -21.60 -15.39 -1.57
N TYR D 284 -21.28 -16.61 -2.00
CA TYR D 284 -20.06 -16.82 -2.76
C TYR D 284 -20.17 -16.29 -4.18
N ALA D 285 -21.29 -16.55 -4.85
CA ALA D 285 -21.49 -16.05 -6.20
C ALA D 285 -21.51 -14.53 -6.23
N GLY D 286 -22.13 -13.88 -5.24
CA GLY D 286 -22.07 -12.43 -5.17
C GLY D 286 -20.68 -11.91 -4.86
N TRP D 287 -19.93 -12.64 -4.02
CA TRP D 287 -18.56 -12.26 -3.76
C TRP D 287 -17.74 -12.26 -5.04
N LEU D 288 -17.96 -13.26 -5.90
CA LEU D 288 -17.30 -13.24 -7.20
C LEU D 288 -17.90 -12.20 -8.14
N LYS D 289 -19.19 -11.91 -8.02
CA LYS D 289 -19.82 -10.91 -8.87
C LYS D 289 -19.30 -9.52 -8.58
N VAL D 290 -18.82 -9.29 -7.35
CA VAL D 290 -18.13 -8.03 -7.05
C VAL D 290 -16.95 -7.84 -8.00
N ALA D 291 -16.10 -8.87 -8.12
CA ALA D 291 -14.97 -8.80 -9.02
C ALA D 291 -15.42 -8.77 -10.48
N GLU D 292 -16.50 -9.49 -10.80
CA GLU D 292 -17.00 -9.50 -12.17
C GLU D 292 -17.45 -8.11 -12.61
N GLN D 293 -18.08 -7.37 -11.70
CA GLN D 293 -18.53 -6.02 -12.03
C GLN D 293 -17.37 -5.03 -12.03
N LEU D 294 -16.42 -5.18 -11.09
CA LEU D 294 -15.36 -4.19 -10.94
C LEU D 294 -14.14 -4.44 -11.82
N ILE D 295 -14.05 -5.60 -12.49
CA ILE D 295 -12.83 -5.92 -13.23
C ILE D 295 -12.64 -4.97 -14.40
N ASN D 296 -13.73 -4.61 -15.08
CA ASN D 296 -13.72 -3.53 -16.06
C ASN D 296 -14.71 -2.48 -15.58
N PRO D 297 -14.24 -1.42 -14.92
CA PRO D 297 -15.15 -0.37 -14.44
C PRO D 297 -15.61 0.59 -15.51
N PHE D 298 -15.26 0.36 -16.77
CA PHE D 298 -15.62 1.26 -17.86
C PHE D 298 -16.68 0.67 -18.78
N GLY D 299 -17.35 -0.39 -18.35
CA GLY D 299 -18.47 -0.95 -19.08
C GLY D 299 -19.74 -0.16 -18.84
N GLU D 300 -20.87 -0.87 -18.83
CA GLU D 300 -22.17 -0.24 -18.62
C GLU D 300 -22.91 -0.84 -17.44
N ASP D 301 -22.20 -1.38 -16.45
CA ASP D 301 -22.83 -1.84 -15.24
C ASP D 301 -23.35 -0.64 -14.43
N ASP D 302 -24.24 -0.93 -13.49
CA ASP D 302 -24.80 0.13 -12.66
C ASP D 302 -23.72 0.77 -11.78
N ASP D 303 -22.73 -0.01 -11.37
CA ASP D 303 -21.64 0.48 -10.52
C ASP D 303 -20.40 0.85 -11.32
N ASP D 304 -20.49 0.91 -12.63
CA ASP D 304 -19.37 1.37 -13.44
C ASP D 304 -19.32 2.89 -13.46
N PHE D 305 -18.15 3.41 -13.84
CA PHE D 305 -17.93 4.85 -13.77
C PHE D 305 -18.76 5.59 -14.81
N GLU D 306 -19.30 6.74 -14.41
CA GLU D 306 -20.12 7.58 -15.30
C GLU D 306 -19.19 8.46 -16.13
N THR D 307 -18.56 7.83 -17.12
CA THR D 307 -17.51 8.48 -17.89
C THR D 307 -18.06 9.59 -18.78
N ASN D 308 -19.26 9.41 -19.34
CA ASN D 308 -19.83 10.46 -20.18
C ASN D 308 -20.21 11.68 -19.34
N PHE D 309 -20.76 11.45 -18.14
CA PHE D 309 -21.01 12.55 -17.23
C PHE D 309 -19.72 13.26 -16.85
N LEU D 310 -18.66 12.49 -16.61
CA LEU D 310 -17.37 13.10 -16.28
C LEU D 310 -16.85 13.94 -17.44
N ILE D 311 -17.01 13.45 -18.67
CA ILE D 311 -16.58 14.22 -19.84
C ILE D 311 -17.32 15.55 -19.91
N ASP D 312 -18.65 15.48 -19.79
CA ASP D 312 -19.46 16.69 -19.86
C ASP D 312 -19.08 17.68 -18.77
N ARG D 313 -18.98 17.20 -17.53
CA ARG D 313 -18.64 18.07 -16.41
C ARG D 313 -17.26 18.69 -16.58
N ASN D 314 -16.28 17.88 -16.98
CA ASN D 314 -14.92 18.38 -17.12
C ASN D 314 -14.85 19.46 -18.19
N PHE D 315 -15.46 19.21 -19.36
CA PHE D 315 -15.40 20.20 -20.42
C PHE D 315 -16.11 21.49 -20.03
N GLN D 316 -17.31 21.37 -19.45
CA GLN D 316 -18.07 22.56 -19.09
C GLN D 316 -17.34 23.37 -18.03
N VAL D 317 -16.82 22.69 -17.00
CA VAL D 317 -16.17 23.37 -15.90
C VAL D 317 -14.87 24.02 -16.34
N SER D 318 -14.06 23.32 -17.14
CA SER D 318 -12.81 23.90 -17.62
C SER D 318 -13.06 25.10 -18.50
N MET D 319 -14.06 25.01 -19.40
CA MET D 319 -14.39 26.14 -20.25
C MET D 319 -14.83 27.33 -19.42
N LEU D 320 -15.71 27.11 -18.43
CA LEU D 320 -16.11 28.21 -17.55
C LEU D 320 -14.91 28.82 -16.85
N ALA D 321 -14.05 27.97 -16.27
CA ALA D 321 -12.95 28.46 -15.45
C ALA D 321 -11.98 29.31 -16.25
N VAL D 322 -11.66 28.88 -17.48
CA VAL D 322 -10.64 29.59 -18.26
C VAL D 322 -11.20 30.66 -19.17
N ASP D 323 -12.52 30.72 -19.37
CA ASP D 323 -13.09 31.76 -20.22
C ASP D 323 -13.95 32.74 -19.45
N GLU D 324 -14.97 32.28 -18.73
CA GLU D 324 -15.89 33.20 -18.09
C GLU D 324 -15.29 33.79 -16.82
N MET D 325 -14.50 33.02 -16.10
CA MET D 325 -13.96 33.43 -14.80
C MET D 325 -12.58 34.08 -14.91
N TYR D 326 -12.00 34.16 -16.09
CA TYR D 326 -10.67 34.76 -16.22
C TYR D 326 -10.73 36.25 -15.88
N ASP D 327 -9.90 36.65 -14.92
CA ASP D 327 -9.73 38.05 -14.54
C ASP D 327 -11.08 38.71 -14.24
N ASP D 328 -11.94 37.96 -13.55
CA ASP D 328 -13.30 38.38 -13.25
C ASP D 328 -13.56 38.29 -11.75
N LEU D 329 -12.63 38.83 -10.96
CA LEU D 329 -12.73 38.80 -9.51
C LEU D 329 -13.62 39.92 -9.00
N ALA D 330 -14.32 39.65 -7.91
CA ALA D 330 -15.00 40.71 -7.18
C ALA D 330 -13.96 41.64 -6.56
N VAL D 331 -14.34 42.91 -6.40
CA VAL D 331 -13.41 43.90 -5.87
C VAL D 331 -12.98 43.50 -4.47
N LEU D 332 -11.68 43.62 -4.20
CA LEU D 332 -11.14 43.28 -2.90
C LEU D 332 -11.81 44.12 -1.82
N GLU D 333 -12.45 43.46 -0.86
CA GLU D 333 -13.15 44.12 0.22
C GLU D 333 -12.85 43.43 1.54
N LYS D 334 -12.97 44.19 2.63
CA LYS D 334 -12.71 43.65 3.95
C LYS D 334 -13.74 42.59 4.32
N ASP D 335 -13.28 41.49 4.89
CA ASP D 335 -14.16 40.40 5.24
C ASP D 335 -14.90 40.70 6.55
N LEU D 336 -15.77 39.77 6.93
CA LEU D 336 -16.61 39.97 8.12
C LEU D 336 -15.77 40.01 9.40
N TYR D 337 -14.65 39.29 9.43
CA TYR D 337 -13.82 39.20 10.62
C TYR D 337 -12.56 40.06 10.50
N TRP D 338 -12.65 41.17 9.77
CA TRP D 338 -11.48 42.03 9.57
C TRP D 338 -11.00 42.63 10.88
N ASP D 339 -11.92 43.19 11.66
CA ASP D 339 -11.58 43.83 12.93
C ASP D 339 -11.50 42.85 14.09
N ALA D 340 -11.97 41.62 13.92
CA ALA D 340 -12.01 40.63 14.99
C ALA D 340 -10.66 39.93 15.06
N ALA D 341 -10.07 39.91 16.26
CA ALA D 341 -8.78 39.26 16.45
C ALA D 341 -8.89 37.77 16.20
N GLU D 342 -9.98 37.15 16.66
CA GLU D 342 -10.26 35.75 16.38
C GLU D 342 -11.32 35.65 15.27
N ALA D 343 -11.73 34.43 14.95
CA ALA D 343 -12.74 34.23 13.92
C ALA D 343 -13.43 32.90 14.16
N ARG D 344 -14.76 32.91 14.05
CA ARG D 344 -15.54 31.69 14.14
C ARG D 344 -16.92 31.94 13.53
N ALA D 345 -17.28 31.15 12.53
CA ALA D 345 -18.58 31.28 11.91
C ALA D 345 -19.67 30.81 12.88
N PRO D 346 -20.88 31.34 12.75
CA PRO D 346 -21.97 30.94 13.64
C PRO D 346 -22.41 29.51 13.39
N TYR D 347 -23.14 28.97 14.37
CA TYR D 347 -23.69 27.63 14.31
C TYR D 347 -25.21 27.69 14.26
N THR D 348 -25.80 26.72 13.55
CA THR D 348 -27.25 26.62 13.49
C THR D 348 -27.79 25.91 14.73
N ALA D 349 -29.12 25.89 14.85
CA ALA D 349 -29.75 25.18 15.96
C ALA D 349 -29.48 23.68 15.90
N ALA D 350 -29.37 23.13 14.68
CA ALA D 350 -29.15 21.69 14.52
C ALA D 350 -27.70 21.29 14.78
N THR D 351 -26.77 22.23 14.81
CA THR D 351 -25.35 21.92 14.98
C THR D 351 -24.71 22.61 16.17
N VAL D 352 -25.42 23.46 16.90
CA VAL D 352 -24.84 24.15 18.05
C VAL D 352 -24.43 23.16 19.13
N PHE D 353 -25.03 21.96 19.14
CA PHE D 353 -24.64 20.94 20.11
C PHE D 353 -23.19 20.49 19.90
N GLN D 354 -22.67 20.65 18.68
CA GLN D 354 -21.29 20.28 18.42
C GLN D 354 -20.32 21.15 19.21
N LEU D 355 -20.69 22.40 19.46
CA LEU D 355 -19.95 23.21 20.41
C LEU D 355 -20.12 22.66 21.82
N ARG D 356 -19.28 23.14 22.73
CA ARG D 356 -19.09 22.69 24.11
C ARG D 356 -18.31 21.38 24.15
N GLN D 357 -18.07 20.73 23.03
CA GLN D 357 -17.10 19.64 22.96
C GLN D 357 -15.71 20.23 23.15
N PRO D 358 -14.90 19.70 24.05
CA PRO D 358 -13.57 20.31 24.28
C PRO D 358 -12.74 20.33 23.01
N SER D 359 -12.04 21.45 22.80
CA SER D 359 -11.17 21.58 21.64
C SER D 359 -9.91 20.75 21.87
N PHE D 360 -9.68 19.76 21.02
CA PHE D 360 -8.55 18.87 21.21
C PHE D 360 -7.24 19.62 21.07
N GLN D 361 -6.39 19.53 22.08
CA GLN D 361 -5.09 20.17 22.09
C GLN D 361 -3.94 19.18 21.98
N GLY D 362 -4.21 17.90 22.16
CA GLY D 362 -3.18 16.87 22.26
C GLY D 362 -3.60 15.92 23.37
N SER D 363 -3.00 14.73 23.36
CA SER D 363 -3.40 13.70 24.31
C SER D 363 -2.62 13.76 25.61
N THR D 364 -1.60 14.60 25.71
CA THR D 364 -0.71 14.62 26.86
C THR D 364 -1.06 15.71 27.87
N PHE D 365 -2.13 16.48 27.64
CA PHE D 365 -2.42 17.65 28.45
C PHE D 365 -3.38 17.35 29.60
N ASP D 366 -3.36 16.11 30.11
CA ASP D 366 -4.10 15.76 31.32
C ASP D 366 -3.24 14.93 32.28
N ILE D 367 -1.91 14.95 32.10
CA ILE D 367 -1.05 14.09 32.90
C ILE D 367 -0.99 14.57 34.35
N THR D 368 -0.85 15.87 34.56
CA THR D 368 -0.83 16.49 35.90
C THR D 368 0.29 15.90 36.77
N LEU D 369 1.52 16.17 36.33
CA LEU D 369 2.70 15.72 37.05
C LEU D 369 2.82 16.42 38.40
N ALA D 370 3.68 15.86 39.25
CA ALA D 370 3.97 16.46 40.54
C ALA D 370 4.96 17.61 40.38
N LYS D 371 4.99 18.48 41.39
CA LYS D 371 5.89 19.63 41.35
C LYS D 371 7.35 19.20 41.36
N GLU D 372 7.67 18.16 42.15
CA GLU D 372 9.04 17.69 42.23
C GLU D 372 9.55 17.14 40.91
N ASP D 373 8.66 16.47 40.14
CA ASP D 373 9.10 15.82 38.91
C ASP D 373 9.32 16.81 37.78
N MET D 374 8.78 18.03 37.90
CA MET D 374 8.83 19.00 36.80
C MET D 374 10.10 19.84 36.79
N GLN D 375 10.95 19.72 37.80
CA GLN D 375 12.16 20.53 37.85
C GLN D 375 13.24 19.94 36.95
N PHE D 376 13.87 20.80 36.14
CA PHE D 376 14.97 20.36 35.31
C PHE D 376 16.16 19.94 36.17
N GLN D 377 16.95 19.00 35.65
CA GLN D 377 18.10 18.45 36.35
C GLN D 377 19.07 19.54 36.85
N THR E 2 -15.27 12.02 16.45
CA THR E 2 -14.00 11.41 16.80
C THR E 2 -13.90 11.16 18.30
N VAL E 3 -13.69 9.91 18.68
CA VAL E 3 -13.50 9.52 20.07
C VAL E 3 -12.01 9.24 20.25
N THR E 4 -11.34 10.08 21.02
CA THR E 4 -9.89 9.97 21.22
C THR E 4 -9.61 9.27 22.54
N TYR E 5 -8.86 8.16 22.48
CA TYR E 5 -8.41 7.45 23.67
C TYR E 5 -6.91 7.18 23.62
N THR E 6 -6.16 8.04 22.93
CA THR E 6 -4.72 7.83 22.77
C THR E 6 -4.00 7.86 24.12
N ALA E 7 -4.39 8.80 24.98
CA ALA E 7 -3.78 8.91 26.30
C ALA E 7 -4.03 7.65 27.13
N ARG E 8 -5.20 7.04 26.98
CA ARG E 8 -5.53 5.84 27.72
C ARG E 8 -4.69 4.64 27.29
N VAL E 9 -4.14 4.67 26.07
CA VAL E 9 -3.38 3.54 25.54
C VAL E 9 -1.95 3.96 25.24
N ALA E 10 -1.51 5.06 25.87
CA ALA E 10 -0.11 5.46 25.75
C ALA E 10 0.84 4.31 26.08
N ASN E 11 0.57 3.58 27.15
CA ASN E 11 1.40 2.46 27.56
C ASN E 11 0.58 1.17 27.55
N ALA E 12 1.26 0.07 27.22
CA ALA E 12 0.66 -1.25 27.35
C ALA E 12 0.67 -1.66 28.81
N ARG E 13 -0.50 -1.64 29.45
CA ARG E 13 -0.63 -1.86 30.87
C ARG E 13 -1.43 -3.12 31.14
N PHE E 14 -1.41 -3.56 32.41
CA PHE E 14 -2.19 -4.73 32.80
C PHE E 14 -3.68 -4.50 32.56
N GLY E 15 -4.17 -3.32 32.89
CA GLY E 15 -5.55 -2.98 32.55
C GLY E 15 -5.78 -3.01 31.06
N GLY E 16 -4.90 -2.36 30.29
CA GLY E 16 -4.88 -2.47 28.85
C GLY E 16 -6.15 -2.02 28.15
N PHE E 17 -6.74 -2.92 27.36
CA PHE E 17 -7.97 -2.62 26.65
C PHE E 17 -9.21 -2.94 27.47
N SER E 18 -9.03 -3.59 28.63
CA SER E 18 -10.17 -3.87 29.50
C SER E 18 -10.81 -2.57 30.00
N GLN E 19 -10.00 -1.56 30.31
CA GLN E 19 -10.56 -0.27 30.69
C GLN E 19 -11.27 0.39 29.51
N LEU E 20 -10.77 0.21 28.29
CA LEU E 20 -11.49 0.69 27.11
C LEU E 20 -12.83 0.00 26.97
N LEU E 21 -12.94 -1.23 27.46
CA LEU E 21 -14.22 -1.92 27.43
C LEU E 21 -15.29 -1.24 28.29
N LEU E 22 -14.90 -0.30 29.15
CA LEU E 22 -15.84 0.43 29.99
C LEU E 22 -16.29 1.76 29.37
N LEU E 23 -15.91 2.02 28.12
CA LEU E 23 -16.27 3.27 27.46
C LEU E 23 -17.61 3.13 26.74
N TRP E 24 -18.36 4.23 26.68
CA TRP E 24 -19.69 4.24 26.09
C TRP E 24 -19.77 5.03 24.80
N ARG E 25 -19.15 6.21 24.74
CA ARG E 25 -19.23 7.03 23.53
C ARG E 25 -18.41 6.41 22.42
N GLY E 26 -19.03 6.25 21.25
CA GLY E 26 -18.37 5.60 20.14
C GLY E 26 -18.09 4.13 20.35
N SER E 27 -18.87 3.47 21.21
CA SER E 27 -18.57 2.12 21.64
C SER E 27 -19.45 1.09 20.93
N ILE E 28 -19.02 -0.17 21.02
CA ILE E 28 -19.78 -1.26 20.43
C ILE E 28 -21.13 -1.40 21.12
N TYR E 29 -21.19 -1.16 22.43
CA TYR E 29 -22.46 -1.25 23.13
C TYR E 29 -23.45 -0.23 22.58
N LYS E 30 -23.02 1.02 22.42
CA LYS E 30 -23.89 2.06 21.89
C LYS E 30 -24.30 1.76 20.46
N LEU E 31 -23.37 1.21 19.66
CA LEU E 31 -23.69 0.92 18.28
C LEU E 31 -24.55 -0.34 18.11
N LEU E 32 -24.60 -1.22 19.11
CA LEU E 32 -25.10 -2.57 18.88
C LEU E 32 -26.16 -3.06 19.87
N TRP E 33 -26.53 -2.28 20.89
CA TRP E 33 -27.43 -2.81 21.90
C TRP E 33 -28.83 -3.07 21.33
N ARG E 34 -29.28 -2.26 20.39
CA ARG E 34 -30.59 -2.50 19.78
C ARG E 34 -30.61 -3.82 19.00
N GLU E 35 -29.57 -4.06 18.19
CA GLU E 35 -29.49 -5.29 17.43
C GLU E 35 -29.35 -6.49 18.35
N LEU E 36 -28.57 -6.35 19.43
CA LEU E 36 -28.44 -7.43 20.40
C LEU E 36 -29.78 -7.74 21.06
N LEU E 37 -30.53 -6.70 21.40
CA LEU E 37 -31.85 -6.89 21.98
C LEU E 37 -32.79 -7.60 21.02
N CYS E 38 -32.75 -7.23 19.74
CA CYS E 38 -33.61 -7.88 18.76
C CYS E 38 -33.24 -9.36 18.58
N PHE E 39 -31.93 -9.65 18.51
CA PHE E 39 -31.48 -11.03 18.38
C PHE E 39 -31.90 -11.86 19.59
N LEU E 40 -31.72 -11.30 20.79
CA LEU E 40 -32.12 -12.01 22.00
C LEU E 40 -33.63 -12.20 22.05
N GLY E 41 -34.39 -11.21 21.58
CA GLY E 41 -35.84 -11.36 21.57
C GLY E 41 -36.30 -12.45 20.63
N PHE E 42 -35.71 -12.51 19.44
CA PHE E 42 -36.06 -13.59 18.52
C PHE E 42 -35.69 -14.96 19.10
N TYR E 43 -34.49 -15.06 19.67
CA TYR E 43 -34.06 -16.34 20.25
C TYR E 43 -34.99 -16.75 21.38
N MET E 44 -35.35 -15.80 22.24
CA MET E 44 -36.21 -16.11 23.38
C MET E 44 -37.63 -16.44 22.94
N ALA E 45 -38.12 -15.81 21.88
CA ALA E 45 -39.44 -16.17 21.36
C ALA E 45 -39.44 -17.59 20.83
N LEU E 46 -38.41 -17.96 20.07
CA LEU E 46 -38.31 -19.34 19.59
C LEU E 46 -38.20 -20.32 20.75
N SER E 47 -37.38 -19.98 21.76
CA SER E 47 -37.19 -20.87 22.90
C SER E 47 -38.49 -21.05 23.69
N ALA E 48 -39.22 -19.95 23.90
CA ALA E 48 -40.48 -20.02 24.63
C ALA E 48 -41.51 -20.83 23.86
N ALA E 49 -41.58 -20.65 22.54
CA ALA E 49 -42.49 -21.46 21.74
C ALA E 49 -42.15 -22.94 21.85
N TYR E 50 -40.86 -23.28 21.75
CA TYR E 50 -40.45 -24.68 21.85
C TYR E 50 -40.77 -25.25 23.23
N ARG E 51 -40.57 -24.46 24.28
CA ARG E 51 -40.74 -24.97 25.64
C ARG E 51 -42.21 -25.09 26.04
N PHE E 52 -43.07 -24.19 25.57
CA PHE E 52 -44.41 -24.09 26.14
C PHE E 52 -45.55 -24.25 25.13
N VAL E 53 -45.32 -24.07 23.85
CA VAL E 53 -46.39 -24.05 22.86
C VAL E 53 -46.43 -25.34 22.04
N LEU E 54 -45.27 -25.79 21.57
CA LEU E 54 -45.22 -26.93 20.65
C LEU E 54 -45.70 -28.21 21.33
N THR E 55 -46.35 -29.06 20.55
CA THR E 55 -46.72 -30.40 20.99
C THR E 55 -45.49 -31.30 20.96
N GLU E 56 -45.67 -32.59 21.27
CA GLU E 56 -44.53 -33.50 21.32
C GLU E 56 -43.96 -33.74 19.92
N GLY E 57 -44.81 -34.01 18.94
CA GLY E 57 -44.32 -34.21 17.58
C GLY E 57 -43.71 -32.95 17.00
N GLN E 58 -44.33 -31.80 17.29
CA GLN E 58 -43.78 -30.52 16.84
C GLN E 58 -42.43 -30.27 17.48
N LYS E 59 -42.26 -30.64 18.75
CA LYS E 59 -40.96 -30.50 19.40
C LYS E 59 -39.92 -31.42 18.79
N ARG E 60 -40.32 -32.65 18.42
CA ARG E 60 -39.38 -33.54 17.75
C ARG E 60 -38.93 -32.97 16.42
N TYR E 61 -39.88 -32.44 15.63
CA TYR E 61 -39.51 -31.82 14.36
C TYR E 61 -38.64 -30.58 14.58
N PHE E 62 -38.94 -29.80 15.62
CA PHE E 62 -38.14 -28.63 15.93
C PHE E 62 -36.72 -29.01 16.31
N GLU E 63 -36.56 -30.10 17.07
CA GLU E 63 -35.23 -30.57 17.43
C GLU E 63 -34.46 -31.04 16.20
N LYS E 64 -35.13 -31.75 15.30
CA LYS E 64 -34.49 -32.15 14.05
C LYS E 64 -34.05 -30.93 13.25
N LEU E 65 -34.90 -29.90 13.17
CA LEU E 65 -34.57 -28.68 12.45
C LEU E 65 -33.40 -27.96 13.09
N VAL E 66 -33.36 -27.91 14.42
CA VAL E 66 -32.25 -27.25 15.12
C VAL E 66 -30.95 -27.98 14.84
N ILE E 67 -30.97 -29.32 14.90
CA ILE E 67 -29.77 -30.09 14.63
C ILE E 67 -29.31 -29.86 13.19
N TYR E 68 -30.24 -29.83 12.24
CA TYR E 68 -29.88 -29.57 10.85
C TYR E 68 -29.26 -28.19 10.68
N CYS E 69 -29.88 -27.17 11.31
CA CYS E 69 -29.45 -25.79 11.08
C CYS E 69 -28.13 -25.49 11.79
N ASP E 70 -27.82 -26.22 12.87
CA ASP E 70 -26.55 -26.01 13.54
C ASP E 70 -25.35 -26.39 12.66
N GLN E 71 -25.58 -27.19 11.62
CA GLN E 71 -24.47 -27.60 10.76
C GLN E 71 -24.01 -26.48 9.85
N TYR E 72 -24.86 -25.48 9.62
CA TYR E 72 -24.54 -24.40 8.69
C TYR E 72 -24.06 -23.14 9.38
N ALA E 73 -23.82 -23.18 10.69
CA ALA E 73 -23.25 -22.05 11.42
C ALA E 73 -21.73 -22.01 11.21
N SER E 74 -21.33 -21.72 9.98
CA SER E 74 -19.93 -21.72 9.59
C SER E 74 -19.32 -20.36 9.93
N LEU E 75 -18.17 -20.39 10.61
CA LEU E 75 -17.56 -19.17 11.13
C LEU E 75 -16.47 -18.65 10.20
N ILE E 76 -15.77 -19.56 9.52
CA ILE E 76 -14.62 -19.16 8.71
C ILE E 76 -15.00 -18.28 7.52
N PRO E 77 -16.02 -18.60 6.72
CA PRO E 77 -16.34 -17.72 5.58
C PRO E 77 -16.75 -16.32 5.99
N VAL E 78 -17.59 -16.21 7.03
CA VAL E 78 -18.01 -14.89 7.49
C VAL E 78 -16.84 -14.13 8.06
N SER E 79 -15.94 -14.82 8.79
CA SER E 79 -14.73 -14.16 9.28
C SER E 79 -13.88 -13.64 8.12
N PHE E 80 -13.72 -14.46 7.08
CA PHE E 80 -12.97 -14.06 5.90
C PHE E 80 -13.54 -12.79 5.27
N VAL E 81 -14.83 -12.81 4.96
CA VAL E 81 -15.43 -11.71 4.22
C VAL E 81 -15.47 -10.46 5.09
N LEU E 82 -15.73 -10.62 6.39
CA LEU E 82 -15.72 -9.49 7.30
C LEU E 82 -14.33 -8.87 7.38
N GLY E 83 -13.29 -9.71 7.50
CA GLY E 83 -11.95 -9.20 7.59
C GLY E 83 -11.56 -8.39 6.38
N PHE E 84 -11.79 -8.96 5.19
CA PHE E 84 -11.41 -8.25 3.97
C PHE E 84 -12.20 -6.96 3.79
N TYR E 85 -13.53 -7.04 3.97
CA TYR E 85 -14.37 -5.87 3.75
C TYR E 85 -14.09 -4.77 4.75
N VAL E 86 -13.92 -5.12 6.02
CA VAL E 86 -13.65 -4.13 7.06
C VAL E 86 -12.27 -3.53 6.87
N THR E 87 -11.28 -4.33 6.44
CA THR E 87 -9.97 -3.77 6.17
C THR E 87 -10.04 -2.74 5.04
N LEU E 88 -10.79 -3.07 3.97
CA LEU E 88 -10.97 -2.11 2.89
C LEU E 88 -11.64 -0.83 3.40
N VAL E 89 -12.69 -0.98 4.21
CA VAL E 89 -13.41 0.19 4.71
C VAL E 89 -12.51 1.05 5.59
N VAL E 90 -11.71 0.43 6.45
CA VAL E 90 -10.85 1.18 7.36
C VAL E 90 -9.77 1.92 6.58
N ASN E 91 -9.15 1.25 5.60
CA ASN E 91 -8.15 1.94 4.78
C ASN E 91 -8.76 3.11 4.03
N ARG E 92 -9.96 2.92 3.46
CA ARG E 92 -10.63 4.00 2.75
C ARG E 92 -10.98 5.14 3.70
N TRP E 93 -11.35 4.81 4.94
CA TRP E 93 -11.68 5.81 5.94
C TRP E 93 -10.47 6.68 6.29
N TRP E 94 -9.32 6.04 6.50
CA TRP E 94 -8.12 6.81 6.78
C TRP E 94 -7.69 7.65 5.58
N SER E 95 -7.83 7.10 4.36
CA SER E 95 -7.54 7.88 3.16
C SER E 95 -8.45 9.09 3.06
N GLN E 96 -9.74 8.92 3.39
CA GLN E 96 -10.67 10.03 3.38
C GLN E 96 -10.26 11.10 4.38
N TYR E 97 -9.81 10.70 5.58
CA TYR E 97 -9.32 11.69 6.52
C TYR E 97 -8.10 12.42 5.95
N LEU E 98 -7.19 11.68 5.32
CA LEU E 98 -6.00 12.31 4.74
C LEU E 98 -6.35 13.22 3.57
N CYS E 99 -7.54 13.07 2.98
CA CYS E 99 -7.96 13.93 1.87
C CYS E 99 -8.62 15.23 2.34
N MET E 100 -8.71 15.47 3.64
CA MET E 100 -9.30 16.69 4.14
C MET E 100 -8.40 17.88 3.81
N PRO E 101 -8.92 18.93 3.19
CA PRO E 101 -8.06 20.06 2.81
C PRO E 101 -7.67 20.89 4.02
N LEU E 102 -6.37 21.12 4.17
CA LEU E 102 -5.81 21.91 5.26
C LEU E 102 -5.14 23.16 4.70
N PRO E 103 -5.34 24.32 5.33
CA PRO E 103 -4.75 25.56 4.83
C PRO E 103 -3.36 25.89 5.35
N ASP E 104 -2.68 24.95 6.03
CA ASP E 104 -1.42 25.30 6.69
C ASP E 104 -0.32 25.60 5.68
N ALA E 105 -0.17 24.75 4.65
CA ALA E 105 0.86 24.98 3.65
C ALA E 105 0.60 26.29 2.89
N LEU E 106 -0.66 26.50 2.49
CA LEU E 106 -1.01 27.73 1.79
C LEU E 106 -0.79 28.95 2.67
N MET E 107 -1.10 28.85 3.97
CA MET E 107 -0.95 30.01 4.84
C MET E 107 0.52 30.33 5.07
N CYS E 108 1.38 29.31 5.17
CA CYS E 108 2.81 29.55 5.27
C CYS E 108 3.34 30.21 4.00
N VAL E 109 2.92 29.71 2.84
CA VAL E 109 3.37 30.29 1.58
C VAL E 109 2.88 31.73 1.44
N VAL E 110 1.62 31.99 1.79
CA VAL E 110 1.07 33.34 1.68
C VAL E 110 1.79 34.29 2.62
N ALA E 111 2.03 33.88 3.86
CA ALA E 111 2.74 34.74 4.80
C ALA E 111 4.15 35.03 4.32
N GLY E 112 4.79 34.06 3.66
CA GLY E 112 6.13 34.28 3.17
C GLY E 112 6.27 34.95 1.82
N THR E 113 5.19 35.02 1.03
CA THR E 113 5.30 35.50 -0.35
C THR E 113 4.39 36.68 -0.70
N VAL E 114 3.27 36.88 -0.01
CA VAL E 114 2.36 37.99 -0.32
C VAL E 114 2.67 39.09 0.68
N HIS E 115 3.23 40.19 0.19
CA HIS E 115 3.87 41.18 1.03
C HIS E 115 3.08 42.48 1.09
N GLY E 116 3.39 43.28 2.10
CA GLY E 116 2.73 44.54 2.34
C GLY E 116 2.05 44.59 3.69
N ARG E 117 2.54 45.48 4.56
CA ARG E 117 1.93 45.68 5.87
C ARG E 117 0.69 46.56 5.81
N ASP E 118 0.39 47.14 4.66
CA ASP E 118 -0.74 48.04 4.53
C ASP E 118 -2.04 47.26 4.34
N ASP E 119 -3.13 48.02 4.22
CA ASP E 119 -4.45 47.42 4.10
C ASP E 119 -4.57 46.59 2.82
N ARG E 120 -3.89 46.99 1.75
CA ARG E 120 -3.99 46.22 0.51
C ARG E 120 -3.30 44.86 0.65
N GLY E 121 -2.13 44.82 1.28
CA GLY E 121 -1.49 43.54 1.53
C GLY E 121 -2.29 42.66 2.46
N ARG E 122 -2.85 43.26 3.51
CA ARG E 122 -3.74 42.51 4.40
C ARG E 122 -4.92 41.94 3.62
N LEU E 123 -5.53 42.74 2.74
CA LEU E 123 -6.65 42.29 1.95
C LEU E 123 -6.25 41.13 1.05
N TYR E 124 -5.10 41.23 0.40
CA TYR E 124 -4.64 40.16 -0.47
C TYR E 124 -4.48 38.85 0.29
N ARG E 125 -3.74 38.89 1.40
CA ARG E 125 -3.48 37.67 2.16
C ARG E 125 -4.78 37.07 2.71
N ARG E 126 -5.62 37.91 3.32
CA ARG E 126 -6.85 37.44 3.92
C ARG E 126 -7.80 36.89 2.85
N THR E 127 -7.85 37.53 1.69
CA THR E 127 -8.74 37.07 0.63
C THR E 127 -8.29 35.75 0.04
N LEU E 128 -6.97 35.56 -0.12
CA LEU E 128 -6.49 34.27 -0.61
C LEU E 128 -6.82 33.15 0.39
N MET E 129 -6.57 33.40 1.67
CA MET E 129 -6.85 32.36 2.65
C MET E 129 -8.34 32.12 2.81
N ARG E 130 -9.15 33.18 2.66
CA ARG E 130 -10.60 33.02 2.72
C ARG E 130 -11.12 32.26 1.51
N TYR E 131 -10.48 32.43 0.35
CA TYR E 131 -10.86 31.63 -0.82
C TYR E 131 -10.59 30.15 -0.58
N ALA E 132 -9.43 29.85 0.00
CA ALA E 132 -9.14 28.45 0.34
C ALA E 132 -10.16 27.91 1.34
N GLY E 133 -10.45 28.69 2.39
CA GLY E 133 -11.44 28.27 3.36
C GLY E 133 -12.83 28.11 2.76
N LEU E 134 -13.18 28.95 1.80
CA LEU E 134 -14.48 28.88 1.15
C LEU E 134 -14.60 27.63 0.29
N SER E 135 -13.54 27.29 -0.44
CA SER E 135 -13.56 26.02 -1.18
C SER E 135 -13.73 24.84 -0.23
N ALA E 136 -13.01 24.87 0.89
CA ALA E 136 -13.14 23.80 1.88
C ALA E 136 -14.57 23.73 2.42
N VAL E 137 -15.17 24.89 2.72
CA VAL E 137 -16.53 24.92 3.25
C VAL E 137 -17.52 24.37 2.22
N LEU E 138 -17.36 24.75 0.96
CA LEU E 138 -18.28 24.28 -0.08
C LEU E 138 -18.21 22.76 -0.23
N ILE E 139 -17.00 22.22 -0.32
CA ILE E 139 -16.89 20.76 -0.47
C ILE E 139 -17.38 20.05 0.78
N LEU E 140 -17.13 20.63 1.96
CA LEU E 140 -17.53 19.97 3.19
C LEU E 140 -19.05 20.00 3.37
N ARG E 141 -19.70 21.10 2.96
CA ARG E 141 -21.16 21.09 3.00
C ARG E 141 -21.76 20.22 1.91
N SER E 142 -20.99 19.94 0.84
CA SER E 142 -21.45 18.97 -0.13
C SER E 142 -21.35 17.54 0.38
N VAL E 143 -20.36 17.22 1.21
CA VAL E 143 -20.08 15.82 1.55
C VAL E 143 -20.42 15.45 2.99
N SER E 144 -20.63 16.40 3.89
CA SER E 144 -20.78 16.12 5.32
C SER E 144 -22.14 16.61 5.81
N THR E 145 -22.87 15.73 6.49
CA THR E 145 -24.21 16.06 6.97
C THR E 145 -24.16 17.17 8.02
N ALA E 146 -23.18 17.11 8.92
CA ALA E 146 -23.06 18.15 9.96
C ALA E 146 -22.77 19.51 9.34
N VAL E 147 -21.85 19.56 8.38
CA VAL E 147 -21.51 20.83 7.74
C VAL E 147 -22.68 21.34 6.92
N PHE E 148 -23.44 20.44 6.28
CA PHE E 148 -24.63 20.88 5.57
C PHE E 148 -25.68 21.43 6.52
N LYS E 149 -25.85 20.80 7.67
CA LYS E 149 -26.80 21.33 8.66
C LYS E 149 -26.36 22.69 9.17
N ARG E 150 -25.05 22.92 9.27
CA ARG E 150 -24.56 24.23 9.67
C ARG E 150 -24.69 25.27 8.56
N PHE E 151 -24.54 24.85 7.30
CA PHE E 151 -24.64 25.75 6.15
C PHE E 151 -25.64 25.17 5.15
N PRO E 152 -26.93 25.16 5.50
CA PRO E 152 -27.93 24.60 4.57
C PRO E 152 -28.07 25.40 3.28
N THR E 153 -27.66 26.67 3.27
CA THR E 153 -27.81 27.50 2.09
C THR E 153 -26.55 28.33 1.86
N ILE E 154 -26.38 28.74 0.60
CA ILE E 154 -25.33 29.68 0.25
C ILE E 154 -25.54 30.99 0.99
N ASP E 155 -26.77 31.28 1.38
CA ASP E 155 -26.98 32.48 2.21
C ASP E 155 -26.32 32.24 3.56
N HIS E 156 -26.48 31.04 4.12
CA HIS E 156 -25.79 30.75 5.38
C HIS E 156 -24.28 30.88 5.21
N VAL E 157 -23.75 30.42 4.09
CA VAL E 157 -22.32 30.56 3.82
C VAL E 157 -21.92 32.04 3.79
N VAL E 158 -22.77 32.87 3.19
CA VAL E 158 -22.46 34.30 3.07
C VAL E 158 -22.49 34.98 4.43
N GLU E 159 -23.54 34.73 5.23
CA GLU E 159 -23.59 35.35 6.55
C GLU E 159 -22.54 34.78 7.50
N ALA E 160 -22.00 33.60 7.19
CA ALA E 160 -20.90 33.06 7.96
C ALA E 160 -19.60 33.81 7.75
N GLY E 161 -19.52 34.65 6.70
CA GLY E 161 -18.33 35.41 6.41
C GLY E 161 -17.36 34.77 5.45
N PHE E 162 -17.59 33.50 5.06
CA PHE E 162 -16.68 32.84 4.13
C PHE E 162 -16.80 33.41 2.73
N MET E 163 -17.97 33.95 2.38
CA MET E 163 -18.23 34.53 1.08
C MET E 163 -18.87 35.90 1.25
N THR E 164 -18.56 36.81 0.35
CA THR E 164 -19.16 38.14 0.36
C THR E 164 -20.36 38.18 -0.58
N ARG E 165 -21.06 39.31 -0.57
CA ARG E 165 -22.27 39.43 -1.38
C ARG E 165 -21.93 39.55 -2.87
N GLU E 166 -20.89 40.30 -3.21
CA GLU E 166 -20.48 40.40 -4.60
C GLU E 166 -19.94 39.06 -5.11
N GLU E 167 -19.17 38.37 -4.26
CA GLU E 167 -18.70 37.03 -4.62
C GLU E 167 -19.86 36.07 -4.82
N ARG E 168 -20.91 36.20 -3.99
CA ARG E 168 -22.09 35.36 -4.17
C ARG E 168 -22.82 35.71 -5.46
N LYS E 169 -22.86 37.00 -5.81
CA LYS E 169 -23.47 37.40 -7.07
C LYS E 169 -22.76 36.73 -8.24
N LYS E 170 -21.43 36.81 -8.27
CA LYS E 170 -20.68 36.16 -9.34
C LYS E 170 -20.84 34.65 -9.30
N PHE E 171 -20.84 34.07 -8.10
CA PHE E 171 -20.96 32.63 -7.92
C PHE E 171 -22.27 32.10 -8.48
N GLU E 172 -23.37 32.80 -8.20
CA GLU E 172 -24.66 32.38 -8.73
C GLU E 172 -24.83 32.74 -10.20
N ASN E 173 -24.18 33.80 -10.67
CA ASN E 173 -24.27 34.13 -12.09
C ASN E 173 -23.44 33.17 -12.94
N LEU E 174 -22.52 32.42 -12.35
CA LEU E 174 -21.85 31.36 -13.09
C LEU E 174 -22.86 30.31 -13.51
N ASN E 175 -22.80 29.90 -14.77
CA ASN E 175 -23.79 28.96 -15.34
C ASN E 175 -23.18 27.58 -15.38
N SER E 176 -23.46 26.78 -14.35
CA SER E 176 -22.96 25.41 -14.25
C SER E 176 -23.97 24.56 -13.50
N SER E 177 -24.23 23.37 -14.02
CA SER E 177 -25.11 22.41 -13.38
C SER E 177 -24.35 21.48 -12.43
N TYR E 178 -23.07 21.72 -12.22
CA TYR E 178 -22.24 20.89 -11.36
C TYR E 178 -21.83 21.65 -10.11
N ASN E 179 -21.24 20.92 -9.17
CA ASN E 179 -20.83 21.51 -7.90
C ASN E 179 -19.71 22.53 -8.12
N LYS E 180 -19.83 23.68 -7.48
CA LYS E 180 -18.96 24.82 -7.72
C LYS E 180 -17.91 25.02 -6.62
N TYR E 181 -17.43 23.95 -6.01
CA TYR E 181 -16.45 24.09 -4.93
C TYR E 181 -15.11 24.59 -5.45
N TRP E 182 -14.84 24.41 -6.74
CA TRP E 182 -13.58 24.82 -7.36
C TRP E 182 -13.53 26.31 -7.70
N VAL E 183 -14.69 26.98 -7.67
CA VAL E 183 -14.74 28.39 -8.04
C VAL E 183 -13.84 29.27 -7.17
N PRO E 184 -13.83 29.13 -5.85
CA PRO E 184 -12.86 29.90 -5.06
C PRO E 184 -11.42 29.56 -5.35
N CYS E 185 -11.12 28.35 -5.83
CA CYS E 185 -9.75 28.03 -6.23
C CYS E 185 -9.37 28.77 -7.51
N VAL E 186 -10.31 28.88 -8.46
CA VAL E 186 -10.03 29.68 -9.65
C VAL E 186 -9.89 31.15 -9.26
N TRP E 187 -10.69 31.62 -8.31
CA TRP E 187 -10.53 32.97 -7.79
C TRP E 187 -9.15 33.16 -7.16
N PHE E 188 -8.69 32.16 -6.40
CA PHE E 188 -7.37 32.21 -5.80
C PHE E 188 -6.29 32.34 -6.87
N SER E 189 -6.41 31.55 -7.94
CA SER E 189 -5.42 31.61 -9.01
C SER E 189 -5.39 32.99 -9.66
N ASN E 190 -6.58 33.54 -9.97
CA ASN E 190 -6.64 34.87 -10.58
C ASN E 190 -6.08 35.93 -9.66
N LEU E 191 -6.40 35.85 -8.36
CA LEU E 191 -5.93 36.85 -7.41
C LEU E 191 -4.42 36.76 -7.21
N ALA E 192 -3.87 35.56 -7.21
CA ALA E 192 -2.42 35.40 -7.13
C ALA E 192 -1.75 35.99 -8.36
N ALA E 193 -2.32 35.76 -9.54
CA ALA E 193 -1.78 36.38 -10.75
C ALA E 193 -1.82 37.90 -10.65
N GLN E 194 -2.93 38.45 -10.14
CA GLN E 194 -3.03 39.89 -9.98
C GLN E 194 -2.01 40.43 -8.99
N ALA E 195 -1.81 39.73 -7.88
CA ALA E 195 -0.85 40.16 -6.88
C ALA E 195 0.57 40.13 -7.43
N ARG E 196 0.91 39.09 -8.21
CA ARG E 196 2.21 39.07 -8.86
C ARG E 196 2.37 40.21 -9.85
N ARG E 197 1.31 40.51 -10.60
CA ARG E 197 1.37 41.61 -11.56
C ARG E 197 1.58 42.94 -10.86
N GLU E 198 0.95 43.14 -9.69
CA GLU E 198 1.10 44.38 -8.94
C GLU E 198 2.40 44.47 -8.18
N GLY E 199 3.19 43.39 -8.12
CA GLY E 199 4.40 43.39 -7.36
C GLY E 199 4.26 43.02 -5.90
N ARG E 200 3.04 42.73 -5.43
CA ARG E 200 2.87 42.23 -4.08
C ARG E 200 3.56 40.88 -3.90
N ILE E 201 3.44 40.01 -4.88
CA ILE E 201 4.28 38.82 -4.99
C ILE E 201 5.54 39.21 -5.74
N ARG E 202 6.70 39.04 -5.11
CA ARG E 202 7.93 39.61 -5.62
C ARG E 202 8.62 38.74 -6.67
N ASP E 203 8.21 37.49 -6.86
CA ASP E 203 8.92 36.66 -7.82
C ASP E 203 8.02 35.59 -8.40
N ASN E 204 8.37 35.21 -9.63
CA ASN E 204 7.63 34.18 -10.35
C ASN E 204 7.75 32.83 -9.66
N SER E 205 8.87 32.57 -9.00
CA SER E 205 9.00 31.33 -8.24
CA SER E 205 9.01 31.33 -8.22
C SER E 205 8.03 31.31 -7.07
N ALA E 206 7.85 32.45 -6.39
CA ALA E 206 6.86 32.53 -5.32
C ALA E 206 5.45 32.32 -5.86
N LEU E 207 5.15 32.90 -7.03
CA LEU E 207 3.84 32.67 -7.64
C LEU E 207 3.65 31.19 -7.98
N LYS E 208 4.68 30.54 -8.50
CA LYS E 208 4.59 29.12 -8.83
C LYS E 208 4.37 28.28 -7.58
N LEU E 209 5.05 28.60 -6.49
CA LEU E 209 4.85 27.88 -5.24
C LEU E 209 3.42 28.06 -4.73
N LEU E 210 2.90 29.29 -4.82
CA LEU E 210 1.52 29.54 -4.43
C LEU E 210 0.55 28.70 -5.25
N LEU E 211 0.75 28.66 -6.57
CA LEU E 211 -0.16 27.90 -7.42
C LEU E 211 -0.02 26.40 -7.18
N GLU E 212 1.18 25.91 -6.88
CA GLU E 212 1.34 24.50 -6.56
C GLU E 212 0.61 24.12 -5.29
N GLU E 213 0.74 24.93 -4.23
CA GLU E 213 0.02 24.63 -3.00
C GLU E 213 -1.49 24.76 -3.19
N LEU E 214 -1.92 25.72 -4.01
CA LEU E 214 -3.33 25.84 -4.35
C LEU E 214 -3.83 24.58 -5.04
N ASN E 215 -3.04 24.04 -5.97
CA ASN E 215 -3.45 22.83 -6.67
C ASN E 215 -3.50 21.64 -5.74
N VAL E 216 -2.59 21.56 -4.77
CA VAL E 216 -2.66 20.49 -3.77
C VAL E 216 -3.96 20.59 -2.97
N PHE E 217 -4.29 21.80 -2.52
CA PHE E 217 -5.51 22.01 -1.75
C PHE E 217 -6.75 21.65 -2.57
N ARG E 218 -6.81 22.11 -3.81
CA ARG E 218 -7.94 21.83 -4.68
C ARG E 218 -8.04 20.34 -4.98
N GLY E 219 -6.90 19.67 -5.14
CA GLY E 219 -6.92 18.24 -5.35
C GLY E 219 -7.48 17.49 -4.15
N LYS E 220 -7.16 17.96 -2.94
CA LYS E 220 -7.75 17.34 -1.76
C LYS E 220 -9.26 17.55 -1.71
N CYS E 221 -9.72 18.75 -2.07
CA CYS E 221 -11.17 18.98 -2.14
C CYS E 221 -11.83 18.05 -3.15
N GLY E 222 -11.22 17.93 -4.33
CA GLY E 222 -11.75 17.03 -5.35
C GLY E 222 -11.73 15.58 -4.90
N MET E 223 -10.71 15.19 -4.14
CA MET E 223 -10.65 13.83 -3.62
C MET E 223 -11.78 13.58 -2.63
N LEU E 224 -12.10 14.57 -1.81
CA LEU E 224 -13.27 14.44 -0.95
C LEU E 224 -14.54 14.25 -1.78
N PHE E 225 -14.69 15.02 -2.85
CA PHE E 225 -15.86 14.85 -3.71
C PHE E 225 -15.90 13.45 -4.31
N HIS E 226 -14.74 12.94 -4.75
CA HIS E 226 -14.69 11.62 -5.35
C HIS E 226 -15.05 10.53 -4.35
N TYR E 227 -14.56 10.65 -3.12
CA TYR E 227 -14.93 9.67 -2.09
C TYR E 227 -16.41 9.73 -1.78
N ASP E 228 -16.99 10.94 -1.76
CA ASP E 228 -18.42 11.06 -1.53
C ASP E 228 -19.23 10.42 -2.66
N TRP E 229 -18.77 10.59 -3.90
CA TRP E 229 -19.52 10.09 -5.05
C TRP E 229 -19.38 8.59 -5.22
N ILE E 230 -18.14 8.10 -5.27
CA ILE E 230 -17.87 6.68 -5.54
C ILE E 230 -17.92 5.96 -4.19
N SER E 231 -19.08 5.39 -3.88
CA SER E 231 -19.24 4.64 -2.65
C SER E 231 -18.55 3.28 -2.76
N VAL E 232 -18.35 2.64 -1.62
CA VAL E 232 -17.93 1.25 -1.56
C VAL E 232 -18.97 0.45 -2.34
N PRO E 233 -18.57 -0.50 -3.21
CA PRO E 233 -19.56 -1.21 -4.03
C PRO E 233 -20.74 -1.77 -3.26
N LEU E 234 -21.93 -1.39 -3.71
CA LEU E 234 -23.16 -1.84 -3.06
C LEU E 234 -23.28 -3.35 -3.08
N VAL E 235 -22.81 -3.99 -4.16
CA VAL E 235 -22.84 -5.44 -4.22
C VAL E 235 -21.97 -6.05 -3.12
N TYR E 236 -20.79 -5.46 -2.89
CA TYR E 236 -19.91 -5.95 -1.84
C TYR E 236 -20.55 -5.77 -0.46
N THR E 237 -21.13 -4.59 -0.21
CA THR E 237 -21.77 -4.34 1.07
C THR E 237 -22.93 -5.30 1.31
N GLN E 238 -23.75 -5.52 0.27
CA GLN E 238 -24.87 -6.44 0.39
C GLN E 238 -24.38 -7.87 0.59
N VAL E 239 -23.28 -8.25 -0.05
CA VAL E 239 -22.73 -9.59 0.13
C VAL E 239 -22.32 -9.82 1.58
N VAL E 240 -21.60 -8.87 2.16
CA VAL E 240 -21.15 -9.06 3.54
CA VAL E 240 -21.15 -9.03 3.54
C VAL E 240 -22.35 -9.05 4.49
N THR E 241 -23.33 -8.17 4.24
CA THR E 241 -24.51 -8.14 5.11
C THR E 241 -25.29 -9.44 5.02
N ILE E 242 -25.46 -9.98 3.81
CA ILE E 242 -26.20 -11.22 3.62
C ILE E 242 -25.46 -12.38 4.29
N ALA E 243 -24.14 -12.42 4.17
CA ALA E 243 -23.38 -13.48 4.83
C ALA E 243 -23.55 -13.42 6.34
N LEU E 244 -23.44 -12.22 6.92
CA LEU E 244 -23.59 -12.09 8.36
C LEU E 244 -25.00 -12.47 8.81
N TYR E 245 -26.01 -12.06 8.05
CA TYR E 245 -27.38 -12.37 8.42
C TYR E 245 -27.68 -13.85 8.25
N SER E 246 -27.09 -14.50 7.25
CA SER E 246 -27.26 -15.94 7.09
C SER E 246 -26.64 -16.68 8.27
N TYR E 247 -25.45 -16.27 8.70
CA TYR E 247 -24.85 -16.87 9.87
C TYR E 247 -25.71 -16.66 11.11
N PHE E 248 -26.27 -15.46 11.25
CA PHE E 248 -27.09 -15.16 12.43
C PHE E 248 -28.39 -15.95 12.43
N LEU E 249 -28.98 -16.15 11.26
CA LEU E 249 -30.18 -17.01 11.17
C LEU E 249 -29.84 -18.45 11.51
N ALA E 250 -28.71 -18.94 10.99
CA ALA E 250 -28.27 -20.30 11.33
C ALA E 250 -28.07 -20.45 12.83
N CYS E 251 -27.48 -19.44 13.47
CA CYS E 251 -27.32 -19.49 14.92
C CYS E 251 -28.66 -19.39 15.64
N LEU E 252 -29.54 -18.51 15.17
CA LEU E 252 -30.84 -18.33 15.81
C LEU E 252 -31.62 -19.63 15.84
N ILE E 253 -31.49 -20.44 14.80
CA ILE E 253 -32.18 -21.73 14.79
C ILE E 253 -31.38 -22.81 15.52
N GLY E 254 -30.11 -23.00 15.17
CA GLY E 254 -29.37 -24.14 15.63
C GLY E 254 -28.72 -24.01 17.00
N ARG E 255 -28.79 -22.83 17.61
CA ARG E 255 -28.25 -22.64 18.95
C ARG E 255 -29.34 -22.72 20.02
N GLN E 256 -30.54 -23.14 19.65
CA GLN E 256 -31.59 -23.36 20.64
C GLN E 256 -31.21 -24.51 21.56
N PHE E 257 -31.58 -24.39 22.83
CA PHE E 257 -31.30 -25.45 23.79
C PHE E 257 -32.40 -26.50 23.71
N LEU E 258 -32.06 -27.69 23.26
CA LEU E 258 -33.01 -28.80 23.16
C LEU E 258 -33.12 -29.51 24.50
N ASP E 259 -34.21 -30.25 24.66
CA ASP E 259 -34.47 -30.97 25.90
C ASP E 259 -33.38 -31.99 26.15
N PRO E 260 -32.67 -31.93 27.28
CA PRO E 260 -31.64 -32.94 27.56
C PRO E 260 -32.18 -34.35 27.71
N ALA E 261 -33.48 -34.49 28.02
CA ALA E 261 -34.06 -35.82 28.17
C ALA E 261 -34.02 -36.61 26.86
N GLN E 262 -34.06 -35.93 25.72
CA GLN E 262 -34.02 -36.61 24.44
C GLN E 262 -32.65 -37.21 24.16
N GLY E 263 -31.62 -36.78 24.88
CA GLY E 263 -30.30 -37.38 24.73
C GLY E 263 -29.64 -37.15 23.38
N TYR E 264 -29.81 -35.96 22.81
CA TYR E 264 -29.14 -35.65 21.56
C TYR E 264 -27.65 -35.41 21.79
N LYS E 265 -26.84 -35.76 20.80
CA LYS E 265 -25.41 -35.48 20.87
C LYS E 265 -25.17 -33.99 20.96
N ASP E 266 -24.30 -33.59 21.89
CA ASP E 266 -23.94 -32.20 22.14
C ASP E 266 -25.11 -31.37 22.65
N HIS E 267 -26.21 -32.01 23.05
CA HIS E 267 -27.36 -31.33 23.67
C HIS E 267 -27.69 -32.09 24.95
N ASP E 268 -27.02 -31.73 26.04
CA ASP E 268 -27.28 -32.31 27.35
C ASP E 268 -27.33 -31.27 28.46
N LEU E 269 -27.14 -30.00 28.13
CA LEU E 269 -27.19 -28.91 29.11
C LEU E 269 -28.14 -27.84 28.59
N ASP E 270 -29.05 -27.38 29.45
CA ASP E 270 -30.04 -26.37 29.11
C ASP E 270 -29.76 -25.14 29.95
N LEU E 271 -28.95 -24.23 29.42
CA LEU E 271 -28.63 -23.00 30.13
C LEU E 271 -29.70 -21.93 30.00
N CYS E 272 -30.59 -22.04 29.01
CA CYS E 272 -31.72 -21.14 28.80
C CYS E 272 -31.26 -19.77 28.31
N VAL E 273 -29.96 -19.55 28.31
CA VAL E 273 -29.37 -18.30 27.83
C VAL E 273 -28.12 -18.64 27.02
N PRO E 274 -28.10 -18.36 25.73
CA PRO E 274 -26.92 -18.68 24.90
C PRO E 274 -25.82 -17.63 25.07
N ILE E 275 -25.04 -17.79 26.13
CA ILE E 275 -24.01 -16.80 26.46
C ILE E 275 -22.98 -16.72 25.34
N PHE E 276 -22.50 -17.87 24.85
CA PHE E 276 -21.47 -17.86 23.84
C PHE E 276 -22.01 -17.46 22.47
N THR E 277 -23.26 -17.81 22.18
CA THR E 277 -23.87 -17.33 20.95
C THR E 277 -24.05 -15.82 20.98
N LEU E 278 -24.43 -15.27 22.13
CA LEU E 278 -24.52 -13.81 22.27
C LEU E 278 -23.15 -13.16 22.14
N LEU E 279 -22.11 -13.80 22.68
CA LEU E 279 -20.76 -13.26 22.53
C LEU E 279 -20.31 -13.29 21.07
N GLN E 280 -20.61 -14.37 20.35
CA GLN E 280 -20.27 -14.42 18.93
C GLN E 280 -21.05 -13.38 18.13
N PHE E 281 -22.33 -13.19 18.47
CA PHE E 281 -23.12 -12.16 17.82
C PHE E 281 -22.52 -10.79 18.08
N PHE E 282 -22.12 -10.52 19.32
CA PHE E 282 -21.46 -9.26 19.64
C PHE E 282 -20.21 -9.09 18.80
N PHE E 283 -19.37 -10.13 18.72
CA PHE E 283 -18.12 -10.05 17.97
C PHE E 283 -18.38 -9.71 16.51
N TYR E 284 -19.20 -10.51 15.83
CA TYR E 284 -19.40 -10.32 14.39
C TYR E 284 -20.21 -9.08 14.08
N ALA E 285 -21.28 -8.83 14.82
CA ALA E 285 -22.09 -7.65 14.56
C ALA E 285 -21.31 -6.38 14.82
N GLY E 286 -20.47 -6.34 15.86
CA GLY E 286 -19.61 -5.18 16.07
C GLY E 286 -18.53 -5.06 15.02
N TRP E 287 -18.01 -6.20 14.54
CA TRP E 287 -17.04 -6.16 13.45
C TRP E 287 -17.64 -5.52 12.21
N LEU E 288 -18.89 -5.84 11.91
CA LEU E 288 -19.56 -5.17 10.79
C LEU E 288 -19.93 -3.74 11.13
N LYS E 289 -20.22 -3.45 12.41
CA LYS E 289 -20.56 -2.09 12.80
C LYS E 289 -19.37 -1.16 12.67
N VAL E 290 -18.15 -1.70 12.75
CA VAL E 290 -16.97 -0.90 12.44
C VAL E 290 -17.08 -0.32 11.03
N ALA E 291 -17.38 -1.17 10.06
CA ALA E 291 -17.54 -0.72 8.68
C ALA E 291 -18.77 0.16 8.53
N GLU E 292 -19.84 -0.15 9.27
CA GLU E 292 -21.05 0.67 9.19
C GLU E 292 -20.79 2.09 9.65
N GLN E 293 -19.99 2.26 10.69
CA GLN E 293 -19.67 3.59 11.19
C GLN E 293 -18.65 4.29 10.29
N LEU E 294 -17.67 3.55 9.78
CA LEU E 294 -16.58 4.17 9.03
C LEU E 294 -16.86 4.34 7.55
N ILE E 295 -17.94 3.75 7.02
CA ILE E 295 -18.16 3.77 5.58
C ILE E 295 -18.42 5.20 5.09
N ASN E 296 -19.14 5.98 5.88
CA ASN E 296 -19.27 7.43 5.66
C ASN E 296 -18.75 8.11 6.91
N PRO E 297 -17.49 8.57 6.91
CA PRO E 297 -16.94 9.24 8.08
C PRO E 297 -17.38 10.68 8.25
N PHE E 298 -18.29 11.17 7.41
CA PHE E 298 -18.75 12.55 7.45
C PHE E 298 -20.18 12.67 7.95
N GLY E 299 -20.71 11.63 8.58
CA GLY E 299 -22.02 11.69 9.21
C GLY E 299 -21.94 12.33 10.58
N GLU E 300 -22.77 11.85 11.50
CA GLU E 300 -22.81 12.37 12.85
C GLU E 300 -22.57 11.30 13.90
N ASP E 301 -21.88 10.22 13.53
CA ASP E 301 -21.49 9.22 14.51
C ASP E 301 -20.44 9.78 15.47
N ASP E 302 -20.28 9.10 16.61
CA ASP E 302 -19.32 9.57 17.60
C ASP E 302 -17.89 9.49 17.09
N ASP E 303 -17.61 8.53 16.20
CA ASP E 303 -16.29 8.36 15.63
C ASP E 303 -16.15 8.98 14.25
N ASP E 304 -17.12 9.81 13.84
CA ASP E 304 -17.00 10.53 12.58
C ASP E 304 -16.16 11.79 12.77
N PHE E 305 -15.63 12.29 11.66
CA PHE E 305 -14.70 13.41 11.72
C PHE E 305 -15.41 14.69 12.17
N GLU E 306 -14.73 15.45 13.02
CA GLU E 306 -15.27 16.72 13.54
C GLU E 306 -15.00 17.83 12.52
N THR E 307 -15.81 17.81 11.47
CA THR E 307 -15.58 18.69 10.33
C THR E 307 -15.85 20.15 10.67
N ASN E 308 -16.86 20.42 11.51
CA ASN E 308 -17.13 21.80 11.89
C ASN E 308 -16.00 22.37 12.74
N PHE E 309 -15.48 21.56 13.66
CA PHE E 309 -14.31 21.97 14.43
C PHE E 309 -13.13 22.23 13.51
N LEU E 310 -12.94 21.36 12.51
CA LEU E 310 -11.84 21.57 11.58
C LEU E 310 -12.01 22.86 10.80
N ILE E 311 -13.24 23.16 10.36
CA ILE E 311 -13.49 24.41 9.65
C ILE E 311 -13.14 25.61 10.52
N ASP E 312 -13.63 25.60 11.77
CA ASP E 312 -13.35 26.72 12.68
C ASP E 312 -11.86 26.89 12.90
N ARG E 313 -11.17 25.78 13.23
CA ARG E 313 -9.74 25.85 13.50
C ARG E 313 -8.97 26.32 12.28
N ASN E 314 -9.29 25.78 11.10
CA ASN E 314 -8.56 26.15 9.90
C ASN E 314 -8.73 27.62 9.58
N PHE E 315 -9.96 28.13 9.65
CA PHE E 315 -10.18 29.54 9.33
C PHE E 315 -9.48 30.45 10.32
N GLN E 316 -9.62 30.15 11.62
CA GLN E 316 -9.01 30.99 12.65
C GLN E 316 -7.50 30.99 12.52
N VAL E 317 -6.90 29.81 12.32
CA VAL E 317 -5.45 29.70 12.26
C VAL E 317 -4.90 30.35 11.01
N SER E 318 -5.56 30.18 9.86
CA SER E 318 -5.10 30.80 8.63
C SER E 318 -5.17 32.32 8.71
N MET E 319 -6.28 32.84 9.26
CA MET E 319 -6.38 34.29 9.43
C MET E 319 -5.29 34.81 10.36
N LEU E 320 -5.05 34.14 11.48
CA LEU E 320 -3.98 34.56 12.37
C LEU E 320 -2.64 34.56 11.64
N ALA E 321 -2.33 33.46 10.94
CA ALA E 321 -1.02 33.31 10.33
C ALA E 321 -0.75 34.37 9.27
N VAL E 322 -1.76 34.69 8.45
CA VAL E 322 -1.52 35.61 7.33
C VAL E 322 -1.85 37.06 7.65
N ASP E 323 -2.48 37.35 8.79
CA ASP E 323 -2.77 38.73 9.14
C ASP E 323 -2.02 39.17 10.40
N GLU E 324 -2.18 38.46 11.51
CA GLU E 324 -1.61 38.93 12.76
C GLU E 324 -0.10 38.69 12.81
N MET E 325 0.35 37.59 12.23
CA MET E 325 1.76 37.18 12.34
C MET E 325 2.60 37.59 11.14
N TYR E 326 2.03 38.27 10.16
CA TYR E 326 2.82 38.71 9.01
C TYR E 326 3.86 39.74 9.44
N ASP E 327 5.12 39.45 9.13
CA ASP E 327 6.24 40.37 9.36
C ASP E 327 6.24 40.87 10.81
N ASP E 328 5.98 39.94 11.72
CA ASP E 328 5.86 40.23 13.14
C ASP E 328 6.81 39.35 13.95
N LEU E 329 8.06 39.27 13.49
CA LEU E 329 9.06 38.43 14.12
C LEU E 329 9.69 39.14 15.30
N ALA E 330 10.07 38.36 16.32
CA ALA E 330 10.92 38.89 17.37
C ALA E 330 12.30 39.20 16.81
N VAL E 331 12.97 40.18 17.42
CA VAL E 331 14.27 40.60 16.93
C VAL E 331 15.26 39.46 17.02
N LEU E 332 16.04 39.27 15.96
CA LEU E 332 17.04 38.21 15.92
C LEU E 332 18.02 38.37 17.08
N GLU E 333 18.06 37.37 17.96
CA GLU E 333 18.94 37.39 19.12
C GLU E 333 19.62 36.04 19.26
N LYS E 334 20.79 36.06 19.91
CA LYS E 334 21.56 34.84 20.09
C LYS E 334 20.83 33.87 21.00
N ASP E 335 20.84 32.59 20.63
CA ASP E 335 20.14 31.57 21.39
C ASP E 335 20.96 31.15 22.60
N LEU E 336 20.38 30.26 23.40
CA LEU E 336 21.01 29.84 24.64
C LEU E 336 22.31 29.09 24.40
N TYR E 337 22.40 28.36 23.29
CA TYR E 337 23.57 27.55 22.97
C TYR E 337 24.47 28.20 21.93
N TRP E 338 24.49 29.53 21.88
CA TRP E 338 25.28 30.25 20.89
C TRP E 338 26.77 29.97 21.07
N ASP E 339 27.26 30.03 22.31
CA ASP E 339 28.66 29.79 22.61
C ASP E 339 28.98 28.32 22.80
N ALA E 340 27.99 27.45 22.90
CA ALA E 340 28.18 26.04 23.17
C ALA E 340 28.41 25.29 21.87
N ALA E 341 29.53 24.58 21.77
CA ALA E 341 29.83 23.82 20.57
C ALA E 341 28.80 22.71 20.35
N GLU E 342 28.39 22.05 21.43
CA GLU E 342 27.32 21.07 21.40
C GLU E 342 26.03 21.71 21.91
N ALA E 343 24.96 20.92 21.98
CA ALA E 343 23.69 21.44 22.49
C ALA E 343 22.85 20.28 23.00
N ARG E 344 22.26 20.47 24.17
CA ARG E 344 21.31 19.50 24.72
C ARG E 344 20.44 20.19 25.75
N ALA E 345 19.13 20.15 25.54
CA ALA E 345 18.20 20.73 26.51
C ALA E 345 18.20 19.90 27.79
N PRO E 346 17.91 20.53 28.93
CA PRO E 346 17.90 19.79 30.20
C PRO E 346 16.74 18.81 30.27
N TYR E 347 16.86 17.89 31.22
CA TYR E 347 15.84 16.87 31.49
C TYR E 347 15.23 17.10 32.87
N THR E 348 13.96 16.77 32.99
CA THR E 348 13.28 16.86 34.27
C THR E 348 13.58 15.64 35.13
N ALA E 349 13.10 15.67 36.37
CA ALA E 349 13.26 14.52 37.26
C ALA E 349 12.50 13.31 36.74
N ALA E 350 11.35 13.53 36.09
CA ALA E 350 10.54 12.43 35.60
C ALA E 350 11.08 11.81 34.31
N THR E 351 12.02 12.48 33.64
CA THR E 351 12.55 12.00 32.38
C THR E 351 14.06 11.81 32.35
N VAL E 352 14.77 12.16 33.43
CA VAL E 352 16.22 12.02 33.45
C VAL E 352 16.63 10.55 33.35
N PHE E 353 15.73 9.62 33.67
CA PHE E 353 16.05 8.21 33.52
C PHE E 353 16.24 7.83 32.05
N GLN E 354 15.67 8.61 31.12
CA GLN E 354 15.85 8.33 29.71
C GLN E 354 17.29 8.52 29.29
N LEU E 355 18.01 9.44 29.93
CA LEU E 355 19.45 9.51 29.77
C LEU E 355 20.10 8.27 30.39
N ARG E 356 21.37 8.07 30.07
CA ARG E 356 22.21 6.90 30.34
C ARG E 356 21.83 5.73 29.44
N GLN E 357 20.75 5.82 28.67
CA GLN E 357 20.50 4.87 27.60
C GLN E 357 21.52 5.11 26.50
N PRO E 358 22.22 4.09 26.02
CA PRO E 358 23.26 4.33 25.02
C PRO E 358 22.70 4.99 23.76
N SER E 359 23.47 5.95 23.23
CA SER E 359 23.08 6.62 21.99
C SER E 359 23.30 5.68 20.82
N PHE E 360 22.22 5.34 20.12
CA PHE E 360 22.32 4.40 19.01
C PHE E 360 23.15 4.98 17.88
N GLN E 361 24.20 4.25 17.49
CA GLN E 361 25.07 4.66 16.40
C GLN E 361 24.91 3.79 15.16
N GLY E 362 24.23 2.65 15.29
CA GLY E 362 24.17 1.66 14.23
C GLY E 362 24.29 0.30 14.88
N SER E 363 23.88 -0.74 14.15
CA SER E 363 23.84 -2.08 14.72
C SER E 363 25.14 -2.84 14.54
N THR E 364 26.08 -2.30 13.77
CA THR E 364 27.30 -3.02 13.43
C THR E 364 28.50 -2.63 14.30
N PHE E 365 28.30 -1.78 15.30
CA PHE E 365 29.43 -1.24 16.08
C PHE E 365 29.72 -2.04 17.34
N ASP E 366 29.43 -3.35 17.33
CA ASP E 366 29.83 -4.24 18.40
C ASP E 366 30.43 -5.53 17.87
N ILE E 367 30.84 -5.56 16.59
CA ILE E 367 31.31 -6.79 15.99
C ILE E 367 32.66 -7.21 16.55
N THR E 368 33.59 -6.26 16.71
CA THR E 368 34.92 -6.50 17.30
C THR E 368 35.68 -7.58 16.53
N LEU E 369 36.00 -7.23 15.29
CA LEU E 369 36.76 -8.13 14.42
C LEU E 369 38.18 -8.35 14.96
N ALA E 370 38.83 -9.37 14.42
CA ALA E 370 40.22 -9.64 14.74
C ALA E 370 41.15 -8.71 13.96
N LYS E 371 42.36 -8.56 14.47
CA LYS E 371 43.33 -7.67 13.84
C LYS E 371 43.71 -8.16 12.44
N GLU E 372 43.85 -9.48 12.28
CA GLU E 372 44.22 -10.03 10.98
C GLU E 372 43.14 -9.79 9.93
N ASP E 373 41.86 -9.81 10.34
CA ASP E 373 40.78 -9.70 9.38
C ASP E 373 40.59 -8.27 8.87
N MET E 374 41.06 -7.28 9.61
CA MET E 374 40.80 -5.89 9.28
C MET E 374 41.81 -5.32 8.27
N GLN E 375 42.84 -6.07 7.90
CA GLN E 375 43.83 -5.56 6.96
C GLN E 375 43.30 -5.64 5.53
N PHE E 376 43.43 -4.54 4.79
CA PHE E 376 43.04 -4.53 3.39
C PHE E 376 43.93 -5.46 2.58
N GLN E 377 43.37 -6.02 1.51
CA GLN E 377 44.07 -6.96 0.64
C GLN E 377 45.41 -6.40 0.13
CA CA F . 19.88 -11.53 7.00
CA CA G . 6.91 -15.28 -17.20
CA CA H . 2.94 2.44 23.61
CA CA I . -18.09 -3.54 -15.39
CL CL J . 10.85 24.60 -9.62
CA CA K . -20.57 7.46 9.91
#